data_9O0U
#
_entry.id   9O0U
#
_cell.length_a   180.990
_cell.length_b   180.990
_cell.length_c   367.020
_cell.angle_alpha   90.000
_cell.angle_beta   90.000
_cell.angle_gamma   120.000
#
_symmetry.space_group_name_H-M   'P 65 2 2'
#
loop_
_entity.id
_entity.type
_entity.pdbx_description
1 polymer 'RAF proto-oncogene serine/threonine-protein kinase'
2 polymer 'Dual specificity mitogen-activated protein kinase kinase 1'
3 non-polymer N-{3-[(5-chloro-1H-pyrrolo[2,3-b]pyridin-3-yl)carbonyl]-2,4-difluorophenyl}propane-1-sulfonamide
4 non-polymer "N-(3-fluoro-4-{[4-methyl-2-oxo-7-(pyrimidin-2-yloxy)-2H-chromen-3-yl]methyl}pyridin-2-yl)-N'-methylsulfuric diamide"
5 non-polymer 'PHOSPHOAMINOPHOSPHONIC ACID-ADENYLATE ESTER'
6 water water
#
loop_
_entity_poly.entity_id
_entity_poly.type
_entity_poly.pdbx_seq_one_letter_code
_entity_poly.pdbx_strand_id
1 'polypeptide(L)'
;SDSSDDWEIEASEVMLSTRIGSGSFGTVYKGKWHGDVAVKILKVVDPTPEQFQAFRNEVAVLRKTRHVNILLFMGYMTKD
NLAIVTQWCEGSSLYKHLHVQETKFQMFQLIDIARQTAQGMDYLHAKNIIHRDMKSNNIFLHEGLTVKIGDFGLATVKSR
WSGSQQVEQPTGSVLWMAPEVIRMQDNNPFSFQSDVYSYGIVLYELMTGELPYSHINNRDQIIFMVGRGYASPDLSKLYK
NCPKAMKRLVADCVKKVKEERPLFPQILSSIELLQHSLPK
;
A,C,E,G
2 'polypeptide(L)'
;GGMPKKKPTPIQLNPAPDGSAVNGTSSAETNLEALQKKLEELELDEQQRKRLEAFLTQKQKVGELKDDDFEKISELGAGN
GGVVFKVSHKPSGLVMARKLIHLEIKPAIRNQIIRELQVLHECNSPYIVGFYGAFYSDGEISICMEHMDGGSLDQVLKKA
GRIPEQILGKVSIAVIKGLTYLREKHKIMHRDVKPSNILVNSRGEIKLCDFGVSGQLIDAMANAFVGTRSYMSPERLQGT
HYSVQSDIWSMGLSLVEMAVGRYPIPPPDAKELELMFGCQVEGDAAETPPRPRTPGRPLSSYGMDSRPPMAIFELLDYIV
NEPPPKLPSGVFSLEFQDFVNKCLIKNPAERADLKQLMVHAFIKRSDAEEVDFAGWLCSTIGLNQPSTPTHAAGV
;
B,D,F,H
#
loop_
_chem_comp.id
_chem_comp.type
_chem_comp.name
_chem_comp.formula
324 non-polymer N-{3-[(5-chloro-1H-pyrrolo[2,3-b]pyridin-3-yl)carbonyl]-2,4-difluorophenyl}propane-1-sulfonamide 'C17 H14 Cl F2 N3 O3 S'
ANP non-polymer 'PHOSPHOAMINOPHOSPHONIC ACID-ADENYLATE ESTER' 'C10 H17 N6 O12 P3'
CHU non-polymer 'N-(3-fluoro-4-{[4-methyl-2-oxo-7-(pyrimidin-2-yloxy)-2H-chromen-3-yl]methyl}pyridin-2-yl)-N'-methylsulfuric diamide' 'C21 H18 F N5 O5 S'
#
# COMPACT_ATOMS: atom_id res chain seq x y z
N SER A 4 12.19 -15.90 18.84
CA SER A 4 11.74 -15.17 20.02
C SER A 4 10.57 -15.90 20.67
N ASP A 5 9.47 -15.18 20.90
CA ASP A 5 8.20 -15.85 21.11
C ASP A 5 7.46 -15.87 19.79
N ASP A 6 6.28 -16.49 19.75
CA ASP A 6 5.56 -16.73 18.52
C ASP A 6 4.66 -15.58 18.08
N TRP A 7 4.93 -14.36 18.54
CA TRP A 7 4.20 -13.17 18.13
C TRP A 7 5.08 -12.21 17.35
N GLU A 8 6.32 -12.59 17.05
CA GLU A 8 7.17 -11.78 16.20
C GLU A 8 6.77 -11.98 14.74
N ILE A 9 6.64 -10.89 14.01
CA ILE A 9 6.18 -10.91 12.62
C ILE A 9 7.33 -10.56 11.70
N GLU A 10 7.54 -11.37 10.66
CA GLU A 10 8.56 -11.09 9.66
C GLU A 10 8.11 -9.97 8.72
N ALA A 11 9.04 -9.06 8.44
CA ALA A 11 8.69 -7.83 7.73
C ALA A 11 8.20 -8.05 6.31
N SER A 12 8.67 -9.08 5.60
CA SER A 12 8.14 -9.25 4.24
C SER A 12 6.67 -9.62 4.24
N GLU A 13 6.11 -10.04 5.38
CA GLU A 13 4.71 -10.45 5.41
C GLU A 13 3.79 -9.26 5.51
N VAL A 14 4.29 -8.11 5.94
CA VAL A 14 3.49 -6.92 6.19
C VAL A 14 3.75 -5.92 5.07
N MET A 15 2.66 -5.37 4.54
CA MET A 15 2.73 -4.34 3.50
C MET A 15 2.17 -3.05 4.10
N LEU A 16 3.03 -2.05 4.27
CA LEU A 16 2.65 -0.75 4.81
C LEU A 16 1.95 0.10 3.77
N SER A 17 0.77 0.63 4.11
CA SER A 17 -0.01 1.42 3.16
C SER A 17 0.07 2.92 3.45
N THR A 18 -0.94 3.49 4.11
CA THR A 18 -1.03 4.92 4.33
C THR A 18 -0.59 5.28 5.74
N ARG A 19 -0.27 6.56 5.91
CA ARG A 19 0.18 7.14 7.18
C ARG A 19 -0.98 7.80 7.93
N ILE A 20 -1.21 7.38 9.18
CA ILE A 20 -2.38 7.78 9.94
C ILE A 20 -2.04 8.89 10.94
N GLY A 21 -1.11 8.61 11.85
CA GLY A 21 -0.73 9.58 12.86
C GLY A 21 0.77 9.54 13.07
N SER A 22 1.29 10.62 13.66
CA SER A 22 2.75 10.73 13.81
C SER A 22 3.05 11.60 15.03
N GLY A 23 3.33 10.97 16.16
CA GLY A 23 3.73 11.71 17.32
C GLY A 23 5.24 11.81 17.32
N SER A 24 5.80 11.96 18.51
CA SER A 24 7.24 12.07 18.62
C SER A 24 7.89 10.74 18.94
N PHE A 25 7.12 9.81 19.50
CA PHE A 25 7.63 8.51 19.90
C PHE A 25 7.45 7.46 18.81
N GLY A 26 6.65 7.73 17.79
CA GLY A 26 6.51 6.80 16.70
C GLY A 26 5.54 7.31 15.66
N THR A 27 5.30 6.46 14.66
CA THR A 27 4.42 6.76 13.54
C THR A 27 3.50 5.58 13.29
N VAL A 28 2.24 5.86 12.97
CA VAL A 28 1.21 4.84 12.81
C VAL A 28 0.83 4.76 11.33
N TYR A 29 1.04 3.59 10.74
CA TYR A 29 0.60 3.29 9.38
C TYR A 29 -0.51 2.25 9.34
N LYS A 30 -1.46 2.46 8.46
CA LYS A 30 -2.38 1.40 8.07
C LYS A 30 -1.65 0.41 7.16
N GLY A 31 -1.95 -0.87 7.32
CA GLY A 31 -1.22 -1.89 6.59
C GLY A 31 -2.04 -3.10 6.23
N LYS A 32 -1.38 -4.13 5.70
CA LYS A 32 -2.04 -5.36 5.30
C LYS A 32 -1.24 -6.53 5.84
N TRP A 33 -1.90 -7.38 6.62
CA TRP A 33 -1.27 -8.59 7.14
C TRP A 33 -2.43 -9.51 7.55
N HIS A 34 -2.86 -10.36 6.61
CA HIS A 34 -4.07 -11.16 6.76
C HIS A 34 -5.27 -10.25 7.02
N GLY A 35 -5.45 -9.27 6.12
CA GLY A 35 -6.47 -8.25 6.27
C GLY A 35 -5.88 -6.95 6.78
N ASP A 36 -6.76 -5.97 6.96
CA ASP A 36 -6.33 -4.67 7.45
C ASP A 36 -5.66 -4.79 8.81
N VAL A 37 -4.64 -3.95 9.03
CA VAL A 37 -3.85 -3.99 10.25
C VAL A 37 -3.31 -2.59 10.51
N ALA A 38 -2.89 -2.34 11.76
CA ALA A 38 -2.24 -1.10 12.14
C ALA A 38 -0.82 -1.39 12.63
N VAL A 39 0.14 -0.61 12.14
CA VAL A 39 1.55 -0.77 12.51
C VAL A 39 2.05 0.54 13.11
N LYS A 40 2.55 0.47 14.34
CA LYS A 40 3.17 1.61 15.02
C LYS A 40 4.67 1.39 15.00
N ILE A 41 5.38 2.20 14.23
CA ILE A 41 6.83 2.07 14.08
C ILE A 41 7.50 3.14 14.94
N LEU A 42 8.41 2.69 15.80
CA LEU A 42 9.10 3.58 16.73
C LEU A 42 10.26 4.31 16.06
N LYS A 43 10.37 5.61 16.34
CA LYS A 43 11.48 6.43 15.86
C LYS A 43 12.74 6.13 16.70
N VAL A 44 13.38 5.01 16.38
CA VAL A 44 14.61 4.58 17.05
C VAL A 44 15.48 3.74 16.10
N VAL A 45 16.58 4.30 15.61
CA VAL A 45 17.48 3.61 14.69
C VAL A 45 18.65 2.89 15.37
N ASP A 46 19.06 3.34 16.56
CA ASP A 46 20.14 2.69 17.31
C ASP A 46 19.56 2.22 18.63
N PRO A 47 18.74 1.17 18.61
CA PRO A 47 18.09 0.75 19.85
C PRO A 47 19.12 0.07 20.72
N THR A 48 19.26 0.55 21.91
CA THR A 48 20.26 0.05 22.83
C THR A 48 19.81 -1.29 23.42
N PRO A 49 20.77 -2.17 23.76
CA PRO A 49 20.38 -3.40 24.48
C PRO A 49 19.41 -3.13 25.61
N GLU A 50 19.51 -1.94 26.21
CA GLU A 50 18.57 -1.54 27.27
C GLU A 50 17.18 -1.32 26.67
N GLN A 51 17.09 -0.50 25.62
CA GLN A 51 15.81 -0.25 24.97
C GLN A 51 15.22 -1.49 24.30
N PHE A 52 16.06 -2.42 23.84
CA PHE A 52 15.54 -3.70 23.36
C PHE A 52 14.82 -4.46 24.46
N GLN A 53 15.36 -4.41 25.68
CA GLN A 53 14.74 -5.15 26.78
C GLN A 53 13.44 -4.49 27.23
N ALA A 54 13.45 -3.16 27.35
CA ALA A 54 12.22 -2.46 27.70
C ALA A 54 11.12 -2.69 26.68
N PHE A 55 11.49 -2.87 25.41
CA PHE A 55 10.49 -3.16 24.38
C PHE A 55 9.92 -4.57 24.55
N ARG A 56 10.79 -5.58 24.74
CA ARG A 56 10.26 -6.92 24.97
C ARG A 56 9.52 -7.01 26.29
N ASN A 57 9.82 -6.13 27.23
CA ASN A 57 9.06 -6.12 28.49
C ASN A 57 7.67 -5.56 28.26
N GLU A 58 7.59 -4.41 27.59
CA GLU A 58 6.30 -3.83 27.27
C GLU A 58 5.48 -4.73 26.35
N VAL A 59 6.15 -5.50 25.50
CA VAL A 59 5.45 -6.48 24.66
C VAL A 59 4.86 -7.58 25.53
N ALA A 60 5.59 -7.99 26.58
CA ALA A 60 5.07 -8.98 27.50
C ALA A 60 3.79 -8.50 28.18
N VAL A 61 3.72 -7.20 28.47
CA VAL A 61 2.51 -6.66 29.09
C VAL A 61 1.37 -6.68 28.08
N LEU A 62 1.67 -6.31 26.83
CA LEU A 62 0.67 -6.33 25.76
C LEU A 62 0.14 -7.75 25.56
N ARG A 63 1.01 -8.74 25.78
CA ARG A 63 0.71 -10.17 25.66
C ARG A 63 -0.32 -10.67 26.64
N LYS A 64 -0.64 -9.92 27.68
CA LYS A 64 -1.55 -10.39 28.72
C LYS A 64 -2.98 -9.86 28.54
N THR A 65 -3.23 -9.04 27.52
CA THR A 65 -4.51 -8.38 27.34
C THR A 65 -5.28 -9.07 26.21
N ARG A 66 -6.44 -9.60 26.55
CA ARG A 66 -7.40 -10.13 25.58
C ARG A 66 -8.80 -9.72 26.03
N HIS A 67 -9.32 -8.62 25.48
CA HIS A 67 -10.60 -8.09 25.90
C HIS A 67 -11.17 -7.24 24.79
N VAL A 68 -12.49 -7.33 24.61
CA VAL A 68 -13.14 -6.70 23.45
C VAL A 68 -13.10 -5.19 23.48
N ASN A 69 -12.76 -4.57 24.62
CA ASN A 69 -12.63 -3.13 24.71
C ASN A 69 -11.18 -2.69 24.78
N ILE A 70 -10.24 -3.62 24.64
CA ILE A 70 -8.82 -3.32 24.53
C ILE A 70 -8.39 -3.58 23.09
N LEU A 71 -7.62 -2.65 22.52
CA LEU A 71 -7.09 -2.82 21.17
C LEU A 71 -6.35 -4.15 21.07
N LEU A 72 -6.62 -4.89 20.01
CA LEU A 72 -6.11 -6.26 19.88
C LEU A 72 -4.65 -6.23 19.46
N PHE A 73 -3.76 -6.58 20.39
CA PHE A 73 -2.36 -6.80 20.03
C PHE A 73 -2.26 -8.00 19.10
N MET A 74 -1.38 -7.91 18.11
CA MET A 74 -1.33 -8.94 17.08
C MET A 74 0.08 -9.46 16.85
N GLY A 75 1.08 -8.62 17.07
CA GLY A 75 2.46 -9.06 16.94
C GLY A 75 3.41 -7.88 17.03
N TYR A 76 4.70 -8.19 16.93
CA TYR A 76 5.74 -7.18 17.04
C TYR A 76 6.86 -7.47 16.04
N MET A 77 7.68 -6.45 15.81
CA MET A 77 8.87 -6.56 14.97
C MET A 77 10.04 -5.94 15.70
N THR A 78 11.16 -6.68 15.80
CA THR A 78 12.30 -6.19 16.57
C THR A 78 13.62 -6.18 15.81
N LYS A 79 13.69 -6.71 14.60
CA LYS A 79 14.98 -6.76 13.93
C LYS A 79 15.22 -5.41 13.26
N ASP A 80 14.74 -5.25 12.04
CA ASP A 80 14.94 -4.01 11.29
C ASP A 80 14.64 -2.77 12.14
N ASN A 81 13.47 -2.75 12.77
CA ASN A 81 13.01 -1.65 13.59
C ASN A 81 12.09 -2.19 14.67
N LEU A 82 11.77 -1.33 15.63
CA LEU A 82 10.87 -1.66 16.72
C LEU A 82 9.46 -1.21 16.35
N ALA A 83 8.53 -2.16 16.23
CA ALA A 83 7.16 -1.84 15.87
C ALA A 83 6.21 -2.85 16.50
N ILE A 84 4.96 -2.42 16.72
CA ILE A 84 3.90 -3.28 17.21
C ILE A 84 2.73 -3.24 16.23
N VAL A 85 2.18 -4.42 15.94
CA VAL A 85 1.08 -4.59 15.01
C VAL A 85 -0.20 -4.89 15.80
N THR A 86 -1.26 -4.14 15.51
CA THR A 86 -2.56 -4.33 16.14
C THR A 86 -3.64 -4.40 15.07
N GLN A 87 -4.87 -4.69 15.51
CA GLN A 87 -6.03 -4.61 14.63
C GLN A 87 -6.21 -3.19 14.12
N TRP A 88 -6.91 -3.08 12.99
CA TRP A 88 -7.31 -1.79 12.42
C TRP A 88 -8.75 -1.48 12.78
N CYS A 89 -8.96 -0.29 13.35
CA CYS A 89 -10.30 0.18 13.71
C CYS A 89 -10.85 1.02 12.56
N GLU A 90 -12.08 0.70 12.15
CA GLU A 90 -12.62 1.36 10.97
C GLU A 90 -13.07 2.79 11.28
N GLY A 91 -13.57 3.03 12.49
CA GLY A 91 -13.91 4.38 12.85
C GLY A 91 -12.65 5.18 13.12
N SER A 92 -12.85 6.39 13.58
CA SER A 92 -11.75 7.27 13.92
C SER A 92 -11.57 7.24 15.43
N SER A 93 -10.57 7.97 15.92
CA SER A 93 -10.45 8.05 17.36
C SER A 93 -11.61 8.87 17.92
N LEU A 94 -11.82 8.72 19.24
CA LEU A 94 -12.87 9.48 19.90
C LEU A 94 -12.57 10.97 19.85
N TYR A 95 -11.29 11.34 19.89
CA TYR A 95 -10.92 12.74 19.75
C TYR A 95 -11.40 13.31 18.42
N LYS A 96 -11.13 12.62 17.31
CA LYS A 96 -11.58 13.12 16.02
C LYS A 96 -13.10 13.21 15.95
N HIS A 97 -13.81 12.22 16.49
CA HIS A 97 -15.26 12.26 16.48
C HIS A 97 -15.79 13.51 17.18
N LEU A 98 -15.23 13.83 18.35
CA LEU A 98 -15.78 14.88 19.20
C LEU A 98 -15.27 16.28 18.85
N HIS A 99 -14.07 16.39 18.29
CA HIS A 99 -13.38 17.67 18.16
C HIS A 99 -13.00 18.03 16.74
N VAL A 100 -13.07 17.11 15.79
CA VAL A 100 -12.77 17.42 14.39
C VAL A 100 -14.05 17.28 13.58
N GLN A 101 -14.55 16.05 13.46
CA GLN A 101 -15.79 15.85 12.72
C GLN A 101 -16.99 16.39 13.48
N GLU A 102 -16.92 16.47 14.81
CA GLU A 102 -18.04 16.94 15.63
C GLU A 102 -19.29 16.10 15.33
N THR A 103 -19.10 14.78 15.31
CA THR A 103 -20.21 13.87 15.00
C THR A 103 -21.29 13.96 16.06
N LYS A 104 -22.55 13.90 15.60
CA LYS A 104 -23.72 14.15 16.46
C LYS A 104 -24.13 12.87 17.17
N PHE A 105 -23.36 12.51 18.21
CA PHE A 105 -23.74 11.41 19.08
C PHE A 105 -24.98 11.79 19.89
N GLN A 106 -25.86 10.82 20.12
CA GLN A 106 -26.94 11.02 21.07
C GLN A 106 -26.51 10.60 22.48
N MET A 107 -27.35 10.98 23.45
CA MET A 107 -27.00 10.83 24.86
C MET A 107 -26.78 9.37 25.22
N PHE A 108 -27.56 8.46 24.62
CA PHE A 108 -27.42 7.04 24.94
C PHE A 108 -26.12 6.47 24.37
N GLN A 109 -25.60 7.07 23.30
CA GLN A 109 -24.32 6.63 22.75
C GLN A 109 -23.15 7.15 23.57
N LEU A 110 -23.25 8.38 24.08
CA LEU A 110 -22.21 8.92 24.93
C LEU A 110 -22.06 8.09 26.21
N ILE A 111 -23.18 7.66 26.79
CA ILE A 111 -23.13 6.81 27.97
C ILE A 111 -22.54 5.44 27.62
N ASP A 112 -22.87 4.91 26.44
CA ASP A 112 -22.31 3.62 26.03
C ASP A 112 -20.81 3.70 25.84
N ILE A 113 -20.33 4.78 25.21
CA ILE A 113 -18.88 4.97 25.08
C ILE A 113 -18.26 5.08 26.46
N ALA A 114 -18.90 5.80 27.37
CA ALA A 114 -18.40 5.90 28.74
C ALA A 114 -18.33 4.53 29.41
N ARG A 115 -19.37 3.72 29.25
CA ARG A 115 -19.42 2.42 29.91
C ARG A 115 -18.35 1.48 29.33
N GLN A 116 -18.25 1.41 28.00
CA GLN A 116 -17.27 0.53 27.38
C GLN A 116 -15.85 0.93 27.76
N THR A 117 -15.56 2.24 27.76
CA THR A 117 -14.24 2.69 28.20
C THR A 117 -13.96 2.26 29.62
N ALA A 118 -14.96 2.38 30.52
CA ALA A 118 -14.78 1.90 31.88
C ALA A 118 -14.62 0.39 31.92
N GLN A 119 -15.29 -0.33 31.02
CA GLN A 119 -15.13 -1.77 30.95
C GLN A 119 -13.70 -2.16 30.59
N GLY A 120 -13.11 -1.46 29.61
CA GLY A 120 -11.73 -1.74 29.25
C GLY A 120 -10.75 -1.37 30.35
N MET A 121 -10.94 -0.20 30.98
CA MET A 121 -10.03 0.22 32.04
C MET A 121 -10.10 -0.72 33.22
N ASP A 122 -11.31 -1.20 33.55
CA ASP A 122 -11.44 -2.18 34.62
C ASP A 122 -10.63 -3.43 34.32
N TYR A 123 -10.64 -3.88 33.08
CA TYR A 123 -9.88 -5.06 32.69
C TYR A 123 -8.38 -4.83 32.88
N LEU A 124 -7.88 -3.67 32.45
CA LEU A 124 -6.45 -3.40 32.57
C LEU A 124 -6.01 -3.40 34.03
N HIS A 125 -6.76 -2.72 34.89
CA HIS A 125 -6.40 -2.67 36.29
C HIS A 125 -6.50 -4.05 36.94
N ALA A 126 -7.47 -4.86 36.51
CA ALA A 126 -7.57 -6.23 37.01
C ALA A 126 -6.37 -7.06 36.60
N LYS A 127 -5.66 -6.64 35.55
CA LYS A 127 -4.43 -7.28 35.13
C LYS A 127 -3.21 -6.49 35.60
N ASN A 128 -3.41 -5.53 36.51
CA ASN A 128 -2.33 -4.70 37.06
C ASN A 128 -1.61 -3.94 35.96
N ILE A 129 -2.39 -3.30 35.09
CA ILE A 129 -1.82 -2.44 34.05
C ILE A 129 -2.34 -1.03 34.28
N ILE A 130 -1.44 -0.08 34.37
CA ILE A 130 -1.79 1.34 34.48
C ILE A 130 -1.53 2.00 33.14
N HIS A 131 -2.55 2.67 32.61
CA HIS A 131 -2.45 3.25 31.28
C HIS A 131 -1.43 4.38 31.22
N ARG A 132 -1.49 5.30 32.19
CA ARG A 132 -0.54 6.39 32.40
C ARG A 132 -0.65 7.49 31.35
N ASP A 133 -1.42 7.26 30.30
CA ASP A 133 -1.56 8.26 29.24
C ASP A 133 -2.88 8.07 28.51
N MET A 134 -3.98 8.15 29.25
CA MET A 134 -5.30 8.04 28.66
C MET A 134 -5.79 9.39 28.16
N LYS A 135 -6.16 9.44 26.88
CA LYS A 135 -6.85 10.58 26.32
C LYS A 135 -7.84 10.05 25.28
N SER A 136 -8.65 10.95 24.74
CA SER A 136 -9.56 10.53 23.68
C SER A 136 -8.85 10.22 22.37
N ASN A 137 -7.56 10.57 22.26
CA ASN A 137 -6.79 10.17 21.09
C ASN A 137 -6.60 8.66 21.06
N ASN A 138 -6.55 8.04 22.23
CA ASN A 138 -6.21 6.63 22.38
C ASN A 138 -7.43 5.73 22.46
N ILE A 139 -8.63 6.29 22.33
CA ILE A 139 -9.86 5.52 22.31
C ILE A 139 -10.35 5.50 20.87
N PHE A 140 -10.39 4.32 20.27
CA PHE A 140 -10.80 4.14 18.89
C PHE A 140 -12.16 3.43 18.83
N LEU A 141 -13.02 3.90 17.95
CA LEU A 141 -14.34 3.33 17.74
C LEU A 141 -14.30 2.37 16.57
N HIS A 142 -14.16 1.08 16.85
CA HIS A 142 -14.21 0.10 15.76
C HIS A 142 -15.61 0.13 15.16
N GLU A 143 -15.69 0.47 13.87
CA GLU A 143 -16.91 0.67 13.08
C GLU A 143 -17.96 1.55 13.78
N GLY A 144 -17.59 2.36 14.77
CA GLY A 144 -18.52 3.27 15.40
C GLY A 144 -19.23 2.77 16.64
N LEU A 145 -19.29 1.46 16.86
CA LEU A 145 -20.12 0.92 17.93
C LEU A 145 -19.34 0.57 19.18
N THR A 146 -18.15 -0.02 19.03
CA THR A 146 -17.37 -0.53 20.15
C THR A 146 -16.06 0.22 20.29
N VAL A 147 -15.77 0.68 21.51
CA VAL A 147 -14.52 1.37 21.81
C VAL A 147 -13.40 0.37 22.01
N LYS A 148 -12.21 0.73 21.54
CA LYS A 148 -10.99 -0.02 21.72
C LYS A 148 -9.96 0.92 22.33
N ILE A 149 -9.37 0.54 23.46
CA ILE A 149 -8.41 1.38 24.15
C ILE A 149 -7.00 0.98 23.72
N GLY A 150 -6.19 1.97 23.37
CA GLY A 150 -4.82 1.72 22.98
C GLY A 150 -3.86 2.72 23.57
N ASP A 151 -2.63 2.71 23.07
CA ASP A 151 -1.55 3.59 23.50
C ASP A 151 -1.21 3.42 24.97
N PHE A 152 -1.53 2.26 25.55
CA PHE A 152 -1.05 1.88 26.86
C PHE A 152 0.17 0.99 26.66
N GLY A 153 0.93 0.79 27.72
CA GLY A 153 2.16 0.04 27.51
C GLY A 153 3.16 0.93 26.80
N LEU A 154 4.39 0.47 26.65
CA LEU A 154 5.47 1.27 26.07
C LEU A 154 5.74 2.54 26.86
N ALA A 155 5.12 2.68 28.04
CA ALA A 155 5.60 3.65 29.00
C ALA A 155 7.00 3.31 29.47
N THR A 156 7.42 2.05 29.27
CA THR A 156 8.81 1.67 29.50
C THR A 156 9.74 2.41 28.55
N VAL A 157 9.37 2.45 27.27
CA VAL A 157 10.24 3.03 26.25
C VAL A 157 10.02 4.53 26.05
N LYS A 158 8.83 5.05 26.39
CA LYS A 158 8.59 6.49 26.27
C LYS A 158 9.45 7.30 27.23
N SER A 159 9.90 6.71 28.34
CA SER A 159 10.72 7.41 29.32
C SER A 159 12.19 7.22 28.98
N ARG A 160 12.58 7.80 27.85
CA ARG A 160 13.96 7.71 27.38
C ARG A 160 14.37 8.99 26.64
N GLU A 168 12.73 19.37 23.97
CA GLU A 168 12.36 20.72 24.35
C GLU A 168 10.84 20.91 24.30
N GLN A 169 10.24 20.62 23.16
CA GLN A 169 8.79 20.69 22.97
C GLN A 169 8.35 19.52 22.12
N PRO A 170 8.13 18.35 22.74
CA PRO A 170 7.62 17.20 21.98
C PRO A 170 6.10 17.15 21.94
N THR A 171 5.54 16.14 21.30
CA THR A 171 4.10 15.97 21.27
C THR A 171 3.61 15.33 22.56
N GLY A 172 2.30 15.43 22.79
CA GLY A 172 1.70 15.00 24.03
C GLY A 172 0.75 16.06 24.54
N SER A 173 0.11 15.84 25.68
CA SER A 173 -0.77 16.87 26.21
C SER A 173 -0.82 16.79 27.73
N VAL A 174 -1.28 17.89 28.34
CA VAL A 174 -1.43 17.99 29.79
C VAL A 174 -2.90 17.99 30.19
N LEU A 175 -3.82 18.05 29.22
CA LEU A 175 -5.23 18.23 29.49
C LEU A 175 -5.82 17.08 30.29
N TRP A 176 -5.26 15.87 30.14
CA TRP A 176 -5.77 14.68 30.79
C TRP A 176 -4.96 14.26 32.02
N MET A 177 -3.96 15.04 32.40
CA MET A 177 -3.06 14.63 33.47
C MET A 177 -3.64 14.98 34.84
N ALA A 178 -3.61 13.99 35.73
CA ALA A 178 -4.03 14.22 37.11
C ALA A 178 -3.08 15.21 37.77
N PRO A 179 -3.58 16.03 38.71
CA PRO A 179 -2.69 17.00 39.39
C PRO A 179 -1.45 16.37 39.99
N GLU A 180 -1.58 15.19 40.64
CA GLU A 180 -0.41 14.53 41.20
C GLU A 180 0.58 14.14 40.11
N VAL A 181 0.07 13.87 38.90
CA VAL A 181 0.94 13.53 37.78
C VAL A 181 1.58 14.79 37.20
N ILE A 182 0.83 15.90 37.18
CA ILE A 182 1.39 17.17 36.71
C ILE A 182 2.53 17.63 37.62
N ARG A 183 2.34 17.51 38.92
CA ARG A 183 3.35 18.00 39.85
CA ARG A 183 3.35 18.00 39.85
C ARG A 183 4.58 17.10 39.88
N MET A 184 4.39 15.80 39.64
CA MET A 184 5.51 14.85 39.57
C MET A 184 6.37 14.92 40.83
N GLN A 185 5.71 15.00 41.98
CA GLN A 185 6.42 15.16 43.25
C GLN A 185 6.84 13.82 43.81
N ASP A 186 6.10 12.77 43.49
CA ASP A 186 6.46 11.42 43.85
C ASP A 186 7.34 10.87 42.74
N ASN A 187 8.09 9.82 43.04
CA ASN A 187 8.83 9.21 41.95
C ASN A 187 7.87 8.43 41.04
N ASN A 188 6.70 8.06 41.56
CA ASN A 188 5.69 7.33 40.81
C ASN A 188 4.31 7.84 41.20
N PRO A 189 3.89 8.97 40.64
CA PRO A 189 2.54 9.49 40.90
C PRO A 189 1.45 8.75 40.16
N PHE A 190 1.79 7.73 39.38
CA PHE A 190 0.80 7.03 38.55
C PHE A 190 0.14 5.93 39.36
N SER A 191 -1.19 5.86 39.27
CA SER A 191 -1.99 4.93 40.05
C SER A 191 -3.28 4.65 39.30
N PHE A 192 -4.10 3.76 39.85
CA PHE A 192 -5.43 3.55 39.32
C PHE A 192 -6.25 4.84 39.33
N GLN A 193 -6.01 5.73 40.30
CA GLN A 193 -6.80 6.96 40.36
C GLN A 193 -6.29 8.05 39.44
N SER A 194 -4.98 8.05 39.11
CA SER A 194 -4.55 8.95 38.05
C SER A 194 -5.20 8.57 36.73
N ASP A 195 -5.35 7.27 36.49
CA ASP A 195 -6.12 6.80 35.33
C ASP A 195 -7.57 7.21 35.44
N VAL A 196 -8.14 7.19 36.64
CA VAL A 196 -9.53 7.60 36.83
C VAL A 196 -9.70 9.08 36.47
N TYR A 197 -8.75 9.92 36.87
CA TYR A 197 -8.81 11.34 36.52
C TYR A 197 -8.83 11.52 35.01
N SER A 198 -7.94 10.83 34.30
CA SER A 198 -7.91 10.92 32.85
C SER A 198 -9.23 10.46 32.24
N TYR A 199 -9.73 9.31 32.71
CA TYR A 199 -11.06 8.86 32.31
C TYR A 199 -12.12 9.92 32.60
N GLY A 200 -11.99 10.62 33.73
CA GLY A 200 -12.92 11.70 34.04
C GLY A 200 -12.88 12.81 33.01
N ILE A 201 -11.69 13.15 32.53
CA ILE A 201 -11.58 14.21 31.52
C ILE A 201 -12.19 13.74 30.20
N VAL A 202 -12.01 12.46 29.87
CA VAL A 202 -12.68 11.91 28.70
C VAL A 202 -14.19 11.98 28.88
N LEU A 203 -14.67 11.70 30.09
CA LEU A 203 -16.09 11.86 30.39
C LEU A 203 -16.52 13.31 30.15
N TYR A 204 -15.70 14.27 30.57
CA TYR A 204 -15.98 15.68 30.31
C TYR A 204 -16.13 15.95 28.83
N GLU A 205 -15.14 15.51 28.03
CA GLU A 205 -15.24 15.64 26.58
C GLU A 205 -16.56 15.08 26.07
N LEU A 206 -16.93 13.89 26.54
CA LEU A 206 -18.13 13.23 26.05
C LEU A 206 -19.38 14.05 26.37
N MET A 207 -19.41 14.66 27.56
CA MET A 207 -20.61 15.30 28.07
C MET A 207 -20.63 16.81 27.84
N THR A 208 -19.64 17.36 27.16
CA THR A 208 -19.66 18.79 26.83
C THR A 208 -19.44 18.97 25.33
N GLY A 209 -18.69 18.05 24.72
CA GLY A 209 -18.34 18.15 23.33
C GLY A 209 -17.04 18.88 23.06
N GLU A 210 -16.42 19.45 24.08
CA GLU A 210 -15.22 20.25 23.91
C GLU A 210 -14.20 19.90 24.98
N LEU A 211 -12.98 20.42 24.81
CA LEU A 211 -11.87 20.14 25.71
C LEU A 211 -11.90 21.05 26.93
N PRO A 212 -11.30 20.62 28.03
CA PRO A 212 -11.26 21.47 29.23
C PRO A 212 -10.30 22.64 29.05
N TYR A 213 -10.50 23.66 29.88
CA TYR A 213 -9.64 24.85 29.92
C TYR A 213 -9.61 25.55 28.56
N SER A 214 -10.78 25.68 27.95
CA SER A 214 -10.87 26.23 26.61
C SER A 214 -10.53 27.72 26.55
N HIS A 215 -10.55 28.42 27.68
CA HIS A 215 -10.28 29.84 27.69
C HIS A 215 -8.82 30.16 28.03
N ILE A 216 -8.08 29.17 28.52
CA ILE A 216 -6.63 29.29 28.72
C ILE A 216 -5.94 28.66 27.52
N ASN A 217 -4.99 29.39 26.93
CA ASN A 217 -4.32 28.98 25.71
C ASN A 217 -2.80 28.90 25.89
N ASN A 218 -2.37 28.68 27.13
CA ASN A 218 -0.96 28.70 27.49
C ASN A 218 -0.69 27.43 28.28
N ARG A 219 0.02 26.48 27.68
CA ARG A 219 0.27 25.20 28.34
C ARG A 219 0.92 25.38 29.71
N ASP A 220 1.89 26.29 29.81
CA ASP A 220 2.56 26.50 31.07
C ASP A 220 1.63 27.12 32.11
N GLN A 221 0.67 27.94 31.69
CA GLN A 221 -0.35 28.39 32.62
C GLN A 221 -1.19 27.22 33.10
N ILE A 222 -1.60 26.34 32.19
CA ILE A 222 -2.40 25.17 32.56
C ILE A 222 -1.65 24.28 33.54
N ILE A 223 -0.36 24.04 33.29
CA ILE A 223 0.43 23.18 34.19
C ILE A 223 0.47 23.79 35.59
N PHE A 224 0.71 25.09 35.67
CA PHE A 224 0.81 25.74 36.98
C PHE A 224 -0.55 25.79 37.66
N MET A 225 -1.58 26.23 36.94
CA MET A 225 -2.89 26.45 37.54
C MET A 225 -3.51 25.14 38.01
N VAL A 226 -3.33 24.06 37.25
CA VAL A 226 -3.93 22.79 37.64
C VAL A 226 -3.13 22.11 38.75
N GLY A 227 -1.81 22.30 38.78
CA GLY A 227 -1.00 21.72 39.84
C GLY A 227 -1.24 22.39 41.18
N ARG A 228 -1.58 23.67 41.16
CA ARG A 228 -1.87 24.41 42.38
C ARG A 228 -3.30 24.22 42.87
N GLY A 229 -4.22 23.86 41.99
CA GLY A 229 -5.61 23.74 42.34
C GLY A 229 -6.44 24.97 42.00
N TYR A 230 -5.89 25.91 41.25
CA TYR A 230 -6.58 27.13 40.86
C TYR A 230 -7.47 26.93 39.64
N ALA A 231 -7.34 25.81 38.95
CA ALA A 231 -8.13 25.54 37.76
C ALA A 231 -8.58 24.09 37.75
N SER A 232 -9.77 23.87 37.18
CA SER A 232 -10.36 22.55 37.08
C SER A 232 -11.42 22.59 35.99
N PRO A 233 -11.77 21.45 35.39
CA PRO A 233 -12.78 21.44 34.33
C PRO A 233 -14.04 22.19 34.74
N ASP A 234 -14.55 23.02 33.83
CA ASP A 234 -15.72 23.83 34.10
C ASP A 234 -16.96 22.98 33.85
N LEU A 235 -17.56 22.47 34.94
CA LEU A 235 -18.69 21.56 34.84
C LEU A 235 -19.98 22.27 34.46
N SER A 236 -19.99 23.59 34.34
CA SER A 236 -21.20 24.28 33.92
C SER A 236 -21.49 24.09 32.43
N LYS A 237 -20.57 23.50 31.69
CA LYS A 237 -20.73 23.28 30.26
C LYS A 237 -21.25 21.90 29.94
N LEU A 238 -21.53 21.08 30.93
CA LEU A 238 -22.12 19.78 30.68
C LEU A 238 -23.48 19.95 30.01
N TYR A 239 -23.79 19.04 29.10
CA TYR A 239 -25.03 19.12 28.34
C TYR A 239 -26.21 19.16 29.30
N LYS A 240 -27.30 19.80 28.87
CA LYS A 240 -28.48 19.83 29.72
C LYS A 240 -29.17 18.47 29.77
N ASN A 241 -29.04 17.67 28.71
CA ASN A 241 -29.60 16.33 28.70
C ASN A 241 -28.70 15.33 29.43
N CYS A 242 -27.54 15.75 29.89
CA CYS A 242 -26.66 14.85 30.64
C CYS A 242 -27.35 14.46 31.94
N PRO A 243 -27.58 13.17 32.19
CA PRO A 243 -28.19 12.77 33.46
C PRO A 243 -27.44 13.31 34.66
N LYS A 244 -28.18 13.66 35.70
CA LYS A 244 -27.57 14.30 36.86
C LYS A 244 -26.65 13.34 37.61
N ALA A 245 -26.87 12.03 37.47
CA ALA A 245 -25.94 11.06 38.03
C ALA A 245 -24.65 11.02 37.23
N MET A 246 -24.74 11.25 35.91
CA MET A 246 -23.54 11.31 35.08
C MET A 246 -22.72 12.54 35.43
N LYS A 247 -23.39 13.68 35.65
CA LYS A 247 -22.71 14.89 36.11
C LYS A 247 -21.95 14.62 37.40
N ARG A 248 -22.57 13.92 38.35
CA ARG A 248 -21.86 13.53 39.56
C ARG A 248 -20.63 12.70 39.23
N LEU A 249 -20.73 11.79 38.26
CA LEU A 249 -19.60 10.91 37.95
C LEU A 249 -18.41 11.69 37.40
N VAL A 250 -18.67 12.67 36.54
CA VAL A 250 -17.59 13.55 36.06
C VAL A 250 -16.88 14.21 37.24
N ALA A 251 -17.66 14.82 38.15
CA ALA A 251 -17.07 15.50 39.29
C ALA A 251 -16.29 14.54 40.17
N ASP A 252 -16.83 13.34 40.40
CA ASP A 252 -16.18 12.35 41.26
C ASP A 252 -14.84 11.90 40.69
N CYS A 253 -14.78 11.69 39.36
CA CYS A 253 -13.55 11.24 38.74
C CYS A 253 -12.51 12.35 38.65
N VAL A 254 -12.95 13.61 38.61
CA VAL A 254 -12.07 14.75 38.35
C VAL A 254 -11.57 15.37 39.65
N LYS A 255 -11.91 14.78 40.79
CA LYS A 255 -11.58 15.37 42.08
C LYS A 255 -10.07 15.53 42.24
N LYS A 256 -9.66 16.63 42.89
CA LYS A 256 -8.24 16.92 43.01
C LYS A 256 -7.55 15.92 43.91
N VAL A 257 -8.26 15.36 44.89
CA VAL A 257 -7.66 14.45 45.85
C VAL A 257 -7.61 13.07 45.23
N LYS A 258 -6.43 12.45 45.24
CA LYS A 258 -6.26 11.17 44.55
C LYS A 258 -7.08 10.05 45.19
N GLU A 259 -7.32 10.14 46.48
CA GLU A 259 -7.95 9.04 47.20
C GLU A 259 -9.45 9.16 47.24
N GLU A 260 -9.97 10.31 46.84
CA GLU A 260 -11.39 10.60 46.80
C GLU A 260 -12.04 10.15 45.50
N ARG A 261 -11.24 9.57 44.56
CA ARG A 261 -11.80 9.26 43.25
C ARG A 261 -12.36 7.84 43.25
N PRO A 262 -13.43 7.58 42.52
CA PRO A 262 -13.96 6.22 42.47
C PRO A 262 -13.00 5.31 41.72
N LEU A 263 -13.09 4.02 42.02
CA LEU A 263 -12.44 3.03 41.21
C LEU A 263 -13.40 2.52 40.15
N PHE A 264 -12.89 1.70 39.24
CA PHE A 264 -13.67 1.41 38.04
C PHE A 264 -14.81 0.42 38.30
N PRO A 265 -14.69 -0.53 39.23
CA PRO A 265 -15.88 -1.30 39.63
C PRO A 265 -17.06 -0.42 40.06
N GLN A 266 -16.80 0.62 40.85
CA GLN A 266 -17.87 1.55 41.23
C GLN A 266 -18.33 2.39 40.04
N ILE A 267 -17.38 2.90 39.24
CA ILE A 267 -17.73 3.70 38.06
C ILE A 267 -18.64 2.89 37.15
N LEU A 268 -18.26 1.63 36.92
CA LEU A 268 -19.08 0.75 36.09
C LEU A 268 -20.49 0.64 36.67
N SER A 269 -20.60 0.31 37.95
CA SER A 269 -21.91 0.16 38.58
C SER A 269 -22.73 1.44 38.49
N SER A 270 -22.09 2.60 38.69
CA SER A 270 -22.80 3.86 38.57
C SER A 270 -23.44 4.02 37.19
N ILE A 271 -22.71 3.61 36.16
CA ILE A 271 -23.21 3.73 34.79
C ILE A 271 -24.26 2.66 34.51
N GLU A 272 -24.02 1.42 34.97
CA GLU A 272 -24.97 0.34 34.73
C GLU A 272 -26.33 0.63 35.34
N LEU A 273 -26.36 1.18 36.57
CA LEU A 273 -27.64 1.47 37.20
C LEU A 273 -28.29 2.68 36.55
N LEU A 274 -27.49 3.66 36.12
CA LEU A 274 -28.01 4.75 35.29
C LEU A 274 -28.61 4.20 34.00
N GLN A 275 -27.98 3.19 33.40
CA GLN A 275 -28.42 2.70 32.10
C GLN A 275 -29.79 2.02 32.22
N HIS A 276 -30.08 1.45 33.39
CA HIS A 276 -31.44 1.02 33.72
C HIS A 276 -32.19 2.33 33.95
N SER A 277 -32.51 3.01 32.84
CA SER A 277 -33.17 4.34 32.83
C SER A 277 -33.90 4.74 34.11
N LEU B 32 2.57 43.69 -3.58
CA LEU B 32 3.61 43.61 -4.59
C LEU B 32 4.49 44.85 -4.50
N GLU B 33 3.88 45.99 -4.83
CA GLU B 33 4.41 47.30 -4.47
C GLU B 33 3.67 47.91 -3.29
N ALA B 34 2.66 47.22 -2.80
CA ALA B 34 2.01 47.68 -1.56
C ALA B 34 2.97 47.26 -0.43
N LEU B 35 3.77 46.23 -0.70
CA LEU B 35 4.76 45.77 0.30
C LEU B 35 5.92 46.76 0.31
N GLN B 36 6.29 47.28 -0.85
CA GLN B 36 7.43 48.18 -0.90
C GLN B 36 7.10 49.55 -0.33
N LYS B 37 5.82 49.94 -0.35
CA LYS B 37 5.43 51.20 0.28
C LYS B 37 5.60 51.12 1.79
N LYS B 38 5.40 49.93 2.37
CA LYS B 38 5.55 49.77 3.80
C LYS B 38 7.01 49.63 4.19
N LEU B 39 7.86 49.31 3.22
CA LEU B 39 9.30 49.37 3.45
C LEU B 39 9.74 50.81 3.71
N GLU B 40 9.16 51.78 2.98
CA GLU B 40 9.60 53.16 3.09
C GLU B 40 9.07 53.84 4.35
N GLU B 41 8.11 53.23 5.06
CA GLU B 41 7.70 53.67 6.39
C GLU B 41 8.64 53.21 7.50
N LEU B 42 9.67 52.41 7.19
CA LEU B 42 10.67 52.02 8.18
C LEU B 42 11.98 52.77 8.01
N GLU B 43 12.68 52.89 9.14
CA GLU B 43 13.98 53.55 9.23
C GLU B 43 15.05 52.50 8.96
N LEU B 44 15.38 52.32 7.69
CA LEU B 44 16.39 51.36 7.29
C LEU B 44 17.70 52.07 6.96
N ASP B 45 18.77 51.30 6.88
CA ASP B 45 20.02 51.82 6.35
C ASP B 45 20.22 51.28 4.93
N GLU B 46 21.41 51.49 4.39
CA GLU B 46 21.63 51.22 2.97
C GLU B 46 21.68 49.73 2.70
N GLN B 47 22.36 48.98 3.58
CA GLN B 47 22.55 47.55 3.42
C GLN B 47 21.30 46.75 3.78
N GLN B 48 20.45 47.29 4.67
CA GLN B 48 19.21 46.61 5.03
C GLN B 48 18.17 46.72 3.92
N ARG B 49 17.95 47.93 3.38
CA ARG B 49 16.99 48.08 2.28
C ARG B 49 17.41 47.28 1.05
N LYS B 50 18.71 47.10 0.84
CA LYS B 50 19.17 46.21 -0.23
C LYS B 50 18.60 44.82 -0.05
N ARG B 51 18.75 44.27 1.14
CA ARG B 51 18.38 42.88 1.41
C ARG B 51 16.87 42.70 1.48
N LEU B 52 16.17 43.62 2.13
CA LEU B 52 14.71 43.54 2.17
C LEU B 52 14.11 43.61 0.77
N GLU B 53 14.63 44.50 -0.09
CA GLU B 53 14.13 44.57 -1.44
C GLU B 53 14.49 43.33 -2.25
N ALA B 54 15.62 42.69 -1.94
CA ALA B 54 15.96 41.46 -2.64
C ALA B 54 15.08 40.31 -2.19
N PHE B 55 14.67 40.29 -0.92
CA PHE B 55 13.83 39.21 -0.45
C PHE B 55 12.41 39.35 -0.99
N LEU B 56 11.90 40.59 -1.11
CA LEU B 56 10.54 40.76 -1.62
C LEU B 56 10.44 40.34 -3.08
N THR B 57 11.49 40.59 -3.86
CA THR B 57 11.47 40.14 -5.25
C THR B 57 11.48 38.63 -5.34
N GLN B 58 12.14 37.95 -4.39
CA GLN B 58 12.07 36.49 -4.39
C GLN B 58 10.72 35.98 -3.92
N LYS B 59 10.03 36.72 -3.05
CA LYS B 59 8.65 36.40 -2.69
C LYS B 59 7.71 36.40 -3.88
N GLN B 60 8.08 37.05 -4.98
CA GLN B 60 7.22 37.16 -6.15
C GLN B 60 7.44 36.01 -7.12
N LYS B 61 8.53 35.28 -6.95
CA LYS B 61 8.76 34.07 -7.74
C LYS B 61 7.79 32.95 -7.35
N VAL B 62 7.40 32.88 -6.08
CA VAL B 62 6.58 31.79 -5.56
C VAL B 62 5.13 32.21 -5.50
N GLY B 63 4.23 31.26 -5.78
CA GLY B 63 2.80 31.46 -5.66
C GLY B 63 2.21 30.72 -4.47
N GLU B 64 1.11 30.01 -4.69
CA GLU B 64 0.53 29.18 -3.64
C GLU B 64 1.37 27.93 -3.49
N LEU B 65 1.72 27.60 -2.25
CA LEU B 65 2.63 26.48 -1.98
C LEU B 65 1.85 25.20 -1.72
N LYS B 66 2.47 24.07 -2.06
CA LYS B 66 1.88 22.76 -1.81
C LYS B 66 2.99 21.75 -1.49
N ASP B 67 2.57 20.64 -0.90
CA ASP B 67 3.54 19.60 -0.49
C ASP B 67 4.30 19.03 -1.68
N ASP B 68 3.69 19.01 -2.86
CA ASP B 68 4.31 18.44 -4.04
C ASP B 68 5.39 19.34 -4.63
N ASP B 69 5.40 20.62 -4.25
CA ASP B 69 6.27 21.60 -4.86
C ASP B 69 7.68 21.57 -4.29
N PHE B 70 7.94 20.75 -3.27
CA PHE B 70 9.16 20.85 -2.47
C PHE B 70 10.01 19.60 -2.62
N GLU B 71 11.33 19.78 -2.65
CA GLU B 71 12.29 18.69 -2.60
C GLU B 71 13.10 18.83 -1.32
N LYS B 72 13.15 17.77 -0.53
CA LYS B 72 13.81 17.83 0.77
C LYS B 72 15.32 17.85 0.62
N ILE B 73 15.97 18.72 1.39
CA ILE B 73 17.43 18.83 1.39
C ILE B 73 17.99 18.19 2.65
N SER B 74 17.75 18.82 3.80
CA SER B 74 18.25 18.31 5.08
C SER B 74 17.21 18.58 6.16
N GLU B 75 17.55 18.22 7.40
CA GLU B 75 16.69 18.49 8.55
C GLU B 75 17.37 19.52 9.44
N LEU B 76 16.63 20.58 9.78
CA LEU B 76 17.18 21.70 10.53
C LEU B 76 16.63 21.85 11.95
N GLY B 77 15.77 20.96 12.40
CA GLY B 77 15.27 21.05 13.75
C GLY B 77 14.31 19.91 14.03
N ALA B 78 14.08 19.69 15.32
CA ALA B 78 13.21 18.60 15.77
C ALA B 78 12.24 18.98 16.88
N GLY B 79 12.58 19.90 17.76
CA GLY B 79 11.67 20.37 18.78
C GLY B 79 11.01 21.67 18.39
N ASN B 80 10.71 22.49 19.41
CA ASN B 80 10.19 23.84 19.24
C ASN B 80 8.80 23.86 18.59
N GLY B 81 8.07 22.76 18.67
CA GLY B 81 6.73 22.70 18.16
C GLY B 81 6.58 22.14 16.76
N GLY B 82 7.50 21.30 16.31
CA GLY B 82 7.41 20.69 15.00
C GLY B 82 8.75 20.58 14.29
N VAL B 83 8.86 19.57 13.43
CA VAL B 83 10.08 19.35 12.65
C VAL B 83 10.21 20.43 11.59
N VAL B 84 11.45 20.86 11.34
CA VAL B 84 11.76 21.87 10.32
C VAL B 84 12.77 21.28 9.35
N PHE B 85 12.45 21.35 8.05
CA PHE B 85 13.31 20.87 6.99
C PHE B 85 13.86 22.02 6.16
N LYS B 86 15.10 21.86 5.72
CA LYS B 86 15.61 22.67 4.61
C LYS B 86 15.12 22.04 3.31
N VAL B 87 14.49 22.86 2.46
CA VAL B 87 13.84 22.34 1.26
C VAL B 87 14.11 23.28 0.10
N SER B 88 13.89 22.76 -1.10
CA SER B 88 14.00 23.51 -2.33
C SER B 88 12.63 23.55 -2.99
N HIS B 89 12.16 24.75 -3.31
CA HIS B 89 10.91 24.91 -4.04
C HIS B 89 11.22 24.79 -5.52
N LYS B 90 10.67 23.76 -6.15
CA LYS B 90 11.07 23.39 -7.50
C LYS B 90 10.78 24.47 -8.53
N PRO B 91 9.58 25.05 -8.62
CA PRO B 91 9.33 26.06 -9.67
C PRO B 91 10.24 27.27 -9.60
N SER B 92 10.59 27.73 -8.41
CA SER B 92 11.40 28.93 -8.25
C SER B 92 12.88 28.63 -8.11
N GLY B 93 13.24 27.46 -7.59
CA GLY B 93 14.60 27.16 -7.22
C GLY B 93 15.01 27.66 -5.86
N LEU B 94 14.12 28.36 -5.15
CA LEU B 94 14.47 28.97 -3.88
C LEU B 94 14.66 27.90 -2.80
N VAL B 95 15.56 28.17 -1.87
CA VAL B 95 15.75 27.31 -0.70
C VAL B 95 14.95 27.91 0.45
N MET B 96 14.21 27.07 1.15
CA MET B 96 13.31 27.55 2.21
C MET B 96 13.43 26.67 3.45
N ALA B 97 12.91 27.19 4.54
CA ALA B 97 12.73 26.42 5.77
C ALA B 97 11.25 26.09 5.92
N ARG B 98 10.95 24.81 6.08
CA ARG B 98 9.57 24.30 6.13
C ARG B 98 9.33 23.73 7.53
N LYS B 99 8.44 24.37 8.27
CA LYS B 99 8.07 23.91 9.61
C LYS B 99 6.78 23.11 9.50
N LEU B 100 6.83 21.84 9.91
CA LEU B 100 5.66 20.98 9.95
C LEU B 100 5.08 21.02 11.35
N ILE B 101 3.83 21.44 11.47
CA ILE B 101 3.15 21.50 12.75
C ILE B 101 1.97 20.54 12.66
N HIS B 102 2.06 19.42 13.38
CA HIS B 102 1.02 18.39 13.36
C HIS B 102 -0.07 18.75 14.37
N LEU B 103 -1.31 18.83 13.90
CA LEU B 103 -2.43 19.20 14.74
C LEU B 103 -3.71 18.60 14.17
N GLU B 104 -4.54 18.04 15.05
CA GLU B 104 -5.86 17.52 14.67
C GLU B 104 -6.90 18.59 14.99
N ILE B 105 -7.35 19.31 13.95
CA ILE B 105 -8.29 20.42 14.08
C ILE B 105 -9.35 20.32 13.00
N LYS B 106 -10.55 20.83 13.29
CA LYS B 106 -11.62 20.78 12.29
C LYS B 106 -11.27 21.70 11.12
N PRO B 107 -11.72 21.36 9.91
CA PRO B 107 -11.31 22.12 8.72
C PRO B 107 -11.52 23.63 8.79
N ALA B 108 -12.54 24.11 9.50
CA ALA B 108 -12.75 25.55 9.60
C ALA B 108 -11.57 26.22 10.29
N ILE B 109 -11.04 25.58 11.34
CA ILE B 109 -9.87 26.12 12.05
C ILE B 109 -8.64 26.11 11.16
N ARG B 110 -8.48 25.04 10.36
CA ARG B 110 -7.35 24.96 9.43
C ARG B 110 -7.31 26.19 8.54
N ASN B 111 -8.44 26.49 7.90
CA ASN B 111 -8.52 27.61 6.98
C ASN B 111 -8.32 28.93 7.70
N GLN B 112 -8.84 29.06 8.91
CA GLN B 112 -8.64 30.31 9.65
C GLN B 112 -7.19 30.46 10.10
N ILE B 113 -6.50 29.36 10.42
CA ILE B 113 -5.09 29.45 10.77
C ILE B 113 -4.29 29.95 9.57
N ILE B 114 -4.57 29.41 8.38
CA ILE B 114 -3.88 29.88 7.18
C ILE B 114 -4.24 31.32 6.86
N ARG B 115 -5.48 31.73 7.13
CA ARG B 115 -5.84 33.13 6.90
C ARG B 115 -5.05 34.04 7.83
N GLU B 116 -4.97 33.67 9.11
CA GLU B 116 -4.30 34.52 10.10
C GLU B 116 -2.79 34.55 9.88
N LEU B 117 -2.21 33.49 9.28
CA LEU B 117 -0.78 33.50 8.99
C LEU B 117 -0.41 34.42 7.83
N GLN B 118 -1.39 34.87 7.03
CA GLN B 118 -1.07 35.73 5.89
C GLN B 118 -0.57 37.10 6.31
N VAL B 119 -0.76 37.49 7.57
CA VAL B 119 -0.19 38.74 8.04
C VAL B 119 1.33 38.70 7.97
N LEU B 120 1.92 37.50 7.89
CA LEU B 120 3.37 37.36 7.78
C LEU B 120 3.91 37.80 6.42
N HIS B 121 3.05 37.92 5.41
CA HIS B 121 3.48 38.53 4.15
C HIS B 121 3.85 39.99 4.37
N GLU B 122 3.21 40.64 5.33
CA GLU B 122 3.43 42.05 5.65
C GLU B 122 4.43 42.25 6.77
N CYS B 123 5.10 41.19 7.23
CA CYS B 123 6.07 41.31 8.31
C CYS B 123 7.46 41.24 7.69
N ASN B 124 7.89 42.38 7.17
CA ASN B 124 9.17 42.53 6.49
C ASN B 124 10.02 43.51 7.28
N SER B 125 11.02 42.99 7.98
CA SER B 125 11.89 43.78 8.84
C SER B 125 13.24 43.12 8.89
N PRO B 126 14.31 43.88 9.12
CA PRO B 126 15.64 43.26 9.26
C PRO B 126 15.73 42.31 10.44
N TYR B 127 14.83 42.43 11.42
CA TYR B 127 14.91 41.68 12.66
C TYR B 127 13.83 40.60 12.76
N ILE B 128 13.14 40.32 11.66
CA ILE B 128 12.06 39.34 11.63
C ILE B 128 12.31 38.42 10.44
N VAL B 129 12.33 37.10 10.66
CA VAL B 129 12.61 36.20 9.55
C VAL B 129 11.47 36.28 8.54
N GLY B 130 11.80 36.00 7.28
CA GLY B 130 10.84 36.20 6.21
C GLY B 130 9.84 35.07 6.07
N PHE B 131 8.78 35.35 5.34
CA PHE B 131 7.68 34.42 5.12
C PHE B 131 7.47 34.22 3.63
N TYR B 132 7.14 32.99 3.24
CA TYR B 132 6.87 32.67 1.84
C TYR B 132 5.43 32.20 1.62
N GLY B 133 4.89 31.38 2.51
CA GLY B 133 3.53 30.91 2.38
C GLY B 133 3.26 29.81 3.37
N ALA B 134 1.97 29.53 3.55
CA ALA B 134 1.52 28.50 4.47
C ALA B 134 0.38 27.72 3.84
N PHE B 135 0.29 26.43 4.17
CA PHE B 135 -0.74 25.57 3.63
C PHE B 135 -0.94 24.40 4.57
N TYR B 136 -2.03 23.67 4.35
CA TYR B 136 -2.35 22.48 5.18
C TYR B 136 -2.31 21.24 4.31
N SER B 137 -1.58 20.23 4.75
CA SER B 137 -1.51 18.95 4.02
C SER B 137 -1.55 17.83 5.06
N ASP B 138 -2.02 16.64 4.69
CA ASP B 138 -2.06 15.49 5.63
C ASP B 138 -2.71 15.94 6.92
N GLY B 139 -1.98 15.85 8.03
CA GLY B 139 -2.52 16.34 9.30
C GLY B 139 -1.61 17.39 9.85
N GLU B 140 -0.96 18.13 8.95
CA GLU B 140 0.06 19.08 9.41
C GLU B 140 -0.01 20.43 8.70
N ILE B 141 0.04 21.52 9.47
CA ILE B 141 0.19 22.84 8.88
C ILE B 141 1.66 23.07 8.53
N SER B 142 1.94 23.34 7.27
CA SER B 142 3.28 23.66 6.78
C SER B 142 3.46 25.17 6.72
N ILE B 143 4.50 25.69 7.36
CA ILE B 143 4.84 27.10 7.31
C ILE B 143 6.21 27.22 6.64
N CYS B 144 6.26 27.88 5.49
CA CYS B 144 7.49 28.03 4.72
C CYS B 144 8.02 29.44 4.88
N MET B 145 9.28 29.56 5.29
CA MET B 145 9.85 30.83 5.73
C MET B 145 11.31 30.91 5.32
N GLU B 146 11.92 32.06 5.61
CA GLU B 146 13.29 32.32 5.18
C GLU B 146 14.28 31.37 5.83
N HIS B 147 15.19 30.84 5.02
CA HIS B 147 16.22 29.95 5.52
C HIS B 147 17.34 30.76 6.17
N MET B 148 17.81 30.25 7.31
CA MET B 148 18.93 30.87 8.02
C MET B 148 19.99 29.80 8.23
N ASP B 149 21.15 29.98 7.60
CA ASP B 149 22.20 28.97 7.69
C ASP B 149 22.90 28.97 9.04
N GLY B 150 22.78 30.04 9.83
CA GLY B 150 23.35 30.05 11.16
C GLY B 150 22.58 29.22 12.18
N GLY B 151 21.30 28.99 11.94
CA GLY B 151 20.49 28.26 12.88
C GLY B 151 19.97 29.13 14.01
N SER B 152 19.38 28.45 15.00
CA SER B 152 18.91 29.11 16.21
C SER B 152 20.06 29.30 17.19
N LEU B 153 19.99 30.36 18.00
CA LEU B 153 20.99 30.52 19.06
C LEU B 153 20.97 29.36 20.04
N ASP B 154 19.86 28.64 20.14
CA ASP B 154 19.88 27.36 20.86
C ASP B 154 20.92 26.43 20.26
N GLN B 155 20.87 26.21 18.95
CA GLN B 155 21.85 25.37 18.29
C GLN B 155 23.25 25.96 18.37
N VAL B 156 23.36 27.28 18.22
CA VAL B 156 24.66 27.95 18.31
C VAL B 156 25.27 27.76 19.70
N LEU B 157 24.44 27.91 20.74
CA LEU B 157 24.95 27.81 22.11
C LEU B 157 25.59 26.46 22.35
N LYS B 158 24.97 25.37 21.88
CA LYS B 158 25.55 24.06 22.18
C LYS B 158 26.86 23.81 21.46
N LYS B 159 27.22 24.61 20.46
CA LYS B 159 28.55 24.56 19.85
C LYS B 159 29.50 25.58 20.46
N ALA B 160 29.01 26.75 20.85
CA ALA B 160 29.86 27.80 21.39
C ALA B 160 30.14 27.63 22.89
N GLY B 161 29.48 26.70 23.57
CA GLY B 161 29.61 26.65 25.01
C GLY B 161 28.76 27.73 25.65
N ARG B 162 29.31 28.93 25.74
CA ARG B 162 28.58 30.12 26.13
C ARG B 162 28.77 31.17 25.05
N ILE B 163 27.88 32.16 25.02
CA ILE B 163 27.98 33.24 24.03
C ILE B 163 28.72 34.42 24.64
N PRO B 164 29.72 34.95 23.95
CA PRO B 164 30.44 36.12 24.47
C PRO B 164 29.50 37.30 24.66
N GLU B 165 29.82 38.11 25.68
CA GLU B 165 28.94 39.20 26.08
C GLU B 165 28.79 40.25 24.98
N GLN B 166 29.89 40.55 24.28
CA GLN B 166 29.84 41.51 23.18
C GLN B 166 28.74 41.15 22.19
N ILE B 167 28.62 39.86 21.89
CA ILE B 167 27.62 39.37 20.95
C ILE B 167 26.24 39.40 21.57
N LEU B 168 26.12 39.00 22.84
CA LEU B 168 24.83 39.11 23.52
C LEU B 168 24.33 40.55 23.55
N GLY B 169 25.23 41.52 23.44
CA GLY B 169 24.80 42.90 23.25
C GLY B 169 24.13 43.09 21.90
N LYS B 170 24.76 42.56 20.84
CA LYS B 170 24.18 42.67 19.51
C LYS B 170 22.88 41.89 19.40
N VAL B 171 22.81 40.72 20.03
CA VAL B 171 21.56 39.95 20.04
C VAL B 171 20.47 40.73 20.74
N SER B 172 20.78 41.32 21.91
CA SER B 172 19.76 42.09 22.62
C SER B 172 19.15 43.14 21.71
N ILE B 173 19.98 43.96 21.05
CA ILE B 173 19.45 44.99 20.15
C ILE B 173 18.48 44.39 19.14
N ALA B 174 18.88 43.29 18.50
CA ALA B 174 18.01 42.69 17.49
C ALA B 174 16.67 42.30 18.09
N VAL B 175 16.67 41.73 19.29
CA VAL B 175 15.43 41.32 19.93
C VAL B 175 14.60 42.54 20.32
N ILE B 176 15.24 43.55 20.91
CA ILE B 176 14.49 44.74 21.37
C ILE B 176 13.85 45.45 20.19
N LYS B 177 14.57 45.51 19.08
CA LYS B 177 14.04 46.12 17.86
C LYS B 177 12.93 45.29 17.22
N GLY B 178 13.08 43.97 17.23
CA GLY B 178 12.03 43.14 16.65
C GLY B 178 10.75 43.21 17.45
N LEU B 179 10.85 43.28 18.77
CA LEU B 179 9.65 43.42 19.60
C LEU B 179 8.96 44.76 19.35
N THR B 180 9.71 45.85 19.24
CA THR B 180 9.06 47.14 19.01
C THR B 180 8.49 47.21 17.59
N TYR B 181 9.14 46.56 16.63
CA TYR B 181 8.57 46.49 15.28
C TYR B 181 7.21 45.80 15.31
N LEU B 182 7.12 44.67 15.99
CA LEU B 182 5.86 43.94 16.07
C LEU B 182 4.79 44.77 16.75
N ARG B 183 5.16 45.54 17.78
CA ARG B 183 4.13 46.25 18.55
C ARG B 183 3.62 47.49 17.82
N GLU B 184 4.46 48.14 17.01
CA GLU B 184 4.08 49.36 16.31
C GLU B 184 3.49 49.07 14.94
N LYS B 185 4.14 48.23 14.15
CA LYS B 185 3.71 47.97 12.78
C LYS B 185 2.68 46.87 12.70
N HIS B 186 2.46 46.12 13.78
CA HIS B 186 1.52 45.00 13.75
C HIS B 186 0.66 44.84 15.00
N LYS B 187 0.94 45.55 16.10
CA LYS B 187 0.21 45.40 17.37
C LYS B 187 0.21 43.95 17.88
N ILE B 188 1.37 43.31 17.81
CA ILE B 188 1.52 41.90 18.19
C ILE B 188 2.69 41.71 19.15
N MET B 189 2.55 40.72 20.02
CA MET B 189 3.60 40.25 20.91
C MET B 189 4.21 38.98 20.35
N HIS B 190 5.44 38.70 20.76
CA HIS B 190 6.08 37.47 20.33
C HIS B 190 5.44 36.27 21.01
N ARG B 191 5.26 36.34 22.33
CA ARG B 191 4.62 35.37 23.20
C ARG B 191 5.51 34.14 23.46
N ASP B 192 6.66 34.02 22.79
CA ASP B 192 7.54 32.87 22.97
C ASP B 192 8.99 33.23 22.66
N VAL B 193 9.54 34.22 23.35
CA VAL B 193 10.94 34.59 23.15
C VAL B 193 11.83 33.60 23.88
N LYS B 194 12.62 32.84 23.12
CA LYS B 194 13.51 31.83 23.68
C LYS B 194 14.72 31.73 22.76
N PRO B 195 15.83 31.14 23.24
CA PRO B 195 17.00 30.97 22.36
C PRO B 195 16.71 30.24 21.06
N SER B 196 15.77 29.29 21.04
CA SER B 196 15.49 28.57 19.80
C SER B 196 14.57 29.31 18.85
N ASN B 197 14.11 30.50 19.23
CA ASN B 197 13.30 31.34 18.36
C ASN B 197 14.03 32.60 17.94
N ILE B 198 15.35 32.64 18.16
CA ILE B 198 16.21 33.69 17.60
C ILE B 198 17.15 33.01 16.63
N LEU B 199 17.09 33.42 15.36
CA LEU B 199 17.90 32.80 14.32
C LEU B 199 18.91 33.82 13.81
N VAL B 200 19.98 33.30 13.21
CA VAL B 200 21.12 34.12 12.81
C VAL B 200 21.57 33.70 11.42
N ASN B 201 22.19 34.64 10.72
CA ASN B 201 22.58 34.46 9.34
C ASN B 201 24.10 34.61 9.22
N SER B 202 24.67 34.05 8.15
CA SER B 202 26.08 34.26 7.88
C SER B 202 26.37 35.71 7.54
N ARG B 203 25.34 36.47 7.15
CA ARG B 203 25.43 37.89 6.86
C ARG B 203 25.41 38.74 8.12
N GLY B 204 25.34 38.12 9.29
CA GLY B 204 25.35 38.86 10.52
C GLY B 204 23.98 39.36 10.92
N GLU B 205 22.92 38.78 10.36
CA GLU B 205 21.56 39.19 10.67
C GLU B 205 21.04 38.35 11.82
N ILE B 206 20.33 39.00 12.74
CA ILE B 206 19.74 38.31 13.89
C ILE B 206 18.25 38.63 13.89
N LYS B 207 17.42 37.62 13.74
CA LYS B 207 16.00 37.81 13.49
C LYS B 207 15.18 36.97 14.45
N LEU B 208 13.91 37.34 14.61
CA LEU B 208 12.99 36.63 15.47
C LEU B 208 12.03 35.81 14.63
N CYS B 209 11.54 34.71 15.22
CA CYS B 209 10.66 33.81 14.52
C CYS B 209 9.75 33.11 15.52
N ASP B 210 8.73 32.44 14.98
CA ASP B 210 7.76 31.68 15.77
C ASP B 210 7.03 32.58 16.77
N PHE B 211 6.53 33.71 16.29
CA PHE B 211 5.73 34.57 17.16
C PHE B 211 4.25 34.39 16.87
N GLY B 212 3.42 34.85 17.82
CA GLY B 212 2.01 34.55 17.81
C GLY B 212 1.19 35.40 16.85
N VAL B 213 1.15 34.99 15.58
CA VAL B 213 0.37 35.72 14.59
C VAL B 213 -1.07 35.24 14.59
N SER B 214 -1.27 33.93 14.69
CA SER B 214 -2.57 33.30 14.58
C SER B 214 -3.09 32.93 15.96
N GLY B 215 -4.22 33.52 16.35
CA GLY B 215 -4.82 33.18 17.62
C GLY B 215 -5.32 31.75 17.67
N GLN B 216 -5.77 31.22 16.54
CA GLN B 216 -6.23 29.84 16.49
C GLN B 216 -5.05 28.88 16.59
N LEU B 217 -3.91 29.24 16.00
CA LEU B 217 -2.72 28.43 16.15
C LEU B 217 -2.21 28.44 17.58
N ILE B 218 -2.39 29.56 18.28
CA ILE B 218 -2.00 29.63 19.68
C ILE B 218 -2.81 28.65 20.51
N ASP B 219 -4.13 28.67 20.33
CA ASP B 219 -5.01 27.75 21.04
C ASP B 219 -4.68 26.30 20.68
N ALA B 220 -4.39 26.04 19.41
CA ALA B 220 -4.20 24.66 18.95
C ALA B 220 -2.93 24.04 19.54
N MET B 221 -1.87 24.82 19.68
CA MET B 221 -0.60 24.28 20.13
C MET B 221 -0.49 24.19 21.65
N ALA B 222 -1.45 24.74 22.40
CA ALA B 222 -1.41 24.55 23.84
C ALA B 222 -1.91 23.16 24.21
N ASN B 223 -2.86 22.66 23.43
CA ASN B 223 -3.47 21.36 23.67
C ASN B 223 -2.66 20.19 23.10
N ALA B 224 -1.66 20.46 22.26
CA ALA B 224 -1.09 19.42 21.42
C ALA B 224 0.37 19.14 21.71
N PHE B 225 0.99 19.87 22.62
CA PHE B 225 2.41 19.73 22.90
C PHE B 225 2.62 19.83 24.41
N VAL B 226 3.84 19.48 24.83
CA VAL B 226 4.26 19.54 26.22
C VAL B 226 5.65 20.16 26.26
N GLY B 227 6.00 20.72 27.42
CA GLY B 227 7.21 21.49 27.56
C GLY B 227 8.10 20.92 28.65
N THR B 228 9.41 21.02 28.42
CA THR B 228 10.44 20.53 29.32
C THR B 228 11.08 21.65 30.13
N ARG B 229 11.09 22.85 29.58
CA ARG B 229 11.58 24.05 30.24
C ARG B 229 10.61 25.19 29.95
N SER B 230 10.86 26.34 30.58
CA SER B 230 9.95 27.47 30.42
C SER B 230 10.69 28.79 30.50
N TYR B 231 10.34 29.69 29.58
CA TYR B 231 10.78 31.08 29.61
C TYR B 231 9.59 32.00 29.85
N MET B 232 8.59 31.51 30.57
CA MET B 232 7.33 32.20 30.71
C MET B 232 7.34 33.15 31.90
N SER B 233 6.80 34.34 31.70
CA SER B 233 6.80 35.35 32.75
C SER B 233 5.87 34.92 33.88
N PRO B 234 6.22 35.28 35.12
CA PRO B 234 5.40 34.82 36.26
C PRO B 234 3.98 35.33 36.23
N GLU B 235 3.73 36.48 35.59
CA GLU B 235 2.37 36.99 35.50
C GLU B 235 1.55 36.21 34.48
N ARG B 236 2.18 35.68 33.44
CA ARG B 236 1.47 34.86 32.48
C ARG B 236 1.18 33.48 33.05
N LEU B 237 2.08 32.98 33.92
CA LEU B 237 1.86 31.71 34.59
C LEU B 237 0.68 31.76 35.56
N GLN B 238 0.38 32.94 36.10
CA GLN B 238 -0.64 33.07 37.12
C GLN B 238 -1.99 33.53 36.58
N GLY B 239 -2.07 33.86 35.28
CA GLY B 239 -3.33 34.18 34.64
C GLY B 239 -3.73 35.64 34.68
N THR B 240 -2.92 36.50 35.27
CA THR B 240 -3.13 37.94 35.32
C THR B 240 -2.79 38.59 33.97
N HIS B 241 -3.17 39.87 33.86
CA HIS B 241 -2.91 40.65 32.65
C HIS B 241 -1.43 40.77 32.36
N TYR B 242 -1.09 40.65 31.07
CA TYR B 242 0.30 40.65 30.61
C TYR B 242 0.40 41.50 29.35
N SER B 243 1.62 41.95 29.05
CA SER B 243 1.89 42.69 27.83
C SER B 243 3.22 42.22 27.27
N VAL B 244 3.81 43.03 26.38
CA VAL B 244 5.14 42.76 25.84
C VAL B 244 6.18 42.69 26.96
N GLN B 245 5.88 43.24 28.15
CA GLN B 245 6.76 43.07 29.29
C GLN B 245 7.09 41.60 29.54
N SER B 246 6.13 40.71 29.27
CA SER B 246 6.40 39.29 29.45
C SER B 246 7.50 38.82 28.50
N ASP B 247 7.50 39.35 27.27
CA ASP B 247 8.57 39.05 26.34
C ASP B 247 9.91 39.60 26.80
N ILE B 248 9.92 40.76 27.48
CA ILE B 248 11.18 41.30 28.00
C ILE B 248 11.72 40.38 29.09
N TRP B 249 10.83 39.89 29.96
CA TRP B 249 11.23 38.90 30.96
C TRP B 249 11.82 37.66 30.29
N SER B 250 11.21 37.22 29.19
CA SER B 250 11.73 36.07 28.47
C SER B 250 13.09 36.38 27.85
N MET B 251 13.28 37.60 27.33
CA MET B 251 14.59 37.97 26.80
C MET B 251 15.64 37.90 27.91
N GLY B 252 15.34 38.52 29.07
CA GLY B 252 16.27 38.48 30.17
C GLY B 252 16.59 37.08 30.62
N LEU B 253 15.59 36.19 30.63
CA LEU B 253 15.86 34.81 31.02
C LEU B 253 16.70 34.10 29.96
N SER B 254 16.48 34.44 28.68
CA SER B 254 17.27 33.87 27.60
C SER B 254 18.70 34.38 27.62
N LEU B 255 18.90 35.65 27.96
CA LEU B 255 20.24 36.22 28.00
C LEU B 255 21.09 35.53 29.05
N VAL B 256 20.54 35.31 30.24
CA VAL B 256 21.27 34.57 31.28
C VAL B 256 21.62 33.18 30.79
N GLU B 257 20.64 32.48 30.20
CA GLU B 257 20.89 31.11 29.74
C GLU B 257 21.97 31.06 28.66
N MET B 258 22.10 32.12 27.86
CA MET B 258 23.16 32.14 26.86
C MET B 258 24.49 32.62 27.43
N ALA B 259 24.44 33.53 28.41
CA ALA B 259 25.69 33.99 29.06
C ALA B 259 26.34 32.79 29.73
N VAL B 260 25.69 32.22 30.73
CA VAL B 260 26.22 30.95 31.32
C VAL B 260 25.79 29.86 30.34
N GLY B 261 26.26 28.63 30.48
CA GLY B 261 25.88 27.62 29.47
C GLY B 261 24.76 26.72 29.94
N ARG B 262 23.79 27.26 30.67
CA ARG B 262 22.73 26.37 31.24
C ARG B 262 21.42 27.12 31.48
N TYR B 263 20.30 26.40 31.37
CA TYR B 263 18.97 27.02 31.70
C TYR B 263 19.08 27.39 33.15
N PRO B 264 18.67 28.61 33.56
CA PRO B 264 18.91 29.10 34.94
C PRO B 264 17.76 28.94 35.93
N ILE B 265 16.60 28.43 35.54
CA ILE B 265 15.47 28.43 36.52
C ILE B 265 15.97 27.77 37.81
N PRO B 266 16.59 26.58 37.81
CA PRO B 266 17.21 26.05 39.04
C PRO B 266 18.60 26.71 39.12
N PRO B 267 18.81 27.80 39.87
CA PRO B 267 20.09 28.57 39.88
C PRO B 267 21.27 27.63 40.03
N PRO B 268 22.44 27.94 39.40
CA PRO B 268 23.58 27.01 39.43
C PRO B 268 24.13 26.80 40.82
N ASP B 269 24.62 25.57 41.04
CA ASP B 269 25.23 25.18 42.30
C ASP B 269 26.49 26.01 42.55
N ALA B 270 26.85 26.11 43.82
CA ALA B 270 28.16 26.64 44.18
C ALA B 270 29.28 25.87 43.48
N LYS B 271 29.04 24.60 43.10
CA LYS B 271 30.07 23.85 42.38
C LYS B 271 30.00 24.15 40.88
N GLU B 272 28.80 24.12 40.29
CA GLU B 272 28.67 24.26 38.84
C GLU B 272 29.17 25.61 38.34
N LEU B 273 29.02 26.66 39.16
CA LEU B 273 29.60 27.95 38.84
C LEU B 273 31.11 27.84 38.70
N GLU B 274 31.70 27.09 39.63
CA GLU B 274 33.18 26.88 39.60
C GLU B 274 33.49 25.73 38.64
N LEU B 275 32.60 25.48 37.69
CA LEU B 275 32.88 24.43 36.67
C LEU B 275 32.61 25.03 35.28
N MET B 276 32.42 26.34 35.20
CA MET B 276 32.08 26.95 33.88
C MET B 276 32.93 28.20 33.62
N PHE B 277 33.60 28.72 34.65
CA PHE B 277 34.36 29.99 34.46
C PHE B 277 35.71 29.90 35.17
N GLY B 278 35.89 28.87 36.00
CA GLY B 278 37.14 28.68 36.72
C GLY B 278 37.19 29.57 37.94
N CYS B 279 38.29 30.33 38.05
CA CYS B 279 38.43 31.31 39.12
C CYS B 279 37.52 32.51 38.87
N PRO B 309 17.03 16.50 37.39
CA PRO B 309 16.57 17.85 37.05
C PRO B 309 15.14 18.12 37.51
N MET B 310 14.75 19.38 37.57
CA MET B 310 13.42 19.74 38.05
C MET B 310 12.39 19.47 36.95
N ALA B 311 11.23 18.96 37.37
CA ALA B 311 10.14 18.77 36.43
C ALA B 311 9.51 20.13 36.06
N ILE B 312 8.68 20.09 35.01
CA ILE B 312 8.15 21.34 34.46
C ILE B 312 7.37 22.12 35.51
N PHE B 313 6.61 21.42 36.36
CA PHE B 313 5.83 22.14 37.36
C PHE B 313 6.74 22.79 38.40
N GLU B 314 7.78 22.09 38.85
CA GLU B 314 8.70 22.68 39.82
C GLU B 314 9.40 23.89 39.24
N LEU B 315 9.64 23.90 37.93
CA LEU B 315 10.18 25.10 37.28
C LEU B 315 9.19 26.24 37.34
N LEU B 316 7.96 26.00 36.86
CA LEU B 316 6.93 27.03 36.87
C LEU B 316 6.67 27.53 38.29
N ASP B 317 6.66 26.62 39.26
CA ASP B 317 6.49 27.02 40.66
C ASP B 317 7.66 27.88 41.14
N TYR B 318 8.88 27.55 40.69
CA TYR B 318 10.03 28.34 41.07
C TYR B 318 9.95 29.75 40.49
N ILE B 319 9.56 29.86 39.22
CA ILE B 319 9.48 31.14 38.56
C ILE B 319 8.46 32.04 39.24
N VAL B 320 7.49 31.46 39.94
CA VAL B 320 6.46 32.26 40.59
C VAL B 320 6.84 32.60 42.04
N ASN B 321 7.56 31.71 42.73
CA ASN B 321 7.78 31.88 44.16
C ASN B 321 9.16 32.42 44.50
N GLU B 322 10.20 31.97 43.81
CA GLU B 322 11.55 32.29 44.24
C GLU B 322 12.10 33.47 43.44
N PRO B 323 13.12 34.15 43.95
CA PRO B 323 13.62 35.34 43.27
C PRO B 323 14.15 34.99 41.89
N PRO B 324 14.11 35.93 40.95
CA PRO B 324 14.56 35.65 39.59
C PRO B 324 16.05 35.39 39.57
N PRO B 325 16.56 34.74 38.52
CA PRO B 325 17.99 34.48 38.44
C PRO B 325 18.76 35.74 38.11
N LYS B 326 20.07 35.67 38.35
CA LYS B 326 20.95 36.81 38.16
C LYS B 326 22.20 36.35 37.41
N LEU B 327 22.89 37.31 36.79
CA LEU B 327 24.16 36.95 36.19
C LEU B 327 25.22 36.81 37.28
N PRO B 328 26.07 35.79 37.21
CA PRO B 328 27.11 35.63 38.24
C PRO B 328 28.08 36.80 38.18
N SER B 329 28.32 37.43 39.33
CA SER B 329 29.16 38.61 39.34
C SER B 329 30.62 38.25 39.06
N GLY B 330 31.37 39.26 38.63
CA GLY B 330 32.80 39.15 38.35
C GLY B 330 33.18 38.68 36.95
N VAL B 331 32.39 37.79 36.35
CA VAL B 331 32.73 37.28 35.03
C VAL B 331 32.12 38.12 33.90
N PHE B 332 31.10 38.91 34.20
CA PHE B 332 30.43 39.75 33.22
C PHE B 332 30.50 41.22 33.65
N SER B 333 30.18 42.11 32.71
CA SER B 333 30.16 43.54 33.01
C SER B 333 29.03 43.89 33.97
N LEU B 334 29.17 45.05 34.62
CA LEU B 334 28.17 45.50 35.57
C LEU B 334 26.89 45.98 34.90
N GLU B 335 27.02 46.64 33.76
CA GLU B 335 25.86 47.14 33.02
C GLU B 335 25.02 45.98 32.47
N PHE B 336 25.66 45.01 31.82
CA PHE B 336 24.95 43.81 31.39
C PHE B 336 24.23 43.15 32.57
N GLN B 337 24.88 43.08 33.74
CA GLN B 337 24.20 42.53 34.90
C GLN B 337 22.95 43.35 35.24
N ASP B 338 23.11 44.67 35.32
CA ASP B 338 21.98 45.54 35.58
C ASP B 338 20.92 45.42 34.49
N PHE B 339 21.34 45.08 33.27
CA PHE B 339 20.41 44.95 32.17
C PHE B 339 19.48 43.75 32.37
N VAL B 340 20.04 42.58 32.70
CA VAL B 340 19.20 41.42 32.92
C VAL B 340 18.39 41.60 34.21
N ASN B 341 18.94 42.31 35.20
CA ASN B 341 18.20 42.54 36.43
C ASN B 341 16.97 43.40 36.18
N LYS B 342 17.07 44.34 35.24
CA LYS B 342 15.93 45.16 34.86
C LYS B 342 14.94 44.41 33.99
N CYS B 343 15.38 43.36 33.31
CA CYS B 343 14.47 42.53 32.51
C CYS B 343 13.74 41.50 33.36
N LEU B 344 14.33 41.06 34.47
CA LEU B 344 13.80 39.98 35.28
C LEU B 344 13.10 40.48 36.54
N ILE B 345 12.64 41.72 36.52
CA ILE B 345 11.81 42.22 37.61
C ILE B 345 10.47 41.50 37.55
N LYS B 346 10.02 40.96 38.68
CA LYS B 346 8.78 40.17 38.66
C LYS B 346 7.58 41.05 38.38
N ASN B 347 7.43 42.13 39.13
CA ASN B 347 6.30 43.01 38.91
C ASN B 347 6.46 43.66 37.53
N PRO B 348 5.53 43.45 36.59
CA PRO B 348 5.73 43.98 35.23
C PRO B 348 5.78 45.50 35.16
N ALA B 349 5.07 46.20 36.04
CA ALA B 349 5.02 47.66 35.97
C ALA B 349 6.38 48.28 36.28
N GLU B 350 7.11 47.72 37.25
CA GLU B 350 8.43 48.20 37.62
C GLU B 350 9.54 47.50 36.85
N ARG B 351 9.20 46.62 35.91
CA ARG B 351 10.19 46.03 35.02
C ARG B 351 10.48 47.03 33.90
N ALA B 352 11.68 46.94 33.34
CA ALA B 352 12.03 47.83 32.24
C ALA B 352 11.10 47.59 31.06
N ASP B 353 10.71 48.68 30.39
CA ASP B 353 9.94 48.57 29.16
C ASP B 353 10.85 48.80 27.95
N LEU B 354 10.27 48.85 26.76
CA LEU B 354 11.06 48.75 25.55
C LEU B 354 11.86 50.02 25.29
N LYS B 355 11.32 51.19 25.62
CA LYS B 355 12.06 52.41 25.36
C LYS B 355 13.19 52.59 26.37
N GLN B 356 12.92 52.22 27.63
CA GLN B 356 13.97 52.32 28.67
C GLN B 356 15.12 51.36 28.30
N LEU B 357 14.79 50.22 27.70
CA LEU B 357 15.81 49.25 27.36
C LEU B 357 16.70 49.79 26.25
N MET B 358 16.13 50.53 25.30
CA MET B 358 16.90 51.10 24.20
C MET B 358 17.80 52.24 24.62
N VAL B 359 17.56 52.84 25.79
CA VAL B 359 18.39 53.90 26.30
C VAL B 359 19.18 53.46 27.51
N HIS B 360 19.10 52.17 27.86
CA HIS B 360 19.92 51.67 28.96
C HIS B 360 21.38 51.71 28.53
N ALA B 361 22.26 51.79 29.52
CA ALA B 361 23.69 51.98 29.24
C ALA B 361 24.25 50.81 28.44
N PHE B 362 23.78 49.59 28.73
CA PHE B 362 24.35 48.41 28.08
C PHE B 362 24.10 48.43 26.59
N ILE B 363 22.97 48.99 26.16
CA ILE B 363 22.62 49.01 24.75
C ILE B 363 23.40 50.09 24.01
N LYS B 364 23.57 51.28 24.60
CA LYS B 364 24.29 52.34 23.91
C LYS B 364 25.76 51.98 23.76
N ARG B 365 26.30 51.25 24.74
CA ARG B 365 27.66 50.71 24.61
C ARG B 365 27.73 49.69 23.48
N SER B 366 26.80 48.76 23.46
CA SER B 366 26.87 47.64 22.52
C SER B 366 26.59 48.11 21.10
N ASP B 367 25.67 49.05 20.94
CA ASP B 367 25.34 49.58 19.62
C ASP B 367 26.53 50.26 18.96
N ALA B 368 27.41 50.87 19.76
CA ALA B 368 28.57 51.58 19.22
C ALA B 368 29.72 50.63 18.92
N GLU B 369 29.84 49.56 19.69
CA GLU B 369 30.90 48.58 19.51
C GLU B 369 30.78 47.89 18.17
N GLU B 370 31.72 48.14 17.28
CA GLU B 370 31.69 47.42 16.00
C GLU B 370 32.23 46.03 16.25
N VAL B 371 31.37 45.02 16.14
CA VAL B 371 31.76 43.63 16.30
C VAL B 371 31.56 42.90 14.99
N ASP B 372 32.45 41.92 14.75
CA ASP B 372 32.34 41.05 13.59
C ASP B 372 31.49 39.85 14.02
N PHE B 373 30.17 40.08 14.08
CA PHE B 373 29.25 39.00 14.44
C PHE B 373 29.28 37.89 13.41
N ALA B 374 29.09 38.26 12.14
CA ALA B 374 29.13 37.29 11.05
C ALA B 374 30.39 36.45 11.12
N GLY B 375 31.52 37.09 11.43
CA GLY B 375 32.77 36.34 11.54
C GLY B 375 32.73 35.34 12.68
N TRP B 376 32.37 35.79 13.88
CA TRP B 376 32.37 34.88 15.02
C TRP B 376 31.46 33.67 14.76
N LEU B 377 30.33 33.91 14.11
CA LEU B 377 29.38 32.84 13.83
C LEU B 377 29.97 31.78 12.91
N CYS B 378 30.57 32.21 11.80
CA CYS B 378 31.14 31.25 10.87
C CYS B 378 32.37 30.55 11.46
N SER B 379 33.00 31.14 12.49
CA SER B 379 34.12 30.50 13.16
C SER B 379 33.66 29.42 14.14
N THR B 380 32.48 29.56 14.74
CA THR B 380 32.05 28.68 15.81
C THR B 380 31.11 27.57 15.35
N ILE B 381 30.55 27.64 14.14
CA ILE B 381 29.80 26.55 13.57
C ILE B 381 30.45 26.00 12.30
N GLY B 382 30.99 26.87 11.45
CA GLY B 382 31.55 26.46 10.17
C GLY B 382 30.61 26.68 9.01
N SER C 4 0.84 -15.94 38.64
CA SER C 4 1.49 -17.23 38.50
C SER C 4 1.06 -17.92 37.21
N ASP C 5 -0.25 -18.08 37.04
CA ASP C 5 -0.84 -18.51 35.79
C ASP C 5 -1.64 -17.35 35.21
N ASP C 6 -1.23 -16.88 34.04
CA ASP C 6 -1.74 -15.62 33.52
C ASP C 6 -3.17 -15.74 33.03
N TRP C 7 -3.51 -16.86 32.41
CA TRP C 7 -4.83 -17.05 31.80
C TRP C 7 -5.79 -17.83 32.70
N GLU C 8 -5.41 -18.11 33.93
CA GLU C 8 -6.33 -18.72 34.88
C GLU C 8 -7.27 -17.65 35.43
N ILE C 9 -8.57 -17.95 35.43
CA ILE C 9 -9.58 -17.01 35.90
C ILE C 9 -10.13 -17.54 37.21
N GLU C 10 -10.12 -16.68 38.23
CA GLU C 10 -10.60 -17.06 39.55
C GLU C 10 -12.12 -17.14 39.57
N ALA C 11 -12.64 -18.21 40.17
CA ALA C 11 -14.07 -18.46 40.13
C ALA C 11 -14.88 -17.37 40.81
N SER C 12 -14.29 -16.66 41.77
CA SER C 12 -15.02 -15.59 42.43
C SER C 12 -15.40 -14.47 41.47
N GLU C 13 -14.71 -14.37 40.35
CA GLU C 13 -14.90 -13.31 39.38
C GLU C 13 -15.95 -13.62 38.32
N VAL C 14 -16.29 -14.91 38.11
CA VAL C 14 -17.16 -15.33 37.02
C VAL C 14 -18.52 -15.73 37.58
N MET C 15 -19.59 -15.17 36.99
CA MET C 15 -20.96 -15.52 37.34
C MET C 15 -21.73 -15.95 36.10
N LEU C 16 -22.18 -17.20 36.07
CA LEU C 16 -22.95 -17.75 34.96
C LEU C 16 -24.41 -17.29 34.96
N SER C 17 -24.89 -16.91 33.78
CA SER C 17 -26.27 -16.48 33.57
C SER C 17 -27.10 -17.62 32.97
N THR C 18 -27.18 -17.66 31.65
CA THR C 18 -28.01 -18.60 30.90
C THR C 18 -27.19 -19.75 30.31
N ARG C 19 -27.89 -20.83 29.97
CA ARG C 19 -27.33 -21.96 29.22
C ARG C 19 -27.74 -21.80 27.76
N ILE C 20 -26.75 -21.73 26.86
CA ILE C 20 -27.06 -21.40 25.47
C ILE C 20 -27.05 -22.63 24.55
N GLY C 21 -26.36 -23.69 24.93
CA GLY C 21 -26.26 -24.81 24.02
C GLY C 21 -24.98 -25.59 24.22
N SER C 22 -24.94 -26.76 23.58
CA SER C 22 -23.87 -27.73 23.73
C SER C 22 -23.23 -28.12 22.40
N GLY C 23 -21.91 -28.31 22.46
CA GLY C 23 -21.08 -28.83 21.39
C GLY C 23 -20.75 -30.31 21.54
N SER C 24 -19.51 -30.65 21.19
CA SER C 24 -18.98 -32.00 21.33
C SER C 24 -18.17 -32.20 22.62
N PHE C 25 -17.51 -31.16 23.13
CA PHE C 25 -16.71 -31.28 24.34
C PHE C 25 -17.36 -30.72 25.59
N GLY C 26 -18.43 -29.93 25.47
CA GLY C 26 -18.99 -29.34 26.67
C GLY C 26 -20.21 -28.50 26.36
N THR C 27 -20.59 -27.69 27.33
CA THR C 27 -21.79 -26.87 27.25
C THR C 27 -21.42 -25.40 27.44
N VAL C 28 -22.06 -24.53 26.68
CA VAL C 28 -21.72 -23.12 26.62
C VAL C 28 -22.79 -22.33 27.36
N TYR C 29 -22.37 -21.63 28.40
CA TYR C 29 -23.22 -20.74 29.17
C TYR C 29 -22.82 -19.30 28.88
N LYS C 30 -23.82 -18.43 28.75
CA LYS C 30 -23.56 -17.01 28.74
C LYS C 30 -23.25 -16.55 30.17
N GLY C 31 -22.26 -15.68 30.30
CA GLY C 31 -21.78 -15.31 31.61
C GLY C 31 -21.25 -13.91 31.72
N LYS C 32 -20.65 -13.57 32.86
CA LYS C 32 -20.12 -12.23 33.10
C LYS C 32 -18.74 -12.32 33.72
N TRP C 33 -17.77 -11.67 33.06
CA TRP C 33 -16.41 -11.55 33.59
C TRP C 33 -15.77 -10.36 32.86
N HIS C 34 -15.82 -9.18 33.48
CA HIS C 34 -15.47 -7.93 32.82
C HIS C 34 -16.34 -7.74 31.58
N GLY C 35 -17.65 -7.82 31.77
CA GLY C 35 -18.58 -7.75 30.66
C GLY C 35 -19.06 -9.13 30.25
N ASP C 36 -19.90 -9.14 29.22
CA ASP C 36 -20.42 -10.39 28.71
C ASP C 36 -19.28 -11.29 28.25
N VAL C 37 -19.42 -12.59 28.51
CA VAL C 37 -18.44 -13.59 28.13
C VAL C 37 -19.18 -14.88 27.89
N ALA C 38 -18.51 -15.82 27.23
CA ALA C 38 -19.02 -17.16 27.05
C ALA C 38 -18.13 -18.12 27.83
N VAL C 39 -18.76 -19.01 28.59
CA VAL C 39 -18.06 -19.99 29.40
C VAL C 39 -18.48 -21.36 28.89
N LYS C 40 -17.51 -22.13 28.40
CA LYS C 40 -17.76 -23.49 27.92
C LYS C 40 -17.20 -24.45 28.96
N ILE C 41 -18.10 -25.16 29.64
CA ILE C 41 -17.71 -26.09 30.69
C ILE C 41 -17.72 -27.51 30.12
N LEU C 42 -16.67 -28.27 30.43
CA LEU C 42 -16.54 -29.65 30.00
C LEU C 42 -17.60 -30.47 30.73
N LYS C 43 -18.16 -31.47 30.05
CA LYS C 43 -19.22 -32.22 30.71
C LYS C 43 -18.74 -32.69 32.06
N VAL C 44 -19.51 -32.31 33.07
CA VAL C 44 -19.12 -32.60 34.44
C VAL C 44 -19.37 -34.05 34.79
N VAL C 45 -20.17 -34.79 34.03
CA VAL C 45 -20.65 -36.07 34.53
C VAL C 45 -19.75 -37.25 34.13
N ASP C 46 -19.44 -37.48 32.85
CA ASP C 46 -18.71 -38.66 32.41
C ASP C 46 -17.57 -38.36 31.43
N PRO C 47 -16.54 -37.62 31.86
CA PRO C 47 -15.59 -37.08 30.88
C PRO C 47 -14.80 -38.14 30.10
N THR C 48 -15.16 -38.37 28.79
CA THR C 48 -14.38 -39.33 28.04
C THR C 48 -13.10 -38.66 27.56
N PRO C 49 -11.99 -39.40 27.50
CA PRO C 49 -10.70 -38.83 27.09
C PRO C 49 -10.67 -37.94 25.85
N GLU C 50 -11.50 -38.20 24.84
CA GLU C 50 -11.45 -37.36 23.64
C GLU C 50 -11.93 -35.94 23.94
N GLN C 51 -13.06 -35.81 24.63
CA GLN C 51 -13.58 -34.50 24.98
C GLN C 51 -12.64 -33.75 25.91
N PHE C 52 -11.88 -34.48 26.71
CA PHE C 52 -10.89 -33.81 27.59
C PHE C 52 -9.74 -33.30 26.73
N GLN C 53 -9.29 -34.11 25.77
CA GLN C 53 -8.16 -33.67 24.96
C GLN C 53 -8.57 -32.54 24.03
N ALA C 54 -9.76 -32.67 23.44
CA ALA C 54 -10.31 -31.60 22.63
C ALA C 54 -10.44 -30.33 23.45
N PHE C 55 -10.66 -30.45 24.76
CA PHE C 55 -10.73 -29.29 25.63
C PHE C 55 -9.36 -28.63 25.77
N ARG C 56 -8.35 -29.43 26.11
CA ARG C 56 -6.99 -28.91 26.17
C ARG C 56 -6.48 -28.46 24.82
N ASN C 57 -7.05 -29.01 23.75
CA ASN C 57 -6.65 -28.64 22.39
C ASN C 57 -7.17 -27.26 22.04
N GLU C 58 -8.46 -27.00 22.28
CA GLU C 58 -9.01 -25.69 21.99
C GLU C 58 -8.32 -24.59 22.79
N VAL C 59 -7.88 -24.90 24.01
CA VAL C 59 -7.14 -23.90 24.79
C VAL C 59 -5.77 -23.68 24.18
N ALA C 60 -5.08 -24.76 23.78
CA ALA C 60 -3.76 -24.62 23.18
C ALA C 60 -3.82 -23.86 21.86
N VAL C 61 -4.85 -24.13 21.05
CA VAL C 61 -4.97 -23.46 19.76
C VAL C 61 -5.44 -22.01 19.92
N LEU C 62 -6.47 -21.78 20.75
CA LEU C 62 -6.96 -20.42 20.93
C LEU C 62 -5.90 -19.49 21.51
N ARG C 63 -5.02 -20.01 22.38
CA ARG C 63 -3.99 -19.17 22.96
C ARG C 63 -2.97 -18.68 21.93
N LYS C 64 -2.97 -19.26 20.72
CA LYS C 64 -2.02 -18.88 19.68
C LYS C 64 -2.61 -17.95 18.62
N THR C 65 -3.90 -17.62 18.70
CA THR C 65 -4.57 -16.81 17.69
C THR C 65 -4.94 -15.45 18.26
N ARG C 66 -4.48 -14.38 17.59
CA ARG C 66 -4.91 -13.01 17.90
C ARG C 66 -5.26 -12.37 16.56
N HIS C 67 -6.54 -12.46 16.20
CA HIS C 67 -7.03 -11.97 14.91
C HIS C 67 -8.52 -11.69 15.06
N VAL C 68 -8.97 -10.60 14.46
CA VAL C 68 -10.33 -10.11 14.67
C VAL C 68 -11.39 -11.05 14.09
N ASN C 69 -10.99 -12.02 13.27
CA ASN C 69 -11.92 -13.00 12.71
C ASN C 69 -11.81 -14.36 13.39
N ILE C 70 -10.98 -14.48 14.42
CA ILE C 70 -10.90 -15.68 15.24
C ILE C 70 -11.51 -15.35 16.60
N LEU C 71 -12.32 -16.28 17.13
CA LEU C 71 -12.93 -16.11 18.43
C LEU C 71 -11.91 -15.75 19.49
N LEU C 72 -12.19 -14.71 20.27
CA LEU C 72 -11.22 -14.16 21.20
C LEU C 72 -11.18 -15.02 22.46
N PHE C 73 -10.11 -15.78 22.61
CA PHE C 73 -9.83 -16.46 23.88
C PHE C 73 -9.54 -15.44 24.96
N MET C 74 -10.01 -15.72 26.18
CA MET C 74 -9.85 -14.76 27.27
C MET C 74 -9.24 -15.42 28.50
N GLY C 75 -9.51 -16.70 28.69
CA GLY C 75 -8.94 -17.42 29.81
C GLY C 75 -9.57 -18.79 29.96
N TYR C 76 -9.13 -19.49 30.99
CA TYR C 76 -9.61 -20.83 31.30
C TYR C 76 -9.74 -20.98 32.81
N MET C 77 -10.45 -22.03 33.22
CA MET C 77 -10.65 -22.36 34.62
C MET C 77 -10.26 -23.81 34.84
N THR C 78 -9.35 -24.06 35.77
CA THR C 78 -8.87 -25.42 36.02
C THR C 78 -8.88 -25.87 37.48
N LYS C 79 -9.15 -25.02 38.45
CA LYS C 79 -8.92 -25.46 39.82
C LYS C 79 -10.11 -26.25 40.35
N ASP C 80 -11.29 -25.65 40.38
CA ASP C 80 -12.46 -26.35 40.88
C ASP C 80 -13.52 -26.58 39.82
N ASN C 81 -13.36 -26.03 38.62
CA ASN C 81 -14.27 -26.29 37.52
C ASN C 81 -13.44 -26.17 36.25
N LEU C 82 -13.78 -26.96 35.23
CA LEU C 82 -13.10 -26.89 33.95
C LEU C 82 -13.94 -26.11 32.94
N ALA C 83 -13.40 -25.00 32.49
CA ALA C 83 -14.10 -24.13 31.56
C ALA C 83 -13.11 -23.39 30.68
N ILE C 84 -13.59 -22.97 29.51
CA ILE C 84 -12.86 -22.06 28.64
C ILE C 84 -13.71 -20.80 28.53
N VAL C 85 -13.08 -19.65 28.74
CA VAL C 85 -13.78 -18.38 28.69
C VAL C 85 -13.35 -17.66 27.41
N THR C 86 -14.33 -17.26 26.60
CA THR C 86 -14.10 -16.50 25.39
C THR C 86 -15.03 -15.30 25.41
N GLN C 87 -14.86 -14.43 24.41
CA GLN C 87 -15.79 -13.34 24.24
C GLN C 87 -17.20 -13.89 24.00
N TRP C 88 -18.20 -13.04 24.25
CA TRP C 88 -19.58 -13.38 23.95
C TRP C 88 -19.97 -12.77 22.61
N CYS C 89 -20.42 -13.61 21.69
CA CYS C 89 -20.80 -13.18 20.35
C CYS C 89 -22.30 -12.92 20.24
N GLU C 90 -22.67 -11.73 19.78
CA GLU C 90 -24.08 -11.50 19.50
C GLU C 90 -24.41 -12.09 18.13
N GLY C 91 -25.71 -12.22 17.88
CA GLY C 91 -26.16 -12.73 16.61
C GLY C 91 -26.27 -14.24 16.59
N SER C 92 -26.51 -14.73 15.38
CA SER C 92 -26.64 -16.15 15.11
C SER C 92 -25.39 -16.71 14.44
N SER C 93 -25.36 -18.03 14.30
CA SER C 93 -24.32 -18.67 13.51
C SER C 93 -24.63 -18.54 12.02
N LEU C 94 -23.62 -18.79 11.20
CA LEU C 94 -23.79 -18.76 9.75
C LEU C 94 -24.74 -19.83 9.27
N TYR C 95 -24.69 -21.02 9.88
CA TYR C 95 -25.61 -22.09 9.51
C TYR C 95 -27.05 -21.65 9.69
N LYS C 96 -27.37 -21.13 10.87
CA LYS C 96 -28.74 -20.70 11.17
C LYS C 96 -29.17 -19.57 10.26
N HIS C 97 -28.29 -18.60 10.02
CA HIS C 97 -28.64 -17.46 9.17
C HIS C 97 -29.09 -17.91 7.79
N LEU C 98 -28.35 -18.82 7.19
CA LEU C 98 -28.61 -19.19 5.80
C LEU C 98 -29.66 -20.28 5.66
N HIS C 99 -29.81 -21.13 6.67
CA HIS C 99 -30.54 -22.37 6.51
C HIS C 99 -31.70 -22.55 7.48
N VAL C 100 -31.78 -21.73 8.53
CA VAL C 100 -32.89 -21.79 9.48
C VAL C 100 -33.66 -20.48 9.43
N GLN C 101 -33.02 -19.39 9.87
CA GLN C 101 -33.67 -18.09 9.84
C GLN C 101 -33.87 -17.61 8.41
N GLU C 102 -33.01 -18.06 7.48
CA GLU C 102 -33.07 -17.67 6.08
C GLU C 102 -33.02 -16.15 5.92
N THR C 103 -32.00 -15.55 6.54
CA THR C 103 -31.83 -14.11 6.45
C THR C 103 -31.59 -13.73 5.00
N LYS C 104 -32.29 -12.69 4.55
CA LYS C 104 -32.25 -12.29 3.14
C LYS C 104 -31.09 -11.32 2.95
N PHE C 105 -29.88 -11.90 2.95
CA PHE C 105 -28.68 -11.13 2.68
C PHE C 105 -28.68 -10.64 1.24
N GLN C 106 -28.13 -9.44 1.04
CA GLN C 106 -27.88 -8.95 -0.31
C GLN C 106 -26.52 -9.44 -0.77
N MET C 107 -26.31 -9.39 -2.08
CA MET C 107 -25.19 -10.08 -2.69
C MET C 107 -23.86 -9.59 -2.14
N PHE C 108 -23.74 -8.30 -1.83
CA PHE C 108 -22.49 -7.82 -1.26
C PHE C 108 -22.26 -8.34 0.16
N GLN C 109 -23.33 -8.59 0.92
CA GLN C 109 -23.17 -9.12 2.27
C GLN C 109 -22.59 -10.53 2.23
N LEU C 110 -23.09 -11.36 1.31
CA LEU C 110 -22.51 -12.68 1.10
C LEU C 110 -21.04 -12.58 0.70
N ILE C 111 -20.68 -11.59 -0.11
CA ILE C 111 -19.29 -11.43 -0.50
C ILE C 111 -18.44 -11.04 0.71
N ASP C 112 -18.96 -10.18 1.57
CA ASP C 112 -18.20 -9.74 2.75
C ASP C 112 -17.97 -10.90 3.71
N ILE C 113 -18.99 -11.74 3.93
CA ILE C 113 -18.81 -12.92 4.76
C ILE C 113 -17.73 -13.83 4.20
N ALA C 114 -17.73 -14.02 2.88
CA ALA C 114 -16.71 -14.84 2.25
C ALA C 114 -15.31 -14.29 2.50
N ARG C 115 -15.14 -12.98 2.36
CA ARG C 115 -13.82 -12.38 2.55
C ARG C 115 -13.37 -12.46 4.00
N GLN C 116 -14.24 -12.11 4.96
CA GLN C 116 -13.85 -12.17 6.36
C GLN C 116 -13.50 -13.60 6.77
N THR C 117 -14.32 -14.57 6.35
CA THR C 117 -13.99 -15.97 6.62
C THR C 117 -12.64 -16.34 6.02
N ALA C 118 -12.36 -15.88 4.80
CA ALA C 118 -11.08 -16.16 4.17
C ALA C 118 -9.92 -15.50 4.91
N GLN C 119 -10.13 -14.29 5.42
CA GLN C 119 -9.08 -13.63 6.21
C GLN C 119 -8.78 -14.42 7.48
N GLY C 120 -9.81 -14.92 8.15
CA GLY C 120 -9.59 -15.74 9.32
C GLY C 120 -8.85 -17.03 8.97
N MET C 121 -9.27 -17.69 7.88
CA MET C 121 -8.60 -18.91 7.48
C MET C 121 -7.17 -18.64 7.06
N ASP C 122 -6.94 -17.53 6.34
CA ASP C 122 -5.60 -17.15 5.93
C ASP C 122 -4.70 -16.98 7.15
N TYR C 123 -5.21 -16.35 8.20
CA TYR C 123 -4.45 -16.18 9.43
C TYR C 123 -4.12 -17.52 10.06
N LEU C 124 -5.09 -18.44 10.09
CA LEU C 124 -4.88 -19.74 10.73
C LEU C 124 -3.78 -20.53 10.03
N HIS C 125 -3.83 -20.60 8.70
CA HIS C 125 -2.80 -21.32 7.96
C HIS C 125 -1.43 -20.68 8.15
N ALA C 126 -1.39 -19.35 8.22
CA ALA C 126 -0.14 -18.65 8.47
C ALA C 126 0.44 -18.97 9.85
N LYS C 127 -0.38 -19.44 10.78
CA LYS C 127 0.08 -19.85 12.09
C LYS C 127 0.21 -21.36 12.21
N ASN C 128 0.21 -22.07 11.08
CA ASN C 128 0.38 -23.52 11.03
C ASN C 128 -0.77 -24.21 11.76
N ILE C 129 -1.99 -23.73 11.55
CA ILE C 129 -3.18 -24.32 12.13
C ILE C 129 -4.11 -24.77 11.01
N ILE C 130 -4.49 -26.04 11.05
CA ILE C 130 -5.53 -26.59 10.19
C ILE C 130 -6.74 -26.83 11.06
N HIS C 131 -7.88 -26.29 10.64
CA HIS C 131 -9.09 -26.38 11.46
C HIS C 131 -9.55 -27.83 11.58
N ARG C 132 -9.51 -28.56 10.46
CA ARG C 132 -9.80 -29.99 10.39
C ARG C 132 -11.28 -30.28 10.51
N ASP C 133 -12.08 -29.27 10.84
CA ASP C 133 -13.50 -29.48 11.04
C ASP C 133 -14.25 -28.17 10.78
N MET C 134 -14.09 -27.62 9.59
CA MET C 134 -14.69 -26.33 9.24
C MET C 134 -16.09 -26.51 8.67
N LYS C 135 -17.07 -25.81 9.26
CA LYS C 135 -18.43 -25.78 8.75
C LYS C 135 -19.00 -24.38 8.96
N SER C 136 -20.23 -24.17 8.46
CA SER C 136 -20.95 -22.93 8.75
C SER C 136 -21.48 -22.86 10.18
N ASN C 137 -21.48 -23.99 10.90
CA ASN C 137 -21.80 -23.96 12.32
C ASN C 137 -20.74 -23.23 13.11
N ASN C 138 -19.51 -23.23 12.60
CA ASN C 138 -18.38 -22.67 13.32
C ASN C 138 -18.09 -21.23 12.92
N ILE C 139 -18.91 -20.66 12.05
CA ILE C 139 -18.82 -19.25 11.64
C ILE C 139 -19.92 -18.48 12.32
N PHE C 140 -19.55 -17.51 13.13
CA PHE C 140 -20.52 -16.70 13.85
C PHE C 140 -20.53 -15.29 13.27
N LEU C 141 -21.72 -14.74 13.07
CA LEU C 141 -21.80 -13.34 12.67
C LEU C 141 -21.96 -12.53 13.94
N HIS C 142 -20.82 -12.14 14.51
CA HIS C 142 -20.83 -11.21 15.63
C HIS C 142 -21.33 -9.85 15.14
N GLU C 143 -21.91 -9.07 16.07
CA GLU C 143 -22.64 -7.82 15.83
C GLU C 143 -23.49 -8.05 14.57
N GLY C 144 -23.50 -7.12 13.64
CA GLY C 144 -24.22 -7.33 12.39
C GLY C 144 -23.38 -8.20 11.46
N LEU C 145 -22.17 -7.70 11.08
CA LEU C 145 -21.28 -8.32 10.08
C LEU C 145 -19.82 -8.37 10.53
N THR C 146 -19.48 -9.34 11.36
CA THR C 146 -18.08 -9.61 11.71
C THR C 146 -17.97 -11.12 11.87
N VAL C 147 -17.09 -11.74 11.11
CA VAL C 147 -16.95 -13.19 11.15
C VAL C 147 -16.08 -13.58 12.33
N LYS C 148 -16.52 -14.61 13.06
CA LYS C 148 -15.73 -15.22 14.12
C LYS C 148 -15.69 -16.72 13.86
N ILE C 149 -14.50 -17.28 13.78
CA ILE C 149 -14.30 -18.69 13.53
C ILE C 149 -14.09 -19.38 14.87
N GLY C 150 -14.81 -20.47 15.09
CA GLY C 150 -14.75 -21.19 16.35
C GLY C 150 -14.64 -22.69 16.14
N ASP C 151 -14.93 -23.49 17.17
CA ASP C 151 -14.84 -24.95 17.10
C ASP C 151 -13.41 -25.42 16.88
N PHE C 152 -12.50 -24.89 17.68
CA PHE C 152 -11.17 -25.48 17.69
C PHE C 152 -11.20 -26.57 18.76
N GLY C 153 -10.35 -27.56 18.59
CA GLY C 153 -10.38 -28.71 19.47
C GLY C 153 -9.93 -29.92 18.67
N LEU C 154 -10.33 -29.95 17.40
CA LEU C 154 -9.84 -30.96 16.48
C LEU C 154 -8.67 -30.44 15.67
N ALA C 155 -8.33 -29.17 15.86
CA ALA C 155 -7.32 -28.49 15.08
C ALA C 155 -5.91 -28.93 15.49
N THR C 156 -4.94 -28.58 14.66
CA THR C 156 -3.56 -29.00 14.86
C THR C 156 -2.59 -27.85 14.70
N VAL C 157 -1.47 -27.96 15.40
CA VAL C 157 -0.37 -27.01 15.27
C VAL C 157 0.92 -27.78 15.06
N LYS C 158 1.09 -28.35 13.87
CA LYS C 158 2.31 -29.08 13.54
C LYS C 158 3.38 -28.12 13.02
N THR C 171 -14.00 -36.82 12.15
CA THR C 171 -15.39 -37.23 12.31
C THR C 171 -16.30 -36.01 12.26
N GLY C 172 -17.35 -35.96 13.08
CA GLY C 172 -18.24 -34.80 13.04
C GLY C 172 -19.35 -34.97 12.00
N SER C 173 -19.24 -34.21 10.92
CA SER C 173 -20.18 -34.22 9.80
C SER C 173 -19.39 -34.44 8.50
N VAL C 174 -20.11 -34.81 7.44
CA VAL C 174 -19.45 -35.17 6.19
C VAL C 174 -19.61 -34.15 5.07
N LEU C 175 -20.54 -33.20 5.17
CA LEU C 175 -20.78 -32.31 4.03
C LEU C 175 -19.59 -31.41 3.73
N TRP C 176 -18.79 -31.08 4.74
CA TRP C 176 -17.70 -30.16 4.59
C TRP C 176 -16.34 -30.86 4.46
N MET C 177 -16.33 -32.19 4.43
CA MET C 177 -15.09 -32.95 4.41
C MET C 177 -14.60 -33.10 2.98
N ALA C 178 -13.31 -32.82 2.77
CA ALA C 178 -12.71 -32.98 1.46
C ALA C 178 -12.75 -34.46 1.05
N PRO C 179 -12.91 -34.75 -0.24
CA PRO C 179 -12.90 -36.15 -0.69
C PRO C 179 -11.68 -36.93 -0.22
N GLU C 180 -10.50 -36.30 -0.24
CA GLU C 180 -9.30 -36.98 0.25
C GLU C 180 -9.40 -37.28 1.74
N VAL C 181 -10.14 -36.46 2.49
CA VAL C 181 -10.36 -36.71 3.91
C VAL C 181 -11.46 -37.74 4.13
N ILE C 182 -12.50 -37.71 3.30
CA ILE C 182 -13.59 -38.67 3.44
C ILE C 182 -13.07 -40.09 3.23
N ARG C 183 -12.19 -40.28 2.26
CA ARG C 183 -11.64 -41.61 2.03
C ARG C 183 -10.69 -42.02 3.15
N MET C 184 -9.94 -41.07 3.68
CA MET C 184 -8.89 -41.39 4.68
C MET C 184 -7.91 -42.40 4.09
N GLN C 185 -7.53 -42.18 2.82
CA GLN C 185 -6.67 -43.14 2.11
C GLN C 185 -5.18 -42.87 2.24
N ASP C 186 -4.78 -41.62 2.34
CA ASP C 186 -3.37 -41.24 2.34
C ASP C 186 -2.78 -41.04 3.73
N ASN C 187 -3.42 -41.56 4.79
CA ASN C 187 -2.96 -41.48 6.18
C ASN C 187 -3.10 -40.07 6.74
N ASN C 188 -2.52 -39.07 6.06
CA ASN C 188 -2.57 -37.68 6.48
C ASN C 188 -3.31 -36.92 5.39
N PRO C 189 -4.64 -37.05 5.33
CA PRO C 189 -5.42 -36.33 4.32
C PRO C 189 -5.66 -34.86 4.65
N PHE C 190 -5.26 -34.40 5.83
CA PHE C 190 -5.53 -33.04 6.24
C PHE C 190 -4.40 -32.13 5.79
N SER C 191 -4.77 -30.99 5.21
CA SER C 191 -3.83 -30.05 4.65
C SER C 191 -4.45 -28.67 4.68
N PHE C 192 -3.65 -27.67 4.30
CA PHE C 192 -4.20 -26.33 4.10
C PHE C 192 -5.29 -26.36 3.05
N GLN C 193 -5.21 -27.29 2.11
CA GLN C 193 -6.15 -27.38 0.99
C GLN C 193 -7.41 -28.17 1.33
N SER C 194 -7.34 -29.09 2.29
CA SER C 194 -8.57 -29.74 2.77
C SER C 194 -9.47 -28.73 3.47
N ASP C 195 -8.88 -27.78 4.20
CA ASP C 195 -9.66 -26.67 4.75
C ASP C 195 -10.25 -25.82 3.62
N VAL C 196 -9.52 -25.68 2.51
CA VAL C 196 -10.02 -24.91 1.39
C VAL C 196 -11.31 -25.53 0.87
N TYR C 197 -11.37 -26.86 0.80
CA TYR C 197 -12.61 -27.52 0.38
C TYR C 197 -13.75 -27.19 1.32
N SER C 198 -13.51 -27.28 2.64
CA SER C 198 -14.54 -26.95 3.60
C SER C 198 -15.02 -25.51 3.42
N TYR C 199 -14.08 -24.58 3.28
CA TYR C 199 -14.41 -23.21 2.94
C TYR C 199 -15.22 -23.16 1.64
N GLY C 200 -14.88 -24.02 0.67
CA GLY C 200 -15.62 -24.04 -0.58
C GLY C 200 -17.09 -24.38 -0.40
N ILE C 201 -17.40 -25.34 0.48
CA ILE C 201 -18.79 -25.67 0.75
C ILE C 201 -19.47 -24.53 1.50
N VAL C 202 -18.72 -23.87 2.39
CA VAL C 202 -19.27 -22.68 3.04
C VAL C 202 -19.56 -21.61 1.99
N LEU C 203 -18.67 -21.45 1.01
CA LEU C 203 -18.96 -20.59 -0.14
C LEU C 203 -20.17 -21.08 -0.91
N TYR C 204 -20.31 -22.38 -1.09
CA TYR C 204 -21.51 -22.90 -1.76
C TYR C 204 -22.72 -22.43 -0.99
N GLU C 205 -22.78 -22.81 0.28
CA GLU C 205 -23.92 -22.43 1.10
C GLU C 205 -24.28 -20.95 0.93
N LEU C 206 -23.27 -20.08 0.98
CA LEU C 206 -23.51 -18.65 0.86
C LEU C 206 -24.12 -18.30 -0.48
N MET C 207 -23.69 -18.98 -1.55
CA MET C 207 -24.04 -18.59 -2.91
C MET C 207 -25.23 -19.39 -3.44
N THR C 208 -25.86 -20.22 -2.62
CA THR C 208 -27.07 -20.93 -3.03
C THR C 208 -28.21 -20.79 -2.04
N GLY C 209 -27.86 -20.65 -0.77
CA GLY C 209 -28.83 -20.62 0.31
C GLY C 209 -29.13 -21.96 0.94
N GLU C 210 -28.59 -23.07 0.41
CA GLU C 210 -28.86 -24.40 0.94
C GLU C 210 -27.55 -25.19 1.02
N LEU C 211 -27.64 -26.35 1.64
CA LEU C 211 -26.51 -27.26 1.82
C LEU C 211 -26.34 -28.14 0.58
N PRO C 212 -25.13 -28.66 0.36
CA PRO C 212 -24.91 -29.56 -0.77
C PRO C 212 -25.59 -30.91 -0.56
N TYR C 213 -25.78 -31.61 -1.68
CA TYR C 213 -26.38 -32.95 -1.67
C TYR C 213 -27.77 -32.94 -1.02
N SER C 214 -28.60 -31.97 -1.38
CA SER C 214 -29.90 -31.81 -0.74
C SER C 214 -30.89 -32.91 -1.10
N HIS C 215 -30.59 -33.69 -2.14
CA HIS C 215 -31.48 -34.72 -2.65
C HIS C 215 -31.19 -36.10 -2.08
N ILE C 216 -30.03 -36.27 -1.42
CA ILE C 216 -29.59 -37.52 -0.81
C ILE C 216 -29.83 -37.50 0.70
N ASN C 217 -30.35 -38.61 1.25
CA ASN C 217 -30.63 -38.66 2.70
C ASN C 217 -29.86 -39.79 3.37
N ASN C 218 -28.73 -40.20 2.78
CA ASN C 218 -28.05 -41.40 3.24
C ASN C 218 -26.56 -41.04 3.40
N ARG C 219 -26.12 -40.83 4.63
CA ARG C 219 -24.71 -40.42 4.85
C ARG C 219 -23.77 -41.45 4.24
N ASP C 220 -24.01 -42.74 4.47
CA ASP C 220 -23.07 -43.75 3.98
C ASP C 220 -22.99 -43.71 2.47
N GLN C 221 -24.09 -43.34 1.81
CA GLN C 221 -24.07 -43.07 0.38
C GLN C 221 -23.22 -41.85 0.07
N ILE C 222 -23.39 -40.78 0.85
CA ILE C 222 -22.59 -39.57 0.64
C ILE C 222 -21.11 -39.88 0.80
N ILE C 223 -20.76 -40.65 1.83
CA ILE C 223 -19.37 -41.01 2.08
C ILE C 223 -18.79 -41.74 0.86
N PHE C 224 -19.56 -42.70 0.33
CA PHE C 224 -19.08 -43.51 -0.79
C PHE C 224 -19.03 -42.70 -2.09
N MET C 225 -20.13 -42.04 -2.46
CA MET C 225 -20.17 -41.33 -3.74
C MET C 225 -19.20 -40.17 -3.78
N VAL C 226 -18.99 -39.49 -2.66
CA VAL C 226 -18.04 -38.39 -2.67
C VAL C 226 -16.62 -38.94 -2.77
N GLY C 227 -16.41 -40.19 -2.35
CA GLY C 227 -15.10 -40.80 -2.54
C GLY C 227 -14.80 -41.14 -3.99
N ARG C 228 -15.83 -41.55 -4.76
CA ARG C 228 -15.63 -41.80 -6.19
C ARG C 228 -15.87 -40.59 -7.09
N GLY C 229 -16.70 -39.65 -6.67
CA GLY C 229 -17.09 -38.57 -7.53
C GLY C 229 -18.41 -38.77 -8.26
N TYR C 230 -19.24 -39.73 -7.82
CA TYR C 230 -20.53 -39.95 -8.48
C TYR C 230 -21.53 -38.89 -8.07
N ALA C 231 -21.23 -38.16 -7.00
CA ALA C 231 -22.01 -37.01 -6.57
C ALA C 231 -21.02 -35.98 -6.03
N SER C 232 -21.32 -34.72 -6.28
CA SER C 232 -20.48 -33.61 -5.86
C SER C 232 -21.33 -32.35 -5.93
N PRO C 233 -20.95 -31.28 -5.22
CA PRO C 233 -21.79 -30.07 -5.22
C PRO C 233 -22.25 -29.68 -6.62
N ASP C 234 -23.55 -29.44 -6.77
CA ASP C 234 -24.15 -29.03 -8.03
C ASP C 234 -24.08 -27.52 -8.13
N LEU C 235 -23.18 -27.03 -8.98
CA LEU C 235 -22.94 -25.60 -9.18
C LEU C 235 -24.02 -24.93 -10.02
N SER C 236 -24.98 -25.71 -10.57
CA SER C 236 -26.11 -25.09 -11.26
C SER C 236 -27.04 -24.44 -10.24
N LYS C 237 -26.71 -24.57 -8.96
CA LYS C 237 -27.59 -24.08 -7.92
C LYS C 237 -27.19 -22.67 -7.45
N LEU C 238 -26.07 -22.15 -7.96
CA LEU C 238 -25.59 -20.81 -7.62
C LEU C 238 -26.53 -19.70 -8.11
N TYR C 239 -26.59 -18.63 -7.32
CA TYR C 239 -27.45 -17.47 -7.58
C TYR C 239 -27.19 -16.83 -8.93
N LYS C 240 -28.24 -16.20 -9.45
CA LYS C 240 -28.14 -15.44 -10.69
C LYS C 240 -27.41 -14.12 -10.47
N ASN C 241 -27.49 -13.57 -9.26
CA ASN C 241 -26.80 -12.34 -8.88
C ASN C 241 -25.34 -12.60 -8.50
N CYS C 242 -24.91 -13.86 -8.46
CA CYS C 242 -23.54 -14.20 -8.11
C CYS C 242 -22.55 -13.75 -9.19
N PRO C 243 -21.55 -12.94 -8.86
CA PRO C 243 -20.54 -12.55 -9.87
C PRO C 243 -19.86 -13.76 -10.49
N LYS C 244 -19.50 -13.65 -11.77
CA LYS C 244 -18.88 -14.79 -12.43
C LYS C 244 -17.51 -15.12 -11.88
N ALA C 245 -16.82 -14.14 -11.28
CA ALA C 245 -15.54 -14.43 -10.64
C ALA C 245 -15.72 -15.25 -9.37
N MET C 246 -16.80 -15.02 -8.63
CA MET C 246 -17.09 -15.78 -7.43
C MET C 246 -17.46 -17.22 -7.76
N LYS C 247 -18.26 -17.41 -8.81
CA LYS C 247 -18.67 -18.75 -9.20
C LYS C 247 -17.48 -19.67 -9.43
N ARG C 248 -16.48 -19.22 -10.16
CA ARG C 248 -15.28 -20.04 -10.33
C ARG C 248 -14.59 -20.29 -8.99
N LEU C 249 -14.53 -19.28 -8.11
CA LEU C 249 -13.83 -19.47 -6.84
C LEU C 249 -14.51 -20.55 -6.01
N VAL C 250 -15.85 -20.55 -6.01
CA VAL C 250 -16.59 -21.67 -5.41
C VAL C 250 -16.12 -22.97 -6.04
N ALA C 251 -16.12 -23.02 -7.38
CA ALA C 251 -15.71 -24.24 -8.07
C ALA C 251 -14.26 -24.59 -7.76
N ASP C 252 -13.37 -23.60 -7.83
CA ASP C 252 -11.92 -23.84 -7.55
C ASP C 252 -11.76 -24.53 -6.19
N CYS C 253 -12.45 -24.04 -5.15
CA CYS C 253 -12.29 -24.58 -3.81
C CYS C 253 -12.90 -25.98 -3.65
N VAL C 254 -13.86 -26.36 -4.49
CA VAL C 254 -14.57 -27.63 -4.30
C VAL C 254 -14.06 -28.75 -5.23
N LYS C 255 -13.03 -28.48 -6.02
CA LYS C 255 -12.51 -29.43 -7.01
C LYS C 255 -11.85 -30.65 -6.36
N LYS C 256 -11.98 -31.81 -7.03
CA LYS C 256 -11.63 -33.08 -6.38
C LYS C 256 -10.16 -33.19 -6.03
N VAL C 257 -9.25 -32.58 -6.79
CA VAL C 257 -7.82 -32.78 -6.59
C VAL C 257 -7.26 -31.84 -5.53
N LYS C 258 -6.49 -32.40 -4.57
CA LYS C 258 -5.82 -31.72 -3.45
C LYS C 258 -4.63 -30.82 -3.94
N GLU C 259 -4.45 -30.66 -5.26
CA GLU C 259 -3.39 -29.84 -5.82
C GLU C 259 -3.90 -28.85 -6.85
N GLU C 260 -5.15 -28.99 -7.27
CA GLU C 260 -5.81 -28.09 -8.19
C GLU C 260 -6.46 -26.93 -7.48
N ARG C 261 -6.51 -26.96 -6.17
CA ARG C 261 -7.28 -25.95 -5.46
C ARG C 261 -6.39 -24.80 -4.98
N PRO C 262 -6.97 -23.62 -4.92
CA PRO C 262 -6.23 -22.46 -4.44
C PRO C 262 -5.89 -22.58 -2.96
N LEU C 263 -4.86 -21.83 -2.57
CA LEU C 263 -4.61 -21.55 -1.18
C LEU C 263 -5.27 -20.23 -0.83
N PHE C 264 -5.25 -19.88 0.46
CA PHE C 264 -6.08 -18.77 0.90
C PHE C 264 -5.55 -17.38 0.55
N PRO C 265 -4.23 -17.15 0.47
CA PRO C 265 -3.78 -15.86 -0.09
C PRO C 265 -4.36 -15.56 -1.46
N GLN C 266 -4.44 -16.57 -2.33
CA GLN C 266 -5.05 -16.38 -3.64
C GLN C 266 -6.56 -16.18 -3.53
N ILE C 267 -7.22 -16.97 -2.69
CA ILE C 267 -8.65 -16.79 -2.48
C ILE C 267 -8.95 -15.39 -1.96
N LEU C 268 -8.19 -14.95 -0.96
CA LEU C 268 -8.40 -13.65 -0.36
C LEU C 268 -8.27 -12.52 -1.38
N SER C 269 -7.13 -12.47 -2.08
CA SER C 269 -6.92 -11.43 -3.08
C SER C 269 -7.98 -11.47 -4.17
N SER C 270 -8.35 -12.67 -4.62
CA SER C 270 -9.39 -12.81 -5.64
C SER C 270 -10.70 -12.19 -5.16
N ILE C 271 -11.04 -12.37 -3.88
CA ILE C 271 -12.29 -11.83 -3.37
C ILE C 271 -12.18 -10.33 -3.17
N GLU C 272 -11.05 -9.85 -2.63
CA GLU C 272 -10.88 -8.41 -2.41
C GLU C 272 -10.99 -7.65 -3.73
N LEU C 273 -10.38 -8.18 -4.79
CA LEU C 273 -10.44 -7.52 -6.09
C LEU C 273 -11.82 -7.68 -6.72
N LEU C 274 -12.49 -8.80 -6.46
CA LEU C 274 -13.90 -8.92 -6.83
C LEU C 274 -14.73 -7.79 -6.22
N GLN C 275 -14.42 -7.42 -4.98
CA GLN C 275 -15.23 -6.43 -4.27
C GLN C 275 -15.06 -5.02 -4.81
N HIS C 276 -13.86 -4.67 -5.28
CA HIS C 276 -13.68 -3.35 -5.87
C HIS C 276 -14.37 -3.24 -7.23
N SER C 277 -14.55 -4.36 -7.93
CA SER C 277 -15.24 -4.35 -9.21
C SER C 277 -16.71 -3.93 -9.05
N LEU C 278 -17.35 -4.39 -7.98
CA LEU C 278 -18.78 -4.15 -7.80
C LEU C 278 -19.05 -2.65 -7.70
N PRO C 279 -20.16 -2.16 -8.29
CA PRO C 279 -20.46 -0.73 -8.32
C PRO C 279 -21.14 -0.24 -7.06
N GLU D 33 -60.13 -46.22 21.18
CA GLU D 33 -60.66 -47.52 20.79
C GLU D 33 -60.48 -47.74 19.28
N ALA D 34 -59.94 -46.72 18.61
CA ALA D 34 -59.44 -46.88 17.24
C ALA D 34 -58.12 -47.64 17.19
N LEU D 35 -57.40 -47.71 18.31
CA LEU D 35 -56.27 -48.61 18.46
C LEU D 35 -56.73 -50.02 18.83
N GLN D 36 -57.92 -50.16 19.40
CA GLN D 36 -58.42 -51.47 19.80
C GLN D 36 -58.91 -52.29 18.61
N LYS D 37 -59.42 -51.62 17.58
CA LYS D 37 -59.88 -52.32 16.38
C LYS D 37 -58.71 -52.86 15.55
N LYS D 38 -57.57 -52.17 15.51
CA LYS D 38 -56.49 -52.59 14.64
C LYS D 38 -55.66 -53.72 15.25
N LEU D 39 -55.70 -53.90 16.56
CA LEU D 39 -55.09 -55.07 17.19
C LEU D 39 -55.81 -56.34 16.77
N GLU D 40 -57.13 -56.27 16.65
CA GLU D 40 -57.93 -57.44 16.31
C GLU D 40 -57.79 -57.82 14.84
N GLU D 41 -57.23 -56.92 14.02
CA GLU D 41 -56.88 -57.26 12.65
C GLU D 41 -55.51 -57.92 12.54
N LEU D 42 -54.81 -58.04 13.65
CA LEU D 42 -53.52 -58.72 13.72
C LEU D 42 -53.70 -60.13 14.27
N GLU D 43 -52.86 -61.03 13.77
CA GLU D 43 -52.87 -62.44 14.12
C GLU D 43 -51.88 -62.64 15.27
N LEU D 44 -52.37 -62.44 16.49
CA LEU D 44 -51.49 -62.55 17.68
C LEU D 44 -51.93 -63.73 18.55
N ASP D 45 -51.01 -64.30 19.31
CA ASP D 45 -51.37 -65.35 20.24
C ASP D 45 -52.00 -64.65 21.45
N GLU D 46 -52.39 -65.44 22.45
CA GLU D 46 -53.13 -64.90 23.58
C GLU D 46 -52.22 -64.17 24.56
N GLN D 47 -51.01 -64.69 24.78
CA GLN D 47 -50.10 -64.03 25.71
C GLN D 47 -49.66 -62.69 25.13
N GLN D 48 -49.63 -62.60 23.81
CA GLN D 48 -49.33 -61.33 23.17
C GLN D 48 -50.52 -60.37 23.27
N ARG D 49 -51.74 -60.86 23.02
CA ARG D 49 -52.90 -59.97 23.07
C ARG D 49 -53.08 -59.34 24.43
N LYS D 50 -52.78 -60.09 25.47
CA LYS D 50 -52.82 -59.51 26.80
C LYS D 50 -51.82 -58.38 26.92
N ARG D 51 -50.57 -58.63 26.51
CA ARG D 51 -49.51 -57.67 26.75
C ARG D 51 -49.68 -56.41 25.91
N LEU D 52 -50.07 -56.56 24.64
CA LEU D 52 -50.36 -55.37 23.84
C LEU D 52 -51.54 -54.59 24.39
N GLU D 53 -52.60 -55.29 24.80
CA GLU D 53 -53.79 -54.64 25.36
C GLU D 53 -53.52 -53.98 26.71
N ALA D 54 -52.59 -54.53 27.49
CA ALA D 54 -52.21 -53.91 28.77
C ALA D 54 -51.41 -52.64 28.55
N PHE D 55 -50.61 -52.59 27.49
CA PHE D 55 -49.84 -51.40 27.17
C PHE D 55 -50.73 -50.26 26.71
N LEU D 56 -51.78 -50.58 25.96
CA LEU D 56 -52.63 -49.52 25.43
C LEU D 56 -53.37 -48.77 26.54
N THR D 57 -53.74 -49.47 27.62
CA THR D 57 -54.46 -48.82 28.70
C THR D 57 -53.58 -47.78 29.40
N GLN D 58 -52.31 -48.13 29.59
CA GLN D 58 -51.37 -47.16 30.22
C GLN D 58 -51.04 -46.11 29.14
N LYS D 59 -51.38 -46.39 27.89
CA LYS D 59 -51.07 -45.46 26.79
C LYS D 59 -52.16 -44.37 26.72
N GLN D 60 -53.13 -44.43 27.62
CA GLN D 60 -54.16 -43.36 27.67
C GLN D 60 -53.91 -42.49 28.91
N LYS D 61 -53.20 -43.06 29.90
CA LYS D 61 -52.97 -42.33 31.16
C LYS D 61 -52.17 -41.05 30.90
N VAL D 62 -51.14 -41.11 30.05
CA VAL D 62 -50.28 -39.95 29.84
C VAL D 62 -50.89 -39.08 28.76
N GLY D 63 -50.71 -37.77 28.93
CA GLY D 63 -51.18 -36.79 27.96
C GLY D 63 -50.04 -36.25 27.12
N GLU D 64 -49.96 -34.93 27.01
CA GLU D 64 -48.85 -34.31 26.30
C GLU D 64 -47.59 -34.36 27.14
N LEU D 65 -46.49 -34.78 26.55
CA LEU D 65 -45.25 -34.85 27.30
C LEU D 65 -44.45 -33.58 27.11
N LYS D 66 -43.72 -33.19 28.15
CA LYS D 66 -42.79 -32.08 28.03
C LYS D 66 -41.59 -32.39 28.91
N ASP D 67 -40.53 -31.62 28.68
CA ASP D 67 -39.28 -31.80 29.42
C ASP D 67 -39.49 -31.60 30.92
N ASP D 68 -40.56 -30.89 31.32
CA ASP D 68 -40.81 -30.60 32.73
C ASP D 68 -41.30 -31.83 33.51
N ASP D 69 -41.87 -32.81 32.81
CA ASP D 69 -42.53 -33.95 33.43
C ASP D 69 -41.62 -35.12 33.78
N PHE D 70 -40.33 -35.04 33.51
CA PHE D 70 -39.44 -36.19 33.61
C PHE D 70 -38.44 -36.03 34.74
N GLU D 71 -38.16 -37.14 35.44
CA GLU D 71 -37.08 -37.22 36.42
C GLU D 71 -36.07 -38.25 35.94
N LYS D 72 -34.82 -37.84 35.81
CA LYS D 72 -33.80 -38.71 35.23
C LYS D 72 -33.42 -39.84 36.18
N ILE D 73 -33.30 -41.04 35.63
CA ILE D 73 -32.94 -42.22 36.43
C ILE D 73 -31.50 -42.65 36.15
N SER D 74 -31.24 -43.16 34.95
CA SER D 74 -29.92 -43.73 34.64
C SER D 74 -29.55 -43.40 33.20
N GLU D 75 -28.47 -44.04 32.73
CA GLU D 75 -28.01 -43.96 31.36
C GLU D 75 -28.22 -45.32 30.68
N LEU D 76 -28.78 -45.31 29.48
CA LEU D 76 -29.06 -46.53 28.71
C LEU D 76 -28.21 -46.70 27.48
N GLY D 77 -27.77 -45.61 26.86
CA GLY D 77 -26.97 -45.65 25.65
C GLY D 77 -26.80 -44.25 25.13
N ALA D 78 -25.94 -44.10 24.11
CA ALA D 78 -25.73 -42.76 23.52
C ALA D 78 -25.62 -42.89 22.00
N GLY D 79 -25.42 -44.11 21.50
CA GLY D 79 -25.29 -44.31 20.05
C GLY D 79 -26.65 -44.40 19.38
N ASN D 80 -26.71 -44.98 18.18
CA ASN D 80 -28.01 -45.17 17.47
C ASN D 80 -28.54 -43.83 16.97
N GLY D 81 -27.90 -42.73 17.34
CA GLY D 81 -28.34 -41.43 16.81
C GLY D 81 -28.59 -40.43 17.92
N GLY D 82 -28.45 -40.86 19.19
CA GLY D 82 -28.60 -39.88 20.25
C GLY D 82 -28.57 -40.56 21.60
N VAL D 83 -28.43 -39.73 22.63
CA VAL D 83 -28.37 -40.23 23.99
C VAL D 83 -29.74 -40.75 24.39
N VAL D 84 -29.78 -41.85 25.14
CA VAL D 84 -31.02 -42.46 25.61
C VAL D 84 -30.94 -42.56 27.12
N PHE D 85 -31.94 -41.99 27.80
CA PHE D 85 -32.00 -42.05 29.26
C PHE D 85 -33.16 -42.94 29.67
N LYS D 86 -32.96 -43.75 30.70
CA LYS D 86 -34.09 -44.35 31.40
C LYS D 86 -34.63 -43.34 32.40
N VAL D 87 -35.93 -43.08 32.36
CA VAL D 87 -36.51 -41.97 33.11
C VAL D 87 -37.93 -42.31 33.57
N SER D 88 -38.45 -41.52 34.52
CA SER D 88 -39.80 -41.66 35.03
C SER D 88 -40.65 -40.42 34.72
N HIS D 89 -41.85 -40.64 34.15
CA HIS D 89 -42.81 -39.56 33.91
C HIS D 89 -43.60 -39.35 35.17
N LYS D 90 -43.46 -38.18 35.78
CA LYS D 90 -44.04 -38.00 37.10
C LYS D 90 -45.57 -38.07 37.14
N PRO D 91 -46.33 -37.40 36.28
CA PRO D 91 -47.79 -37.52 36.36
C PRO D 91 -48.29 -38.95 36.23
N SER D 92 -47.63 -39.78 35.43
CA SER D 92 -48.09 -41.14 35.19
C SER D 92 -47.47 -42.18 36.09
N GLY D 93 -46.23 -41.98 36.53
CA GLY D 93 -45.48 -42.99 37.24
C GLY D 93 -44.81 -44.03 36.37
N LEU D 94 -45.06 -44.03 35.07
CA LEU D 94 -44.47 -45.02 34.19
C LEU D 94 -43.00 -44.71 33.97
N VAL D 95 -42.16 -45.75 33.86
CA VAL D 95 -40.71 -45.52 33.57
C VAL D 95 -40.55 -45.58 32.05
N MET D 96 -39.65 -44.78 31.48
CA MET D 96 -39.57 -44.75 30.00
C MET D 96 -38.14 -44.49 29.50
N ALA D 97 -37.84 -44.95 28.29
CA ALA D 97 -36.56 -44.67 27.64
C ALA D 97 -36.75 -43.42 26.78
N ARG D 98 -35.92 -42.41 27.02
CA ARG D 98 -36.08 -41.12 26.35
C ARG D 98 -34.85 -40.83 25.50
N LYS D 99 -35.08 -40.72 24.19
CA LYS D 99 -34.04 -40.47 23.20
C LYS D 99 -33.98 -39.00 22.81
N LEU D 100 -32.81 -38.38 23.00
CA LEU D 100 -32.54 -37.02 22.55
C LEU D 100 -31.82 -37.05 21.20
N ILE D 101 -32.42 -36.39 20.21
CA ILE D 101 -31.83 -36.22 18.89
C ILE D 101 -31.59 -34.73 18.68
N HIS D 102 -30.31 -34.36 18.57
CA HIS D 102 -29.86 -32.97 18.44
C HIS D 102 -29.95 -32.59 16.96
N LEU D 103 -30.72 -31.56 16.64
CA LEU D 103 -30.78 -31.14 15.23
C LEU D 103 -31.21 -29.68 15.13
N GLU D 104 -30.55 -28.93 14.24
CA GLU D 104 -30.90 -27.54 13.99
C GLU D 104 -31.72 -27.45 12.72
N ILE D 105 -33.04 -27.27 12.86
CA ILE D 105 -33.92 -27.17 11.71
C ILE D 105 -34.89 -26.02 11.95
N LYS D 106 -35.31 -25.39 10.87
CA LYS D 106 -36.19 -24.24 10.97
C LYS D 106 -37.55 -24.65 11.53
N PRO D 107 -38.22 -23.76 12.27
CA PRO D 107 -39.37 -24.19 13.09
C PRO D 107 -40.47 -24.97 12.41
N ALA D 108 -40.76 -24.70 11.12
CA ALA D 108 -41.85 -25.42 10.46
C ALA D 108 -41.56 -26.91 10.32
N ILE D 109 -40.32 -27.27 9.96
CA ILE D 109 -39.98 -28.68 9.75
C ILE D 109 -40.04 -29.47 11.04
N ARG D 110 -39.63 -28.87 12.17
CA ARG D 110 -39.81 -29.53 13.46
C ARG D 110 -41.26 -29.97 13.65
N ASN D 111 -42.19 -29.05 13.39
CA ASN D 111 -43.60 -29.39 13.54
C ASN D 111 -43.97 -30.50 12.58
N GLN D 112 -43.36 -30.52 11.41
CA GLN D 112 -43.63 -31.62 10.53
C GLN D 112 -43.04 -32.92 11.07
N ILE D 113 -41.92 -32.81 11.79
CA ILE D 113 -41.26 -33.99 12.39
C ILE D 113 -42.18 -34.66 13.38
N ILE D 114 -42.78 -33.87 14.27
CA ILE D 114 -43.64 -34.46 15.29
C ILE D 114 -44.91 -35.03 14.69
N ARG D 115 -45.46 -34.41 13.65
CA ARG D 115 -46.67 -34.92 13.01
C ARG D 115 -46.45 -36.29 12.37
N GLU D 116 -45.33 -36.45 11.66
CA GLU D 116 -45.07 -37.73 11.00
C GLU D 116 -44.76 -38.83 12.00
N LEU D 117 -44.22 -38.46 13.17
CA LEU D 117 -43.87 -39.43 14.21
C LEU D 117 -45.09 -40.00 14.94
N GLN D 118 -46.25 -39.37 14.82
CA GLN D 118 -47.43 -39.82 15.54
C GLN D 118 -47.95 -41.15 15.01
N VAL D 119 -47.50 -41.56 13.82
CA VAL D 119 -47.85 -42.87 13.26
C VAL D 119 -47.38 -44.00 14.14
N LEU D 120 -46.42 -43.73 15.03
CA LEU D 120 -45.98 -44.78 15.95
C LEU D 120 -47.03 -45.09 17.02
N HIS D 121 -48.05 -44.25 17.18
CA HIS D 121 -49.16 -44.63 18.04
C HIS D 121 -49.89 -45.86 17.51
N GLU D 122 -49.94 -46.00 16.18
CA GLU D 122 -50.56 -47.16 15.55
C GLU D 122 -49.56 -48.25 15.21
N CYS D 123 -48.32 -48.13 15.68
CA CYS D 123 -47.33 -49.17 15.43
C CYS D 123 -47.24 -49.97 16.73
N ASN D 124 -48.24 -50.84 16.90
CA ASN D 124 -48.35 -51.72 18.06
C ASN D 124 -48.32 -53.14 17.52
N SER D 125 -47.20 -53.81 17.75
CA SER D 125 -46.94 -55.17 17.30
C SER D 125 -45.97 -55.75 18.32
N PRO D 126 -45.99 -57.07 18.53
CA PRO D 126 -45.04 -57.65 19.48
C PRO D 126 -43.58 -57.45 19.11
N TYR D 127 -43.29 -57.13 17.85
CA TYR D 127 -41.93 -57.03 17.35
C TYR D 127 -41.48 -55.59 17.08
N ILE D 128 -42.27 -54.59 17.49
CA ILE D 128 -41.94 -53.18 17.35
C ILE D 128 -42.13 -52.54 18.72
N VAL D 129 -41.09 -51.85 19.21
CA VAL D 129 -41.18 -51.24 20.53
C VAL D 129 -42.24 -50.15 20.53
N GLY D 130 -42.83 -49.92 21.71
CA GLY D 130 -43.95 -49.03 21.80
C GLY D 130 -43.56 -47.57 21.80
N PHE D 131 -44.54 -46.73 21.52
CA PHE D 131 -44.33 -45.29 21.44
C PHE D 131 -45.32 -44.63 22.39
N TYR D 132 -44.87 -43.54 23.00
CA TYR D 132 -45.67 -42.79 23.97
C TYR D 132 -45.96 -41.37 23.53
N GLY D 133 -44.98 -40.70 22.96
CA GLY D 133 -45.15 -39.34 22.47
C GLY D 133 -43.82 -38.75 22.10
N ALA D 134 -43.84 -37.66 21.32
CA ALA D 134 -42.62 -37.00 20.89
C ALA D 134 -42.83 -35.50 20.99
N PHE D 135 -41.76 -34.80 21.33
CA PHE D 135 -41.85 -33.37 21.53
C PHE D 135 -40.47 -32.77 21.35
N TYR D 136 -40.42 -31.44 21.39
CA TYR D 136 -39.20 -30.68 21.24
C TYR D 136 -38.89 -29.95 22.54
N SER D 137 -37.63 -29.97 22.95
CA SER D 137 -37.25 -29.36 24.23
C SER D 137 -36.37 -28.13 24.04
N ASP D 138 -35.08 -28.36 23.82
CA ASP D 138 -34.12 -27.25 23.64
C ASP D 138 -33.18 -27.60 22.49
N GLY D 139 -33.56 -27.26 21.25
CA GLY D 139 -32.72 -27.54 20.07
C GLY D 139 -32.67 -29.03 19.78
N GLU D 140 -33.32 -29.84 20.61
CA GLU D 140 -33.22 -31.31 20.44
C GLU D 140 -34.63 -31.91 20.41
N ILE D 141 -34.84 -32.89 19.54
CA ILE D 141 -36.16 -33.58 19.51
C ILE D 141 -36.10 -34.76 20.49
N SER D 142 -37.13 -34.91 21.30
CA SER D 142 -37.22 -36.01 22.27
C SER D 142 -38.25 -37.03 21.80
N ILE D 143 -37.83 -38.29 21.69
CA ILE D 143 -38.70 -39.41 21.38
C ILE D 143 -38.71 -40.33 22.60
N CYS D 144 -39.88 -40.49 23.20
CA CYS D 144 -40.05 -41.30 24.39
C CYS D 144 -40.74 -42.60 24.02
N MET D 145 -40.16 -43.73 24.42
CA MET D 145 -40.65 -45.03 23.98
C MET D 145 -40.62 -45.98 25.17
N GLU D 146 -41.14 -47.18 24.91
CA GLU D 146 -41.27 -48.20 25.93
C GLU D 146 -39.89 -48.70 26.37
N HIS D 147 -39.77 -48.93 27.68
CA HIS D 147 -38.49 -49.32 28.27
C HIS D 147 -38.16 -50.79 28.02
N MET D 148 -36.88 -51.08 27.77
CA MET D 148 -36.38 -52.44 27.53
C MET D 148 -35.24 -52.78 28.50
N ASP D 149 -35.46 -53.79 29.35
CA ASP D 149 -34.45 -54.16 30.34
C ASP D 149 -33.31 -55.00 29.77
N GLY D 150 -33.52 -55.67 28.64
CA GLY D 150 -32.44 -56.45 28.03
C GLY D 150 -31.39 -55.63 27.33
N GLY D 151 -31.74 -54.42 26.91
CA GLY D 151 -30.82 -53.59 26.16
C GLY D 151 -30.85 -53.90 24.68
N SER D 152 -29.93 -53.24 23.98
CA SER D 152 -29.77 -53.45 22.54
C SER D 152 -28.95 -54.72 22.30
N LEU D 153 -29.22 -55.37 21.16
CA LEU D 153 -28.63 -56.67 20.93
C LEU D 153 -27.12 -56.66 20.84
N ASP D 154 -26.50 -55.55 20.41
CA ASP D 154 -25.03 -55.49 20.47
C ASP D 154 -24.55 -55.35 21.92
N GLN D 155 -25.26 -54.53 22.75
CA GLN D 155 -24.89 -54.49 24.16
C GLN D 155 -24.86 -55.91 24.69
N VAL D 156 -25.80 -56.74 24.24
CA VAL D 156 -25.78 -58.16 24.58
C VAL D 156 -24.53 -58.83 24.01
N LEU D 157 -24.15 -58.49 22.77
CA LEU D 157 -23.05 -59.17 22.11
C LEU D 157 -21.75 -59.02 22.90
N LYS D 158 -21.41 -57.78 23.30
CA LYS D 158 -20.17 -57.60 24.06
C LYS D 158 -20.30 -58.13 25.47
N LYS D 159 -21.51 -58.50 25.90
CA LYS D 159 -21.73 -59.17 27.17
C LYS D 159 -21.66 -60.68 27.01
N ALA D 160 -22.12 -61.22 25.89
CA ALA D 160 -22.08 -62.66 25.63
C ALA D 160 -20.83 -63.11 24.88
N GLY D 161 -20.04 -62.21 24.34
CA GLY D 161 -18.97 -62.61 23.44
C GLY D 161 -19.41 -62.94 22.02
N ARG D 162 -20.41 -63.81 21.88
CA ARG D 162 -21.06 -64.11 20.61
C ARG D 162 -22.41 -64.72 20.90
N ILE D 163 -23.25 -64.77 19.87
CA ILE D 163 -24.63 -65.27 20.01
C ILE D 163 -24.71 -66.71 19.54
N PRO D 164 -25.27 -67.62 20.33
CA PRO D 164 -25.55 -68.98 19.85
C PRO D 164 -26.55 -68.99 18.71
N GLU D 165 -26.43 -70.02 17.85
CA GLU D 165 -27.17 -70.04 16.58
C GLU D 165 -28.69 -70.13 16.75
N GLN D 166 -29.19 -71.00 17.65
CA GLN D 166 -30.63 -71.02 17.91
C GLN D 166 -31.13 -69.65 18.36
N ILE D 167 -30.34 -68.93 19.17
CA ILE D 167 -30.79 -67.64 19.65
C ILE D 167 -30.89 -66.67 18.49
N LEU D 168 -29.91 -66.69 17.58
CA LEU D 168 -30.05 -65.92 16.35
C LEU D 168 -31.21 -66.41 15.50
N GLY D 169 -31.65 -67.65 15.68
CA GLY D 169 -32.85 -68.11 15.00
C GLY D 169 -34.10 -67.37 15.44
N LYS D 170 -34.33 -67.29 16.76
CA LYS D 170 -35.52 -66.62 17.25
C LYS D 170 -35.46 -65.11 17.01
N VAL D 171 -34.29 -64.49 17.18
CA VAL D 171 -34.19 -63.06 16.89
C VAL D 171 -34.41 -62.80 15.40
N SER D 172 -33.78 -63.63 14.55
CA SER D 172 -33.98 -63.47 13.10
C SER D 172 -35.48 -63.55 12.82
N ILE D 173 -36.14 -64.50 13.47
CA ILE D 173 -37.60 -64.67 13.26
C ILE D 173 -38.26 -63.34 13.60
N ALA D 174 -38.03 -62.83 14.81
CA ALA D 174 -38.72 -61.60 15.25
C ALA D 174 -38.54 -60.48 14.24
N VAL D 175 -37.32 -60.31 13.72
CA VAL D 175 -37.10 -59.16 12.80
C VAL D 175 -37.90 -59.41 11.52
N ILE D 176 -37.78 -60.60 10.93
CA ILE D 176 -38.64 -60.91 9.76
C ILE D 176 -40.09 -60.66 10.19
N LYS D 177 -40.43 -60.91 11.47
CA LYS D 177 -41.78 -60.67 11.92
C LYS D 177 -42.06 -59.17 12.05
N GLY D 178 -41.06 -58.39 12.47
CA GLY D 178 -41.21 -56.94 12.54
C GLY D 178 -41.18 -56.25 11.19
N LEU D 179 -40.29 -56.69 10.30
CA LEU D 179 -40.14 -56.07 8.97
C LEU D 179 -41.42 -56.21 8.16
N THR D 180 -42.03 -57.38 8.24
CA THR D 180 -43.25 -57.63 7.48
C THR D 180 -44.42 -56.82 8.03
N TYR D 181 -44.47 -56.64 9.35
CA TYR D 181 -45.50 -55.80 9.96
C TYR D 181 -45.41 -54.37 9.42
N LEU D 182 -44.20 -53.82 9.38
CA LEU D 182 -44.02 -52.47 8.86
C LEU D 182 -44.39 -52.38 7.39
N ARG D 183 -44.02 -53.38 6.60
CA ARG D 183 -44.19 -53.29 5.15
C ARG D 183 -45.63 -53.54 4.72
N GLU D 184 -46.40 -54.32 5.49
CA GLU D 184 -47.77 -54.66 5.10
C GLU D 184 -48.79 -53.65 5.61
N LYS D 185 -48.77 -53.36 6.91
CA LYS D 185 -49.74 -52.45 7.51
C LYS D 185 -49.27 -51.00 7.47
N HIS D 186 -48.01 -50.73 7.16
CA HIS D 186 -47.55 -49.36 7.19
C HIS D 186 -46.83 -48.93 5.94
N LYS D 187 -46.40 -49.87 5.08
CA LYS D 187 -45.65 -49.55 3.87
C LYS D 187 -44.46 -48.67 4.19
N ILE D 188 -43.76 -49.03 5.26
CA ILE D 188 -42.65 -48.22 5.75
C ILE D 188 -41.45 -49.15 5.82
N MET D 189 -40.28 -48.59 5.59
CA MET D 189 -39.04 -49.34 5.64
C MET D 189 -38.29 -49.03 6.93
N HIS D 190 -37.46 -49.99 7.35
CA HIS D 190 -36.66 -49.78 8.55
C HIS D 190 -35.54 -48.78 8.30
N ARG D 191 -34.81 -48.96 7.20
CA ARG D 191 -33.78 -48.02 6.75
C ARG D 191 -32.53 -48.06 7.63
N ASP D 192 -32.55 -48.81 8.73
CA ASP D 192 -31.42 -48.75 9.65
C ASP D 192 -31.28 -50.06 10.44
N VAL D 193 -31.18 -51.20 9.75
CA VAL D 193 -31.08 -52.47 10.45
C VAL D 193 -29.66 -52.64 10.97
N LYS D 194 -29.52 -52.68 12.29
CA LYS D 194 -28.24 -52.81 12.95
C LYS D 194 -28.45 -53.58 14.24
N PRO D 195 -27.40 -54.18 14.79
CA PRO D 195 -27.55 -54.83 16.10
C PRO D 195 -28.05 -53.89 17.19
N SER D 196 -27.73 -52.60 17.08
CA SER D 196 -28.11 -51.61 18.09
C SER D 196 -29.52 -51.05 17.92
N ASN D 197 -30.20 -51.44 16.85
CA ASN D 197 -31.57 -50.92 16.58
C ASN D 197 -32.59 -51.98 16.96
N ILE D 198 -32.12 -53.15 17.38
CA ILE D 198 -33.05 -54.26 17.80
C ILE D 198 -33.02 -54.36 19.34
N LEU D 199 -34.19 -54.52 19.98
CA LEU D 199 -34.24 -54.51 21.47
C LEU D 199 -34.83 -55.81 22.05
N VAL D 200 -34.39 -56.20 23.25
CA VAL D 200 -34.81 -57.44 23.90
C VAL D 200 -35.22 -57.21 25.36
N ASN D 201 -36.13 -58.05 25.84
CA ASN D 201 -36.63 -58.03 27.21
C ASN D 201 -36.35 -59.37 27.87
N SER D 202 -36.31 -59.34 29.19
CA SER D 202 -36.17 -60.54 29.99
C SER D 202 -37.40 -61.43 29.88
N ARG D 203 -38.52 -60.89 29.41
CA ARG D 203 -39.73 -61.67 29.23
C ARG D 203 -39.71 -62.42 27.91
N GLY D 204 -38.63 -62.31 27.14
CA GLY D 204 -38.48 -63.02 25.88
C GLY D 204 -39.01 -62.29 24.67
N GLU D 205 -39.21 -60.97 24.74
CA GLU D 205 -39.68 -60.20 23.59
C GLU D 205 -38.49 -59.65 22.81
N ILE D 206 -38.60 -59.68 21.48
CA ILE D 206 -37.57 -59.20 20.57
C ILE D 206 -38.22 -58.19 19.64
N LYS D 207 -37.76 -56.94 19.72
CA LYS D 207 -38.45 -55.83 19.08
C LYS D 207 -37.47 -54.98 18.26
N LEU D 208 -38.06 -54.22 17.34
CA LEU D 208 -37.35 -53.35 16.41
C LEU D 208 -37.57 -51.88 16.78
N CYS D 209 -36.59 -51.03 16.46
CA CYS D 209 -36.74 -49.59 16.72
C CYS D 209 -35.85 -48.82 15.76
N ASP D 210 -36.02 -47.49 15.74
CA ASP D 210 -35.24 -46.60 14.87
C ASP D 210 -35.46 -46.89 13.39
N PHE D 211 -36.73 -47.01 13.00
CA PHE D 211 -37.05 -47.14 11.58
C PHE D 211 -37.60 -45.82 11.03
N GLY D 212 -37.60 -45.73 9.70
CA GLY D 212 -37.87 -44.47 9.04
C GLY D 212 -39.34 -44.11 8.93
N VAL D 213 -39.89 -43.53 9.99
CA VAL D 213 -41.28 -43.08 9.99
C VAL D 213 -41.42 -41.69 9.40
N SER D 214 -40.51 -40.80 9.77
CA SER D 214 -40.58 -39.39 9.38
C SER D 214 -39.60 -39.15 8.25
N GLY D 215 -40.12 -38.63 7.14
CA GLY D 215 -39.25 -38.32 5.99
C GLY D 215 -38.28 -37.21 6.33
N GLN D 216 -38.79 -36.14 6.94
CA GLN D 216 -37.92 -34.99 7.24
C GLN D 216 -36.80 -35.44 8.20
N LEU D 217 -37.17 -36.14 9.27
CA LEU D 217 -36.16 -36.66 10.21
C LEU D 217 -35.12 -37.41 9.37
N ILE D 218 -35.57 -38.31 8.50
CA ILE D 218 -34.64 -38.99 7.63
C ILE D 218 -33.68 -37.99 6.98
N ASP D 219 -34.24 -36.93 6.39
CA ASP D 219 -33.41 -35.90 5.76
C ASP D 219 -32.51 -35.20 6.76
N ALA D 220 -33.03 -34.92 7.96
CA ALA D 220 -32.28 -34.11 8.93
C ALA D 220 -31.05 -34.84 9.44
N MET D 221 -31.19 -36.12 9.76
CA MET D 221 -30.06 -36.82 10.41
C MET D 221 -28.99 -37.15 9.37
N ALA D 222 -29.30 -36.98 8.10
CA ALA D 222 -28.32 -37.38 7.06
C ALA D 222 -27.18 -36.37 7.02
N ASN D 223 -27.53 -35.09 6.99
CA ASN D 223 -26.50 -34.04 6.85
C ASN D 223 -25.90 -33.73 8.23
N ALA D 224 -26.01 -34.66 9.16
CA ALA D 224 -25.56 -34.34 10.52
C ALA D 224 -25.06 -35.57 11.27
N PHE D 225 -24.02 -36.24 10.77
CA PHE D 225 -23.44 -37.36 11.56
C PHE D 225 -22.23 -37.94 10.86
N VAL D 226 -21.57 -38.87 11.54
CA VAL D 226 -20.41 -39.59 10.94
C VAL D 226 -20.47 -41.01 11.53
N GLY D 227 -19.97 -42.01 10.81
CA GLY D 227 -20.09 -43.40 11.22
C GLY D 227 -18.79 -44.19 11.23
N THR D 228 -18.76 -45.19 12.12
CA THR D 228 -17.64 -46.10 12.29
C THR D 228 -17.87 -47.46 11.65
N ARG D 229 -19.13 -47.87 11.48
CA ARG D 229 -19.46 -49.10 10.80
C ARG D 229 -20.61 -48.82 9.84
N SER D 230 -20.95 -49.83 9.06
CA SER D 230 -22.05 -49.68 8.13
C SER D 230 -22.73 -51.02 7.92
N TYR D 231 -24.06 -51.00 7.98
CA TYR D 231 -24.88 -52.16 7.64
C TYR D 231 -25.73 -51.87 6.41
N MET D 232 -25.19 -51.02 5.53
CA MET D 232 -25.99 -50.54 4.38
C MET D 232 -25.83 -51.48 3.17
N SER D 233 -26.95 -51.77 2.50
CA SER D 233 -26.97 -52.64 1.36
C SER D 233 -26.17 -51.99 0.23
N PRO D 234 -25.45 -52.76 -0.58
CA PRO D 234 -24.60 -52.15 -1.61
C PRO D 234 -25.37 -51.33 -2.63
N GLU D 235 -26.68 -51.59 -2.80
CA GLU D 235 -27.44 -50.80 -3.76
C GLU D 235 -27.74 -49.40 -3.23
N ARG D 236 -27.89 -49.22 -1.92
CA ARG D 236 -28.10 -47.87 -1.41
C ARG D 236 -26.81 -47.06 -1.43
N LEU D 237 -25.64 -47.70 -1.34
CA LEU D 237 -24.40 -46.94 -1.43
C LEU D 237 -24.19 -46.33 -2.81
N GLN D 238 -24.70 -46.97 -3.86
CA GLN D 238 -24.45 -46.52 -5.23
C GLN D 238 -25.59 -45.68 -5.80
N GLY D 239 -26.68 -45.51 -5.06
CA GLY D 239 -27.74 -44.65 -5.49
C GLY D 239 -28.77 -45.33 -6.34
N THR D 240 -28.61 -46.63 -6.59
CA THR D 240 -29.63 -47.36 -7.32
C THR D 240 -30.83 -47.55 -6.41
N HIS D 241 -31.99 -47.76 -7.02
CA HIS D 241 -33.21 -47.84 -6.22
C HIS D 241 -33.23 -49.11 -5.39
N TYR D 242 -33.70 -48.97 -4.16
CA TYR D 242 -33.70 -49.98 -3.10
C TYR D 242 -35.11 -50.29 -2.63
N SER D 243 -35.25 -51.43 -1.96
CA SER D 243 -36.51 -51.79 -1.34
C SER D 243 -36.24 -52.44 0.02
N VAL D 244 -37.24 -53.19 0.51
CA VAL D 244 -37.18 -53.99 1.73
C VAL D 244 -36.00 -54.95 1.70
N GLN D 245 -35.57 -55.32 0.51
CA GLN D 245 -34.41 -56.20 0.36
C GLN D 245 -33.21 -55.61 1.10
N SER D 246 -33.09 -54.29 1.11
CA SER D 246 -31.97 -53.65 1.79
C SER D 246 -31.96 -53.97 3.27
N ASP D 247 -33.14 -54.02 3.89
CA ASP D 247 -33.23 -54.42 5.29
C ASP D 247 -32.80 -55.87 5.47
N ILE D 248 -33.06 -56.73 4.48
CA ILE D 248 -32.63 -58.12 4.56
C ILE D 248 -31.12 -58.22 4.49
N TRP D 249 -30.49 -57.46 3.59
CA TRP D 249 -29.04 -57.43 3.53
C TRP D 249 -28.46 -56.94 4.85
N SER D 250 -29.09 -55.93 5.45
CA SER D 250 -28.64 -55.44 6.73
C SER D 250 -28.83 -56.49 7.82
N MET D 251 -29.93 -57.24 7.76
CA MET D 251 -30.11 -58.37 8.66
C MET D 251 -28.98 -59.38 8.53
N GLY D 252 -28.71 -59.81 7.29
CA GLY D 252 -27.68 -60.80 7.08
C GLY D 252 -26.34 -60.33 7.61
N LEU D 253 -26.03 -59.05 7.43
CA LEU D 253 -24.78 -58.51 7.92
C LEU D 253 -24.75 -58.47 9.44
N SER D 254 -25.90 -58.17 10.07
CA SER D 254 -25.96 -58.19 11.52
C SER D 254 -25.81 -59.61 12.05
N LEU D 255 -26.39 -60.58 11.36
CA LEU D 255 -26.34 -61.96 11.82
C LEU D 255 -24.91 -62.49 11.81
N VAL D 256 -24.17 -62.25 10.72
CA VAL D 256 -22.78 -62.71 10.65
C VAL D 256 -21.97 -62.09 11.77
N GLU D 257 -22.13 -60.77 11.97
CA GLU D 257 -21.40 -60.08 13.03
C GLU D 257 -21.75 -60.62 14.41
N MET D 258 -23.00 -61.02 14.59
CA MET D 258 -23.42 -61.46 15.94
C MET D 258 -22.98 -62.91 16.14
N ALA D 259 -22.64 -63.61 15.06
CA ALA D 259 -22.25 -65.02 15.15
C ALA D 259 -20.76 -65.16 15.50
N VAL D 260 -19.87 -64.61 14.67
CA VAL D 260 -18.40 -64.75 14.90
C VAL D 260 -18.00 -63.94 16.13
N GLY D 261 -18.57 -62.74 16.31
CA GLY D 261 -18.17 -61.88 17.42
C GLY D 261 -17.32 -60.73 16.92
N ARG D 262 -17.39 -60.46 15.61
CA ARG D 262 -16.61 -59.35 15.02
C ARG D 262 -17.35 -58.83 13.78
N TYR D 263 -17.14 -57.56 13.44
CA TYR D 263 -17.74 -56.98 12.22
C TYR D 263 -17.23 -57.78 11.04
N PRO D 264 -18.08 -58.19 10.07
CA PRO D 264 -17.62 -59.07 8.96
C PRO D 264 -16.98 -58.32 7.79
N ILE D 265 -17.34 -57.06 7.56
CA ILE D 265 -16.87 -56.32 6.35
C ILE D 265 -15.37 -56.60 6.11
N PRO D 266 -14.43 -56.30 7.03
CA PRO D 266 -13.01 -56.71 6.85
C PRO D 266 -12.96 -58.18 7.19
N PRO D 267 -12.95 -59.12 6.21
CA PRO D 267 -13.08 -60.55 6.56
C PRO D 267 -11.97 -61.00 7.48
N PRO D 268 -12.28 -61.86 8.44
CA PRO D 268 -11.30 -62.17 9.50
C PRO D 268 -10.09 -62.90 8.96
N ASP D 269 -8.92 -62.61 9.55
CA ASP D 269 -7.66 -63.28 9.22
C ASP D 269 -7.80 -64.75 9.55
N ALA D 270 -7.06 -65.56 8.80
CA ALA D 270 -6.95 -66.99 9.03
C ALA D 270 -6.62 -67.29 10.47
N LYS D 271 -6.02 -66.32 11.15
CA LYS D 271 -5.78 -66.50 12.57
C LYS D 271 -7.06 -66.24 13.35
N GLU D 272 -7.67 -65.05 13.15
CA GLU D 272 -8.74 -64.62 14.05
C GLU D 272 -9.87 -65.64 14.12
N LEU D 273 -10.05 -66.46 13.08
CA LEU D 273 -11.03 -67.53 13.20
C LEU D 273 -10.64 -68.48 14.33
N GLU D 274 -9.44 -69.03 14.27
CA GLU D 274 -8.91 -69.93 15.30
C GLU D 274 -8.22 -69.19 16.46
N LEU D 275 -8.82 -68.16 17.05
CA LEU D 275 -8.19 -67.50 18.20
C LEU D 275 -8.80 -67.96 19.50
N PRO D 309 -7.42 -50.78 11.91
CA PRO D 309 -8.86 -50.85 11.65
C PRO D 309 -9.25 -50.08 10.40
N MET D 310 -10.43 -50.40 9.88
CA MET D 310 -10.91 -49.84 8.63
C MET D 310 -11.58 -48.48 8.84
N ALA D 311 -11.35 -47.57 7.89
CA ALA D 311 -12.12 -46.34 7.87
C ALA D 311 -13.51 -46.61 7.30
N ILE D 312 -14.42 -45.66 7.51
CA ILE D 312 -15.80 -45.86 7.08
C ILE D 312 -15.87 -46.02 5.57
N PHE D 313 -15.09 -45.21 4.83
CA PHE D 313 -15.11 -45.32 3.37
C PHE D 313 -14.48 -46.63 2.92
N GLU D 314 -13.38 -47.03 3.56
CA GLU D 314 -12.72 -48.28 3.18
C GLU D 314 -13.64 -49.47 3.38
N LEU D 315 -14.54 -49.41 4.37
CA LEU D 315 -15.57 -50.43 4.52
C LEU D 315 -16.57 -50.36 3.38
N LEU D 316 -17.18 -49.20 3.15
CA LEU D 316 -18.14 -49.06 2.07
C LEU D 316 -17.53 -49.42 0.72
N ASP D 317 -16.25 -49.11 0.52
CA ASP D 317 -15.58 -49.53 -0.70
C ASP D 317 -15.53 -51.05 -0.78
N TYR D 318 -15.30 -51.72 0.35
CA TYR D 318 -15.25 -53.18 0.34
C TYR D 318 -16.64 -53.78 0.09
N ILE D 319 -17.67 -53.25 0.76
CA ILE D 319 -19.02 -53.79 0.65
C ILE D 319 -19.54 -53.69 -0.79
N VAL D 320 -18.99 -52.79 -1.60
CA VAL D 320 -19.45 -52.66 -2.97
C VAL D 320 -18.64 -53.51 -3.93
N ASN D 321 -17.35 -53.74 -3.65
CA ASN D 321 -16.43 -54.32 -4.61
C ASN D 321 -16.15 -55.81 -4.40
N GLU D 322 -15.82 -56.22 -3.17
CA GLU D 322 -15.34 -57.57 -2.91
C GLU D 322 -16.46 -58.47 -2.40
N PRO D 323 -16.29 -59.80 -2.45
CA PRO D 323 -17.41 -60.70 -2.18
C PRO D 323 -17.98 -60.49 -0.79
N PRO D 324 -19.28 -60.77 -0.62
CA PRO D 324 -19.94 -60.60 0.69
C PRO D 324 -19.44 -61.58 1.71
N PRO D 325 -19.70 -61.35 3.00
CA PRO D 325 -19.23 -62.27 4.04
C PRO D 325 -20.02 -63.57 4.10
N LYS D 326 -19.40 -64.57 4.73
CA LYS D 326 -19.98 -65.90 4.91
C LYS D 326 -19.67 -66.39 6.33
N LEU D 327 -20.41 -67.42 6.76
CA LEU D 327 -20.07 -68.04 8.04
C LEU D 327 -18.86 -68.95 7.88
N PRO D 328 -17.93 -68.93 8.84
CA PRO D 328 -16.70 -69.74 8.74
C PRO D 328 -16.95 -71.25 8.78
N SER D 329 -16.34 -71.95 7.83
CA SER D 329 -16.39 -73.41 7.67
C SER D 329 -17.77 -74.00 7.96
N GLY D 330 -17.83 -75.03 8.80
CA GLY D 330 -19.07 -75.66 9.17
C GLY D 330 -19.31 -75.78 10.66
N VAL D 331 -19.06 -74.67 11.39
CA VAL D 331 -19.26 -74.65 12.84
C VAL D 331 -20.71 -74.34 13.15
N PHE D 332 -21.45 -73.92 12.12
CA PHE D 332 -22.87 -73.62 12.20
C PHE D 332 -23.55 -74.62 11.28
N SER D 333 -24.88 -74.69 11.37
CA SER D 333 -25.65 -75.59 10.48
C SER D 333 -25.53 -75.07 9.04
N LEU D 334 -25.21 -75.95 8.10
CA LEU D 334 -25.00 -75.52 6.69
C LEU D 334 -26.17 -74.63 6.26
N GLU D 335 -27.41 -75.03 6.58
CA GLU D 335 -28.58 -74.26 6.09
C GLU D 335 -28.58 -72.86 6.72
N PHE D 336 -28.31 -72.77 8.02
CA PHE D 336 -28.22 -71.42 8.64
C PHE D 336 -27.22 -70.61 7.86
N GLN D 337 -26.07 -71.23 7.59
CA GLN D 337 -25.02 -70.50 6.86
C GLN D 337 -25.67 -69.97 5.56
N ASP D 338 -26.47 -70.80 4.90
CA ASP D 338 -27.08 -70.40 3.61
C ASP D 338 -28.08 -69.25 3.84
N PHE D 339 -28.80 -69.28 4.95
CA PHE D 339 -29.80 -68.28 5.28
C PHE D 339 -29.25 -66.89 5.02
N VAL D 340 -28.07 -66.62 5.59
CA VAL D 340 -27.41 -65.35 5.37
C VAL D 340 -26.78 -65.30 3.98
N ASN D 341 -26.32 -66.43 3.44
CA ASN D 341 -25.70 -66.37 2.11
C ASN D 341 -26.73 -65.97 1.06
N LYS D 342 -27.99 -66.36 1.27
CA LYS D 342 -29.08 -65.89 0.40
C LYS D 342 -29.51 -64.48 0.74
N CYS D 343 -29.24 -64.01 1.96
CA CYS D 343 -29.53 -62.63 2.33
C CYS D 343 -28.43 -61.66 1.90
N LEU D 344 -27.19 -62.16 1.75
CA LEU D 344 -26.02 -61.35 1.45
C LEU D 344 -25.67 -61.43 -0.02
N ILE D 345 -26.67 -61.75 -0.86
CA ILE D 345 -26.53 -61.65 -2.31
C ILE D 345 -26.37 -60.19 -2.69
N LYS D 346 -25.47 -59.93 -3.64
CA LYS D 346 -25.29 -58.52 -4.10
C LYS D 346 -26.54 -58.11 -4.89
N ASN D 347 -26.80 -58.77 -6.04
CA ASN D 347 -27.94 -58.36 -6.89
C ASN D 347 -29.23 -58.44 -6.07
N PRO D 348 -29.94 -57.32 -5.85
CA PRO D 348 -31.18 -57.29 -5.03
C PRO D 348 -32.21 -58.28 -5.56
N ALA D 349 -32.27 -58.43 -6.89
CA ALA D 349 -33.31 -59.30 -7.50
C ALA D 349 -33.08 -60.76 -7.10
N GLU D 350 -31.87 -61.27 -7.34
CA GLU D 350 -31.58 -62.69 -7.03
C GLU D 350 -31.18 -62.80 -5.56
N ARG D 351 -31.85 -62.03 -4.69
CA ARG D 351 -31.52 -62.05 -3.25
C ARG D 351 -32.75 -62.53 -2.48
N ALA D 352 -32.55 -62.98 -1.24
CA ALA D 352 -33.65 -63.51 -0.42
C ALA D 352 -34.82 -62.52 -0.30
N ASP D 353 -36.01 -63.03 -0.01
CA ASP D 353 -37.19 -62.16 0.17
C ASP D 353 -37.72 -62.38 1.59
N LEU D 354 -38.62 -61.51 2.06
CA LEU D 354 -39.13 -61.61 3.46
C LEU D 354 -39.82 -62.97 3.67
N LYS D 355 -40.74 -63.34 2.78
CA LYS D 355 -41.46 -64.63 2.91
C LYS D 355 -40.51 -65.78 2.57
N GLN D 356 -39.79 -65.66 1.45
CA GLN D 356 -38.81 -66.70 1.05
C GLN D 356 -38.07 -67.18 2.30
N LEU D 357 -37.75 -66.23 3.20
CA LEU D 357 -37.02 -66.61 4.43
C LEU D 357 -38.02 -67.21 5.44
N MET D 358 -39.23 -66.66 5.51
CA MET D 358 -40.27 -67.20 6.41
C MET D 358 -40.57 -68.66 6.02
N VAL D 359 -40.12 -69.08 4.83
CA VAL D 359 -40.31 -70.49 4.41
C VAL D 359 -38.94 -71.11 4.15
N HIS D 360 -37.85 -70.39 4.45
CA HIS D 360 -36.56 -71.01 4.29
C HIS D 360 -36.47 -72.12 5.33
N ALA D 361 -35.64 -73.11 5.09
CA ALA D 361 -35.67 -74.22 6.04
C ALA D 361 -35.05 -73.88 7.39
N PHE D 362 -34.22 -72.84 7.45
CA PHE D 362 -33.52 -72.57 8.74
C PHE D 362 -34.51 -72.07 9.79
N ILE D 363 -35.55 -71.33 9.38
CA ILE D 363 -36.47 -70.72 10.37
C ILE D 363 -37.40 -71.83 10.92
N LYS D 364 -38.01 -72.61 10.04
CA LYS D 364 -38.85 -73.72 10.48
C LYS D 364 -38.08 -74.65 11.40
N ARG D 365 -36.75 -74.62 11.28
CA ARG D 365 -35.92 -75.28 12.28
C ARG D 365 -36.06 -74.63 13.65
N SER D 366 -36.01 -73.28 13.74
CA SER D 366 -36.11 -72.62 15.05
C SER D 366 -37.53 -72.45 15.60
N ASP D 367 -38.52 -72.08 14.79
CA ASP D 367 -39.84 -71.78 15.37
C ASP D 367 -40.44 -73.01 16.06
N ALA D 368 -40.10 -74.21 15.61
CA ALA D 368 -40.66 -75.37 16.29
C ALA D 368 -39.89 -75.63 17.58
N GLU D 369 -38.58 -75.40 17.53
CA GLU D 369 -37.71 -75.54 18.69
C GLU D 369 -37.87 -74.36 19.66
N GLU D 370 -38.33 -74.64 20.88
CA GLU D 370 -38.45 -73.58 21.91
C GLU D 370 -37.14 -73.50 22.70
N VAL D 371 -36.53 -72.31 22.79
CA VAL D 371 -35.24 -72.14 23.51
C VAL D 371 -35.43 -71.16 24.69
N ASP D 372 -34.63 -71.31 25.75
CA ASP D 372 -34.79 -70.46 26.96
C ASP D 372 -34.15 -69.09 26.70
N PHE D 373 -34.67 -68.37 25.71
CA PHE D 373 -34.08 -67.05 25.36
C PHE D 373 -34.13 -66.17 26.57
N ALA D 374 -35.32 -66.02 27.14
CA ALA D 374 -35.49 -65.12 28.30
C ALA D 374 -34.48 -65.48 29.38
N GLY D 375 -34.44 -66.76 29.79
CA GLY D 375 -33.44 -67.11 30.78
C GLY D 375 -32.03 -66.76 30.33
N TRP D 376 -31.67 -67.15 29.11
CA TRP D 376 -30.32 -66.91 28.61
C TRP D 376 -29.96 -65.43 28.66
N LEU D 377 -30.94 -64.54 28.44
CA LEU D 377 -30.62 -63.12 28.44
C LEU D 377 -30.21 -62.67 29.84
N CYS D 378 -31.04 -62.91 30.85
CA CYS D 378 -30.67 -62.54 32.22
C CYS D 378 -29.57 -63.42 32.78
N SER D 379 -29.31 -64.57 32.18
CA SER D 379 -28.17 -65.37 32.64
C SER D 379 -26.86 -64.74 32.21
N THR D 380 -26.87 -64.02 31.08
CA THR D 380 -25.66 -63.44 30.55
C THR D 380 -25.54 -61.93 30.82
N ILE D 381 -26.61 -61.28 31.30
CA ILE D 381 -26.53 -59.88 31.71
C ILE D 381 -26.76 -59.72 33.21
N GLY D 382 -27.70 -60.47 33.79
CA GLY D 382 -28.07 -60.28 35.18
C GLY D 382 -29.32 -59.45 35.36
N SER E 4 5.24 -9.33 -38.68
CA SER E 4 5.27 -8.40 -37.56
C SER E 4 6.69 -8.21 -37.04
N ASP E 5 7.15 -6.97 -37.02
CA ASP E 5 8.51 -6.65 -36.56
C ASP E 5 8.49 -5.34 -35.78
N ASP E 6 7.57 -5.25 -34.83
CA ASP E 6 7.45 -4.05 -34.01
C ASP E 6 8.66 -3.92 -33.09
N TRP E 7 8.95 -2.67 -32.71
CA TRP E 7 10.06 -2.18 -31.89
C TRP E 7 11.35 -2.09 -32.69
N GLU E 8 11.34 -2.41 -33.98
CA GLU E 8 12.49 -2.15 -34.83
C GLU E 8 12.46 -0.71 -35.30
N ILE E 9 13.60 -0.02 -35.16
CA ILE E 9 13.72 1.39 -35.50
C ILE E 9 14.61 1.52 -36.74
N GLU E 10 14.15 2.28 -37.73
CA GLU E 10 14.97 2.50 -38.91
C GLU E 10 16.10 3.46 -38.55
N ALA E 11 17.32 3.12 -38.97
CA ALA E 11 18.50 3.84 -38.53
C ALA E 11 18.51 5.31 -38.98
N SER E 12 17.89 5.62 -40.12
CA SER E 12 17.88 7.00 -40.58
C SER E 12 17.09 7.93 -39.67
N GLU E 13 16.21 7.38 -38.83
CA GLU E 13 15.35 8.19 -37.99
C GLU E 13 16.05 8.71 -36.74
N VAL E 14 17.14 8.08 -36.34
CA VAL E 14 17.87 8.43 -35.13
C VAL E 14 19.17 9.11 -35.55
N MET E 15 19.50 10.22 -34.90
CA MET E 15 20.71 10.97 -35.19
C MET E 15 21.66 10.86 -34.02
N LEU E 16 22.81 10.23 -34.25
CA LEU E 16 23.81 10.08 -33.21
C LEU E 16 24.54 11.41 -33.03
N SER E 17 24.55 11.91 -31.79
CA SER E 17 25.21 13.17 -31.47
C SER E 17 26.55 12.89 -30.81
N THR E 18 26.57 12.79 -29.48
CA THR E 18 27.82 12.64 -28.76
C THR E 18 28.08 11.17 -28.48
N ARG E 19 29.34 10.83 -28.31
CA ARG E 19 29.77 9.49 -27.94
C ARG E 19 30.05 9.50 -26.45
N ILE E 20 29.37 8.62 -25.71
CA ILE E 20 29.41 8.68 -24.26
C ILE E 20 30.46 7.75 -23.69
N GLY E 21 30.86 6.74 -24.44
CA GLY E 21 31.83 5.79 -23.93
C GLY E 21 31.58 4.42 -24.51
N SER E 22 32.57 3.55 -24.33
CA SER E 22 32.52 2.20 -24.87
C SER E 22 32.60 1.25 -23.69
N GLY E 23 31.60 0.39 -23.58
CA GLY E 23 31.48 -0.57 -22.49
C GLY E 23 32.12 -1.89 -22.81
N SER E 24 31.48 -2.98 -22.41
CA SER E 24 32.08 -4.28 -22.65
C SER E 24 31.60 -4.93 -23.94
N PHE E 25 30.34 -4.70 -24.31
CA PHE E 25 29.82 -5.39 -25.51
C PHE E 25 29.63 -4.37 -26.65
N GLY E 26 29.72 -3.07 -26.36
CA GLY E 26 29.45 -2.09 -27.39
C GLY E 26 29.77 -0.68 -26.96
N THR E 27 29.26 0.28 -27.74
CA THR E 27 29.51 1.70 -27.57
C THR E 27 28.20 2.46 -27.42
N VAL E 28 28.19 3.45 -26.53
CA VAL E 28 26.98 4.19 -26.17
C VAL E 28 27.09 5.61 -26.72
N TYR E 29 26.15 5.99 -27.58
CA TYR E 29 26.04 7.34 -28.10
C TYR E 29 24.77 7.98 -27.56
N LYS E 30 24.84 9.26 -27.21
CA LYS E 30 23.63 10.04 -27.03
C LYS E 30 23.07 10.40 -28.40
N GLY E 31 21.74 10.39 -28.51
CA GLY E 31 21.12 10.58 -29.82
C GLY E 31 19.78 11.27 -29.78
N LYS E 32 19.11 11.35 -30.93
CA LYS E 32 17.81 12.00 -31.05
C LYS E 32 16.87 11.10 -31.84
N TRP E 33 15.72 10.79 -31.24
CA TRP E 33 14.67 10.03 -31.91
C TRP E 33 13.38 10.28 -31.12
N HIS E 34 12.61 11.27 -31.58
CA HIS E 34 11.46 11.78 -30.83
C HIS E 34 11.89 12.23 -29.43
N GLY E 35 12.90 13.10 -29.40
CA GLY E 35 13.50 13.54 -28.16
C GLY E 35 14.82 12.84 -27.88
N ASP E 36 15.40 13.19 -26.74
CA ASP E 36 16.67 12.61 -26.32
C ASP E 36 16.57 11.09 -26.19
N VAL E 37 17.66 10.41 -26.55
CA VAL E 37 17.70 8.96 -26.53
C VAL E 37 19.14 8.51 -26.31
N ALA E 38 19.30 7.26 -25.88
CA ALA E 38 20.61 6.61 -25.76
C ALA E 38 20.66 5.43 -26.71
N VAL E 39 21.74 5.32 -27.48
CA VAL E 39 21.94 4.25 -28.44
C VAL E 39 23.21 3.49 -28.09
N LYS E 40 23.07 2.19 -27.84
CA LYS E 40 24.22 1.32 -27.62
C LYS E 40 24.38 0.40 -28.82
N ILE E 41 25.47 0.59 -29.57
CA ILE E 41 25.78 -0.24 -30.71
C ILE E 41 26.81 -1.27 -30.30
N LEU E 42 26.50 -2.53 -30.58
CA LEU E 42 27.36 -3.64 -30.21
C LEU E 42 28.53 -3.74 -31.17
N LYS E 43 29.74 -3.81 -30.62
CA LYS E 43 30.95 -3.98 -31.43
C LYS E 43 31.09 -5.43 -31.87
N VAL E 44 30.21 -5.79 -32.79
CA VAL E 44 30.19 -7.09 -33.47
C VAL E 44 30.18 -6.75 -34.96
N VAL E 45 31.22 -7.14 -35.68
CA VAL E 45 31.40 -6.62 -37.03
C VAL E 45 30.68 -7.46 -38.07
N ASP E 46 30.71 -8.79 -37.90
CA ASP E 46 30.11 -9.74 -38.83
C ASP E 46 29.23 -10.75 -38.07
N PRO E 47 27.99 -10.41 -37.78
CA PRO E 47 27.16 -11.27 -36.93
C PRO E 47 26.75 -12.54 -37.66
N THR E 48 27.00 -13.72 -36.99
CA THR E 48 26.68 -15.07 -37.45
C THR E 48 25.18 -15.34 -37.29
N PRO E 49 24.63 -16.23 -38.10
CA PRO E 49 23.21 -16.62 -37.94
C PRO E 49 22.80 -16.86 -36.48
N GLU E 50 23.68 -17.46 -35.67
CA GLU E 50 23.37 -17.60 -34.23
C GLU E 50 23.49 -16.29 -33.47
N GLN E 51 24.54 -15.49 -33.72
CA GLN E 51 24.66 -14.24 -32.96
C GLN E 51 23.43 -13.36 -33.20
N PHE E 52 22.78 -13.51 -34.35
CA PHE E 52 21.50 -12.85 -34.59
C PHE E 52 20.42 -13.37 -33.64
N GLN E 53 20.42 -14.70 -33.40
CA GLN E 53 19.38 -15.31 -32.58
C GLN E 53 19.57 -14.96 -31.10
N ALA E 54 20.82 -14.99 -30.61
CA ALA E 54 21.07 -14.54 -29.25
C ALA E 54 20.67 -13.08 -29.05
N PHE E 55 20.83 -12.26 -30.09
CA PHE E 55 20.41 -10.86 -30.00
C PHE E 55 18.89 -10.75 -29.97
N ARG E 56 18.20 -11.45 -30.88
CA ARG E 56 16.75 -11.44 -30.84
C ARG E 56 16.20 -12.03 -29.54
N ASN E 57 16.96 -12.91 -28.89
CA ASN E 57 16.52 -13.42 -27.59
C ASN E 57 16.71 -12.37 -26.51
N GLU E 58 17.89 -11.74 -26.47
CA GLU E 58 18.15 -10.72 -25.46
C GLU E 58 17.18 -9.55 -25.60
N VAL E 59 16.73 -9.26 -26.83
CA VAL E 59 15.70 -8.24 -27.02
C VAL E 59 14.37 -8.71 -26.46
N ALA E 60 14.07 -10.00 -26.61
CA ALA E 60 12.83 -10.56 -26.08
C ALA E 60 12.76 -10.37 -24.57
N VAL E 61 13.90 -10.45 -23.87
CA VAL E 61 13.92 -10.20 -22.44
C VAL E 61 13.66 -8.73 -22.16
N LEU E 62 14.31 -7.86 -22.93
CA LEU E 62 14.07 -6.43 -22.79
C LEU E 62 12.62 -6.07 -23.09
N ARG E 63 11.98 -6.82 -24.00
CA ARG E 63 10.58 -6.57 -24.35
C ARG E 63 9.64 -6.77 -23.17
N LYS E 64 10.10 -7.38 -22.10
CA LYS E 64 9.28 -7.75 -20.96
C LYS E 64 9.42 -6.83 -19.76
N THR E 65 10.25 -5.78 -19.84
CA THR E 65 10.50 -4.91 -18.70
C THR E 65 9.77 -3.58 -18.92
N ARG E 66 8.85 -3.26 -18.01
CA ARG E 66 8.21 -1.95 -17.95
C ARG E 66 8.09 -1.58 -16.47
N HIS E 67 9.05 -0.82 -15.97
CA HIS E 67 9.09 -0.47 -14.55
C HIS E 67 9.90 0.80 -14.38
N VAL E 68 9.46 1.67 -13.47
CA VAL E 68 10.05 3.00 -13.34
C VAL E 68 11.49 2.97 -12.84
N ASN E 69 11.95 1.84 -12.32
CA ASN E 69 13.33 1.70 -11.87
C ASN E 69 14.16 0.86 -12.84
N ILE E 70 13.59 0.44 -13.95
CA ILE E 70 14.30 -0.24 -15.01
C ILE E 70 14.44 0.72 -16.19
N LEU E 71 15.64 0.79 -16.76
CA LEU E 71 15.88 1.63 -17.93
C LEU E 71 14.88 1.30 -19.02
N LEU E 72 14.26 2.33 -19.59
CA LEU E 72 13.12 2.13 -20.49
C LEU E 72 13.63 1.70 -21.85
N PHE E 73 13.47 0.42 -22.17
CA PHE E 73 13.75 -0.07 -23.52
C PHE E 73 12.80 0.57 -24.52
N MET E 74 13.32 0.90 -25.70
CA MET E 74 12.59 1.68 -26.69
C MET E 74 12.58 1.05 -28.06
N GLY E 75 13.64 0.33 -28.42
CA GLY E 75 13.68 -0.34 -29.70
C GLY E 75 15.05 -0.89 -30.00
N TYR E 76 15.16 -1.50 -31.17
CA TYR E 76 16.42 -2.11 -31.58
C TYR E 76 16.63 -1.88 -33.07
N MET E 77 17.88 -2.05 -33.46
CA MET E 77 18.30 -1.96 -34.85
C MET E 77 19.14 -3.19 -35.15
N THR E 78 18.79 -3.94 -36.20
CA THR E 78 19.47 -5.19 -36.52
C THR E 78 20.01 -5.20 -37.94
N LYS E 79 19.74 -4.15 -38.71
CA LYS E 79 20.07 -4.10 -40.13
C LYS E 79 21.54 -3.78 -40.32
N ASP E 80 21.89 -2.49 -40.24
CA ASP E 80 23.27 -2.09 -40.49
C ASP E 80 24.18 -2.51 -39.35
N ASN E 81 23.66 -2.50 -38.13
CA ASN E 81 24.42 -2.88 -36.95
C ASN E 81 23.44 -3.37 -35.91
N LEU E 82 23.97 -4.04 -34.89
CA LEU E 82 23.13 -4.52 -33.78
C LEU E 82 23.17 -3.46 -32.69
N ALA E 83 22.02 -2.89 -32.37
CA ALA E 83 21.97 -1.81 -31.41
C ALA E 83 20.67 -1.85 -30.63
N ILE E 84 20.73 -1.30 -29.41
CA ILE E 84 19.57 -1.15 -28.55
C ILE E 84 19.39 0.34 -28.23
N VAL E 85 18.16 0.81 -28.36
CA VAL E 85 17.79 2.20 -28.09
C VAL E 85 16.99 2.25 -26.79
N THR E 86 17.42 3.11 -25.86
CA THR E 86 16.74 3.30 -24.59
C THR E 86 16.53 4.79 -24.35
N GLN E 87 15.79 5.10 -23.27
CA GLN E 87 15.66 6.48 -22.82
C GLN E 87 17.03 7.05 -22.48
N TRP E 88 17.11 8.38 -22.49
CA TRP E 88 18.31 9.08 -22.05
C TRP E 88 18.11 9.53 -20.62
N CYS E 89 19.03 9.16 -19.74
CA CYS E 89 18.94 9.58 -18.34
C CYS E 89 19.77 10.83 -18.17
N GLU E 90 19.13 11.91 -17.72
CA GLU E 90 19.88 13.12 -17.42
C GLU E 90 20.52 12.99 -16.05
N GLY E 91 21.77 13.43 -15.96
CA GLY E 91 22.53 13.36 -14.73
C GLY E 91 23.68 12.38 -14.90
N SER E 92 24.34 12.09 -13.78
CA SER E 92 25.44 11.15 -13.81
C SER E 92 25.01 9.80 -13.25
N SER E 93 25.91 8.83 -13.37
CA SER E 93 25.72 7.52 -12.79
C SER E 93 25.94 7.57 -11.28
N LEU E 94 25.50 6.51 -10.60
CA LEU E 94 25.71 6.43 -9.17
C LEU E 94 27.21 6.34 -8.84
N TYR E 95 27.98 5.68 -9.71
CA TYR E 95 29.42 5.65 -9.54
C TYR E 95 30.01 7.06 -9.56
N LYS E 96 29.63 7.85 -10.57
CA LYS E 96 30.16 9.20 -10.68
C LYS E 96 29.78 10.05 -9.48
N HIS E 97 28.55 9.88 -8.99
CA HIS E 97 28.09 10.62 -7.81
C HIS E 97 28.95 10.32 -6.59
N LEU E 98 29.24 9.03 -6.35
CA LEU E 98 29.90 8.60 -5.12
C LEU E 98 31.42 8.67 -5.17
N HIS E 99 32.01 8.56 -6.36
CA HIS E 99 33.44 8.35 -6.48
C HIS E 99 34.17 9.41 -7.31
N VAL E 100 33.46 10.25 -8.05
CA VAL E 100 34.09 11.28 -8.85
C VAL E 100 33.68 12.66 -8.34
N GLN E 101 32.39 12.97 -8.51
CA GLN E 101 31.84 14.25 -8.11
C GLN E 101 31.74 14.41 -6.59
N GLU E 102 31.66 13.30 -5.86
CA GLU E 102 31.55 13.30 -4.40
C GLU E 102 30.36 14.12 -3.92
N THR E 103 29.19 13.88 -4.54
CA THR E 103 27.98 14.59 -4.16
C THR E 103 27.60 14.26 -2.72
N LYS E 104 27.16 15.29 -1.99
CA LYS E 104 26.94 15.16 -0.54
C LYS E 104 25.51 14.66 -0.31
N PHE E 105 25.32 13.37 -0.57
CA PHE E 105 24.04 12.75 -0.26
C PHE E 105 23.83 12.69 1.25
N GLN E 106 22.60 12.89 1.68
CA GLN E 106 22.22 12.67 3.05
C GLN E 106 21.81 11.22 3.22
N MET E 107 21.73 10.77 4.48
CA MET E 107 21.45 9.36 4.73
C MET E 107 20.06 8.97 4.21
N PHE E 108 19.10 9.89 4.29
CA PHE E 108 17.75 9.58 3.81
C PHE E 108 17.72 9.44 2.29
N GLN E 109 18.65 10.08 1.57
CA GLN E 109 18.74 9.89 0.13
C GLN E 109 19.44 8.58 -0.21
N LEU E 110 20.50 8.25 0.53
CA LEU E 110 21.20 6.98 0.31
C LEU E 110 20.27 5.79 0.50
N ILE E 111 19.42 5.84 1.52
CA ILE E 111 18.46 4.75 1.75
C ILE E 111 17.45 4.70 0.62
N ASP E 112 17.05 5.87 0.11
CA ASP E 112 16.10 5.92 -1.02
C ASP E 112 16.70 5.28 -2.27
N ILE E 113 17.97 5.59 -2.55
CA ILE E 113 18.64 4.95 -3.67
C ILE E 113 18.67 3.44 -3.49
N ALA E 114 18.94 2.99 -2.25
CA ALA E 114 18.92 1.56 -1.95
C ALA E 114 17.54 0.95 -2.19
N ARG E 115 16.48 1.65 -1.78
CA ARG E 115 15.14 1.07 -1.91
C ARG E 115 14.76 0.93 -3.39
N GLN E 116 14.97 2.01 -4.16
CA GLN E 116 14.60 1.98 -5.57
C GLN E 116 15.37 0.92 -6.35
N THR E 117 16.67 0.82 -6.10
CA THR E 117 17.46 -0.24 -6.74
C THR E 117 16.93 -1.62 -6.39
N ALA E 118 16.58 -1.83 -5.12
CA ALA E 118 15.98 -3.10 -4.73
C ALA E 118 14.62 -3.29 -5.37
N GLN E 119 13.88 -2.19 -5.54
CA GLN E 119 12.58 -2.26 -6.21
C GLN E 119 12.72 -2.71 -7.65
N GLY E 120 13.73 -2.19 -8.35
CA GLY E 120 13.97 -2.64 -9.71
C GLY E 120 14.40 -4.09 -9.78
N MET E 121 15.32 -4.50 -8.91
CA MET E 121 15.77 -5.89 -8.94
C MET E 121 14.66 -6.86 -8.58
N ASP E 122 13.81 -6.50 -7.61
CA ASP E 122 12.68 -7.36 -7.28
C ASP E 122 11.79 -7.57 -8.50
N TYR E 123 11.57 -6.51 -9.29
CA TYR E 123 10.80 -6.65 -10.51
C TYR E 123 11.48 -7.58 -11.51
N LEU E 124 12.80 -7.42 -11.67
CA LEU E 124 13.53 -8.25 -12.62
C LEU E 124 13.48 -9.72 -12.24
N HIS E 125 13.76 -10.02 -10.96
CA HIS E 125 13.72 -11.41 -10.50
C HIS E 125 12.30 -11.98 -10.57
N ALA E 126 11.29 -11.15 -10.30
CA ALA E 126 9.92 -11.61 -10.45
C ALA E 126 9.58 -11.96 -11.89
N LYS E 127 10.34 -11.42 -12.85
CA LYS E 127 10.20 -11.75 -14.26
C LYS E 127 11.24 -12.77 -14.73
N ASN E 128 11.94 -13.41 -13.79
CA ASN E 128 12.95 -14.42 -14.10
C ASN E 128 14.06 -13.84 -14.98
N ILE E 129 14.51 -12.64 -14.63
CA ILE E 129 15.62 -11.98 -15.30
C ILE E 129 16.73 -11.78 -14.29
N ILE E 130 17.93 -12.25 -14.63
CA ILE E 130 19.12 -12.07 -13.81
C ILE E 130 20.01 -11.03 -14.46
N HIS E 131 20.42 -10.03 -13.69
CA HIS E 131 21.18 -8.92 -14.23
C HIS E 131 22.56 -9.37 -14.70
N ARG E 132 23.26 -10.15 -13.86
CA ARG E 132 24.53 -10.79 -14.19
C ARG E 132 25.70 -9.81 -14.27
N ASP E 133 25.41 -8.50 -14.22
CA ASP E 133 26.50 -7.53 -14.30
C ASP E 133 26.15 -6.20 -13.66
N MET E 134 25.73 -6.20 -12.40
CA MET E 134 25.34 -4.97 -11.73
C MET E 134 26.54 -4.31 -11.06
N LYS E 135 26.75 -3.03 -11.36
CA LYS E 135 27.74 -2.19 -10.71
C LYS E 135 27.13 -0.81 -10.49
N SER E 136 27.85 0.05 -9.81
CA SER E 136 27.33 1.40 -9.67
C SER E 136 27.45 2.20 -10.96
N ASN E 137 28.21 1.69 -11.95
CA ASN E 137 28.28 2.34 -13.25
C ASN E 137 26.99 2.21 -14.05
N ASN E 138 26.26 1.11 -13.91
CA ASN E 138 25.09 0.87 -14.73
C ASN E 138 23.78 1.24 -14.03
N ILE E 139 23.86 1.84 -12.84
CA ILE E 139 22.69 2.40 -12.17
C ILE E 139 22.75 3.90 -12.37
N PHE E 140 21.75 4.45 -13.05
CA PHE E 140 21.73 5.87 -13.39
C PHE E 140 20.70 6.58 -12.53
N LEU E 141 21.07 7.76 -12.03
CA LEU E 141 20.16 8.62 -11.28
C LEU E 141 19.54 9.62 -12.24
N HIS E 142 18.41 9.25 -12.82
CA HIS E 142 17.67 10.14 -13.69
C HIS E 142 17.07 11.29 -12.91
N GLU E 143 17.27 12.51 -13.43
CA GLU E 143 16.83 13.75 -12.80
C GLU E 143 17.29 13.87 -11.35
N GLY E 144 18.38 13.20 -10.96
CA GLY E 144 18.82 13.28 -9.60
C GLY E 144 18.01 12.44 -8.63
N LEU E 145 16.84 11.94 -9.06
CA LEU E 145 15.85 11.36 -8.17
C LEU E 145 15.65 9.87 -8.43
N THR E 146 15.02 9.50 -9.53
CA THR E 146 14.69 8.10 -9.81
C THR E 146 15.89 7.31 -10.31
N VAL E 147 16.16 6.17 -9.67
CA VAL E 147 17.24 5.30 -10.12
C VAL E 147 16.73 4.45 -11.28
N LYS E 148 17.59 4.24 -12.27
CA LYS E 148 17.28 3.40 -13.43
C LYS E 148 18.37 2.35 -13.57
N ILE E 149 17.98 1.08 -13.63
CA ILE E 149 18.93 -0.02 -13.74
C ILE E 149 19.06 -0.41 -15.20
N GLY E 150 20.30 -0.52 -15.67
CA GLY E 150 20.55 -0.93 -17.04
C GLY E 150 21.70 -1.90 -17.19
N ASP E 151 22.11 -2.13 -18.44
CA ASP E 151 23.23 -3.01 -18.78
C ASP E 151 22.99 -4.45 -18.36
N PHE E 152 21.73 -4.90 -18.41
CA PHE E 152 21.38 -6.31 -18.22
C PHE E 152 21.02 -7.01 -19.53
N GLY E 153 21.63 -6.60 -20.65
CA GLY E 153 21.29 -7.19 -21.93
C GLY E 153 21.65 -8.66 -22.01
N LEU E 154 22.87 -8.99 -21.60
CA LEU E 154 23.33 -10.38 -21.59
C LEU E 154 24.02 -10.68 -20.26
N GLY E 172 34.52 -6.39 -17.31
CA GLY E 172 34.66 -4.99 -16.94
C GLY E 172 35.42 -4.81 -15.65
N SER E 173 34.73 -5.01 -14.53
CA SER E 173 35.35 -4.95 -13.22
C SER E 173 34.90 -6.17 -12.41
N VAL E 174 35.69 -6.47 -11.38
CA VAL E 174 35.44 -7.63 -10.53
C VAL E 174 34.89 -7.25 -9.17
N LEU E 175 34.82 -5.95 -8.86
CA LEU E 175 34.47 -5.49 -7.53
C LEU E 175 33.07 -5.92 -7.13
N TRP E 176 32.18 -6.11 -8.10
CA TRP E 176 30.79 -6.45 -7.84
C TRP E 176 30.47 -7.92 -8.07
N MET E 177 31.47 -8.73 -8.42
CA MET E 177 31.24 -10.12 -8.79
C MET E 177 31.22 -11.00 -7.55
N ALA E 178 30.18 -11.83 -7.43
CA ALA E 178 30.08 -12.78 -6.33
C ALA E 178 31.20 -13.82 -6.43
N PRO E 179 31.66 -14.35 -5.30
CA PRO E 179 32.73 -15.37 -5.34
C PRO E 179 32.44 -16.54 -6.26
N GLU E 180 31.22 -17.08 -6.28
CA GLU E 180 30.94 -18.18 -7.20
C GLU E 180 31.06 -17.72 -8.65
N VAL E 181 30.78 -16.44 -8.91
CA VAL E 181 30.90 -15.91 -10.27
C VAL E 181 32.36 -15.60 -10.59
N ILE E 182 33.14 -15.13 -9.62
CA ILE E 182 34.56 -14.90 -9.84
C ILE E 182 35.27 -16.20 -10.18
N ARG E 183 34.98 -17.25 -9.42
CA ARG E 183 35.67 -18.53 -9.62
C ARG E 183 35.36 -19.13 -10.99
N MET E 184 34.18 -18.83 -11.55
CA MET E 184 33.74 -19.38 -12.83
C MET E 184 33.97 -20.87 -12.95
N GLN E 185 33.77 -21.61 -11.85
CA GLN E 185 34.01 -23.05 -11.90
C GLN E 185 32.73 -23.83 -12.18
N ASP E 186 31.56 -23.28 -11.84
CA ASP E 186 30.28 -23.93 -12.16
C ASP E 186 29.82 -23.53 -13.56
N ASN E 187 29.11 -24.46 -14.20
CA ASN E 187 28.51 -24.20 -15.51
C ASN E 187 27.74 -22.87 -15.53
N ASN E 188 26.82 -22.68 -14.57
CA ASN E 188 26.01 -21.46 -14.46
C ASN E 188 26.10 -20.88 -13.06
N PRO E 189 27.14 -20.08 -12.78
CA PRO E 189 27.25 -19.46 -11.46
C PRO E 189 26.26 -18.32 -11.21
N PHE E 190 25.44 -17.95 -12.19
CA PHE E 190 24.55 -16.80 -12.05
C PHE E 190 23.21 -17.21 -11.46
N SER E 191 22.75 -16.44 -10.47
CA SER E 191 21.53 -16.77 -9.75
C SER E 191 20.94 -15.48 -9.19
N PHE E 192 19.75 -15.61 -8.59
CA PHE E 192 19.16 -14.47 -7.87
C PHE E 192 20.08 -14.00 -6.75
N GLN E 193 20.84 -14.90 -6.14
CA GLN E 193 21.71 -14.51 -5.03
C GLN E 193 23.04 -13.92 -5.50
N SER E 194 23.52 -14.28 -6.70
CA SER E 194 24.67 -13.57 -7.24
C SER E 194 24.31 -12.12 -7.52
N ASP E 195 23.09 -11.86 -7.98
CA ASP E 195 22.61 -10.49 -8.11
C ASP E 195 22.54 -9.81 -6.76
N VAL E 196 22.16 -10.55 -5.72
CA VAL E 196 22.09 -9.98 -4.38
C VAL E 196 23.48 -9.54 -3.92
N TYR E 197 24.50 -10.35 -4.20
CA TYR E 197 25.87 -9.99 -3.81
C TYR E 197 26.29 -8.68 -4.47
N SER E 198 26.04 -8.54 -5.77
CA SER E 198 26.37 -7.30 -6.47
C SER E 198 25.64 -6.12 -5.86
N TYR E 199 24.34 -6.27 -5.61
CA TYR E 199 23.57 -5.24 -4.92
C TYR E 199 24.19 -4.91 -3.57
N GLY E 200 24.69 -5.94 -2.86
CA GLY E 200 25.34 -5.70 -1.59
C GLY E 200 26.57 -4.80 -1.72
N ILE E 201 27.33 -4.98 -2.79
CA ILE E 201 28.53 -4.16 -2.99
C ILE E 201 28.13 -2.71 -3.28
N VAL E 202 27.06 -2.51 -4.04
CA VAL E 202 26.53 -1.16 -4.22
C VAL E 202 26.02 -0.60 -2.90
N LEU E 203 25.37 -1.43 -2.10
CA LEU E 203 25.02 -1.01 -0.75
C LEU E 203 26.26 -0.59 0.01
N TYR E 204 27.35 -1.35 -0.13
CA TYR E 204 28.60 -0.98 0.50
C TYR E 204 29.04 0.41 0.04
N GLU E 205 29.12 0.61 -1.29
CA GLU E 205 29.46 1.92 -1.83
C GLU E 205 28.60 3.02 -1.23
N LEU E 206 27.28 2.80 -1.19
CA LEU E 206 26.36 3.81 -0.70
C LEU E 206 26.64 4.16 0.76
N MET E 207 26.96 3.16 1.57
CA MET E 207 27.07 3.32 3.01
C MET E 207 28.50 3.51 3.49
N THR E 208 29.47 3.63 2.58
CA THR E 208 30.85 3.95 2.94
C THR E 208 31.37 5.16 2.19
N GLY E 209 30.89 5.39 0.97
CA GLY E 209 31.41 6.45 0.12
C GLY E 209 32.57 6.01 -0.74
N GLU E 210 33.05 4.77 -0.58
CA GLU E 210 34.23 4.28 -1.26
C GLU E 210 33.96 2.89 -1.83
N LEU E 211 34.89 2.43 -2.68
CA LEU E 211 34.78 1.15 -3.34
C LEU E 211 35.28 0.03 -2.42
N PRO E 212 34.79 -1.20 -2.61
CA PRO E 212 35.27 -2.31 -1.79
C PRO E 212 36.68 -2.70 -2.19
N TYR E 213 37.38 -3.34 -1.26
CA TYR E 213 38.74 -3.82 -1.48
C TYR E 213 39.63 -2.65 -1.92
N SER E 214 39.46 -1.52 -1.25
CA SER E 214 40.16 -0.29 -1.62
C SER E 214 41.64 -0.33 -1.30
N HIS E 215 42.09 -1.27 -0.48
CA HIS E 215 43.46 -1.26 -0.02
C HIS E 215 44.39 -2.09 -0.89
N ILE E 216 43.84 -3.03 -1.66
CA ILE E 216 44.64 -3.83 -2.58
C ILE E 216 44.49 -3.23 -3.97
N ASN E 217 45.62 -3.09 -4.67
CA ASN E 217 45.70 -2.42 -5.96
C ASN E 217 46.12 -3.39 -7.07
N ASN E 218 45.75 -4.66 -6.91
CA ASN E 218 46.10 -5.73 -7.83
C ASN E 218 44.82 -6.47 -8.20
N ARG E 219 44.37 -6.29 -9.43
CA ARG E 219 43.13 -6.93 -9.86
C ARG E 219 43.20 -8.44 -9.68
N ASP E 220 44.35 -9.05 -10.03
CA ASP E 220 44.45 -10.50 -9.95
C ASP E 220 44.41 -10.98 -8.50
N GLN E 221 44.90 -10.15 -7.57
CA GLN E 221 44.76 -10.46 -6.16
C GLN E 221 43.29 -10.46 -5.74
N ILE E 222 42.53 -9.48 -6.22
CA ILE E 222 41.10 -9.41 -5.90
C ILE E 222 40.41 -10.68 -6.37
N ILE E 223 40.73 -11.11 -7.60
CA ILE E 223 40.10 -12.29 -8.18
C ILE E 223 40.38 -13.53 -7.34
N PHE E 224 41.65 -13.74 -6.97
CA PHE E 224 42.01 -14.93 -6.21
C PHE E 224 41.49 -14.85 -4.78
N MET E 225 41.76 -13.74 -4.10
CA MET E 225 41.44 -13.64 -2.68
C MET E 225 39.94 -13.68 -2.43
N VAL E 226 39.15 -13.05 -3.31
CA VAL E 226 37.70 -13.07 -3.12
C VAL E 226 37.11 -14.42 -3.54
N GLY E 227 37.72 -15.08 -4.52
CA GLY E 227 37.26 -16.40 -4.92
C GLY E 227 37.56 -17.47 -3.90
N ARG E 228 38.67 -17.32 -3.17
CA ARG E 228 39.03 -18.26 -2.13
C ARG E 228 38.36 -17.95 -0.80
N GLY E 229 37.91 -16.71 -0.60
CA GLY E 229 37.32 -16.31 0.66
C GLY E 229 38.26 -15.62 1.62
N TYR E 230 39.45 -15.25 1.15
CA TYR E 230 40.44 -14.58 1.97
C TYR E 230 40.21 -13.07 2.04
N ALA E 231 39.28 -12.54 1.26
CA ALA E 231 38.99 -11.12 1.24
C ALA E 231 37.49 -10.89 1.22
N SER E 232 37.07 -9.78 1.83
CA SER E 232 35.66 -9.40 1.92
C SER E 232 35.59 -7.91 2.21
N PRO E 233 34.50 -7.24 1.83
CA PRO E 233 34.38 -5.80 2.10
C PRO E 233 34.64 -5.45 3.56
N ASP E 234 35.38 -4.37 3.78
CA ASP E 234 35.75 -3.95 5.13
C ASP E 234 34.58 -3.17 5.70
N LEU E 235 33.79 -3.84 6.55
CA LEU E 235 32.59 -3.24 7.09
C LEU E 235 32.86 -2.22 8.18
N SER E 236 34.12 -2.02 8.57
CA SER E 236 34.43 -0.98 9.54
C SER E 236 34.35 0.42 8.96
N LYS E 237 34.18 0.56 7.65
CA LYS E 237 34.15 1.87 7.00
C LYS E 237 32.72 2.35 6.80
N LEU E 238 31.72 1.57 7.22
CA LEU E 238 30.34 2.01 7.12
C LEU E 238 30.16 3.29 7.93
N TYR E 239 29.30 4.19 7.43
CA TYR E 239 29.12 5.47 8.10
C TYR E 239 28.70 5.24 9.54
N LYS E 240 29.06 6.19 10.41
CA LYS E 240 28.70 6.06 11.81
C LYS E 240 27.21 6.28 12.04
N ASN E 241 26.58 7.14 11.25
CA ASN E 241 25.14 7.36 11.33
C ASN E 241 24.33 6.35 10.53
N CYS E 242 24.98 5.40 9.86
CA CYS E 242 24.28 4.40 9.10
C CYS E 242 23.43 3.54 10.03
N PRO E 243 22.12 3.45 9.81
CA PRO E 243 21.26 2.62 10.68
C PRO E 243 21.78 1.19 10.80
N LYS E 244 21.57 0.59 11.97
CA LYS E 244 22.06 -0.75 12.23
C LYS E 244 21.37 -1.78 11.33
N ALA E 245 20.19 -1.45 10.82
CA ALA E 245 19.51 -2.33 9.88
C ALA E 245 20.23 -2.38 8.53
N MET E 246 20.79 -1.26 8.08
CA MET E 246 21.55 -1.28 6.83
C MET E 246 22.85 -2.04 6.99
N LYS E 247 23.53 -1.82 8.11
CA LYS E 247 24.79 -2.51 8.37
C LYS E 247 24.59 -4.03 8.35
N ARG E 248 23.52 -4.52 8.97
CA ARG E 248 23.18 -5.93 8.84
C ARG E 248 22.91 -6.31 7.40
N LEU E 249 22.19 -5.45 6.66
CA LEU E 249 21.78 -5.81 5.31
C LEU E 249 22.96 -5.86 4.34
N VAL E 250 23.92 -4.93 4.48
CA VAL E 250 25.15 -5.00 3.69
C VAL E 250 25.84 -6.35 3.92
N ALA E 251 26.05 -6.71 5.19
CA ALA E 251 26.73 -7.96 5.50
C ALA E 251 25.96 -9.17 4.98
N ASP E 252 24.63 -9.17 5.15
CA ASP E 252 23.83 -10.30 4.71
C ASP E 252 23.90 -10.51 3.20
N CYS E 253 23.93 -9.42 2.43
CA CYS E 253 24.00 -9.54 0.97
C CYS E 253 25.38 -9.97 0.50
N VAL E 254 26.41 -9.67 1.28
CA VAL E 254 27.79 -9.88 0.86
C VAL E 254 28.34 -11.23 1.32
N LYS E 255 27.52 -12.04 1.99
CA LYS E 255 28.02 -13.27 2.57
C LYS E 255 28.51 -14.23 1.49
N LYS E 256 29.57 -14.95 1.84
CA LYS E 256 30.33 -15.73 0.86
C LYS E 256 29.53 -16.90 0.32
N VAL E 257 28.63 -17.47 1.13
CA VAL E 257 27.87 -18.63 0.74
C VAL E 257 26.64 -18.15 -0.02
N LYS E 258 26.39 -18.73 -1.21
CA LYS E 258 25.30 -18.27 -2.05
C LYS E 258 23.94 -18.55 -1.42
N GLU E 259 23.79 -19.70 -0.76
CA GLU E 259 22.48 -20.08 -0.26
C GLU E 259 22.13 -19.36 1.02
N GLU E 260 23.09 -18.65 1.61
CA GLU E 260 22.86 -17.83 2.80
C GLU E 260 22.36 -16.43 2.48
N ARG E 261 22.22 -16.09 1.24
CA ARG E 261 21.93 -14.69 1.01
C ARG E 261 20.42 -14.43 0.95
N PRO E 262 19.98 -13.26 1.39
CA PRO E 262 18.56 -12.93 1.29
C PRO E 262 18.15 -12.77 -0.16
N LEU E 263 16.86 -12.95 -0.40
CA LEU E 263 16.27 -12.58 -1.68
C LEU E 263 15.69 -11.17 -1.57
N PHE E 264 15.29 -10.62 -2.72
CA PHE E 264 14.97 -9.20 -2.76
C PHE E 264 13.63 -8.83 -2.14
N PRO E 265 12.59 -9.68 -2.18
CA PRO E 265 11.40 -9.36 -1.38
C PRO E 265 11.69 -9.08 0.08
N GLN E 266 12.59 -9.86 0.68
CA GLN E 266 12.98 -9.59 2.06
C GLN E 266 13.80 -8.32 2.17
N ILE E 267 14.73 -8.11 1.22
CA ILE E 267 15.57 -6.92 1.23
C ILE E 267 14.70 -5.67 1.13
N LEU E 268 13.73 -5.67 0.21
CA LEU E 268 12.84 -4.53 0.07
C LEU E 268 12.12 -4.22 1.37
N SER E 269 11.46 -5.21 1.95
CA SER E 269 10.69 -4.99 3.17
C SER E 269 11.57 -4.42 4.28
N SER E 270 12.79 -4.93 4.42
CA SER E 270 13.71 -4.38 5.43
C SER E 270 13.97 -2.89 5.19
N ILE E 271 14.16 -2.49 3.94
CA ILE E 271 14.46 -1.09 3.65
C ILE E 271 13.22 -0.23 3.78
N GLU E 272 12.09 -0.71 3.26
CA GLU E 272 10.83 0.03 3.35
C GLU E 272 10.47 0.28 4.81
N LEU E 273 10.72 -0.70 5.67
CA LEU E 273 10.40 -0.55 7.08
C LEU E 273 11.38 0.39 7.75
N LEU E 274 12.67 0.31 7.38
CA LEU E 274 13.65 1.30 7.83
C LEU E 274 13.25 2.71 7.40
N GLN E 275 12.73 2.86 6.19
CA GLN E 275 12.47 4.20 5.66
C GLN E 275 11.32 4.86 6.39
N HIS E 276 10.34 4.09 6.83
CA HIS E 276 9.26 4.66 7.62
C HIS E 276 9.65 5.00 9.05
N SER E 277 10.92 4.87 9.45
CA SER E 277 11.33 5.36 10.76
C SER E 277 11.23 6.88 10.84
N LEU E 278 11.31 7.56 9.69
CA LEU E 278 11.25 9.01 9.59
C LEU E 278 12.24 9.67 10.55
N LEU F 32 68.25 21.33 -18.90
CA LEU F 32 69.06 20.90 -20.07
C LEU F 32 70.28 20.13 -19.57
N GLU F 33 71.37 20.84 -19.29
CA GLU F 33 72.61 20.20 -18.79
C GLU F 33 72.29 19.40 -17.51
N ALA F 34 71.26 19.79 -16.76
CA ALA F 34 70.88 18.99 -15.56
C ALA F 34 70.56 17.57 -16.02
N LEU F 35 69.78 17.44 -17.09
CA LEU F 35 69.50 16.09 -17.65
C LEU F 35 70.80 15.62 -18.33
N GLN F 36 71.43 16.51 -19.09
CA GLN F 36 72.69 16.15 -19.79
C GLN F 36 73.79 15.86 -18.76
N LYS F 37 73.48 16.05 -17.48
CA LYS F 37 74.47 15.70 -16.42
C LYS F 37 74.22 14.26 -15.94
N LYS F 38 72.97 13.90 -15.67
CA LYS F 38 72.68 12.57 -15.07
C LYS F 38 73.18 11.46 -16.01
N LEU F 39 73.04 11.64 -17.33
CA LEU F 39 73.41 10.54 -18.27
C LEU F 39 74.76 9.96 -17.83
N GLU F 40 75.69 10.84 -17.44
CA GLU F 40 77.05 10.37 -17.07
C GLU F 40 76.98 9.47 -15.82
N GLU F 41 76.13 9.82 -14.84
CA GLU F 41 76.09 9.02 -13.59
C GLU F 41 75.97 7.55 -13.97
N LEU F 42 75.43 7.28 -15.16
CA LEU F 42 75.30 5.91 -15.65
C LEU F 42 76.52 5.43 -16.45
N GLU F 43 76.75 4.12 -16.40
CA GLU F 43 77.90 3.48 -17.06
C GLU F 43 77.46 3.03 -18.45
N LEU F 44 77.59 3.91 -19.42
CA LEU F 44 77.22 3.66 -20.81
C LEU F 44 78.46 3.37 -21.65
N ASP F 45 78.23 2.90 -22.87
CA ASP F 45 79.27 2.86 -23.89
C ASP F 45 79.07 3.96 -24.93
N GLU F 46 79.87 3.93 -25.99
CA GLU F 46 79.90 5.03 -26.96
C GLU F 46 78.65 5.07 -27.83
N GLN F 47 78.15 3.91 -28.24
CA GLN F 47 77.00 3.89 -29.15
C GLN F 47 75.68 4.21 -28.46
N GLN F 48 75.53 3.85 -27.18
CA GLN F 48 74.29 4.16 -26.47
C GLN F 48 74.21 5.63 -26.09
N ARG F 49 75.28 6.17 -25.50
CA ARG F 49 75.27 7.57 -25.05
C ARG F 49 75.01 8.54 -26.18
N LYS F 50 75.41 8.20 -27.41
CA LYS F 50 75.09 9.09 -28.51
C LYS F 50 73.57 9.25 -28.60
N ARG F 51 72.87 8.13 -28.69
CA ARG F 51 71.39 8.15 -28.84
C ARG F 51 70.70 8.71 -27.59
N LEU F 52 71.12 8.27 -26.40
CA LEU F 52 70.52 8.86 -25.20
C LEU F 52 70.59 10.37 -25.31
N GLU F 53 71.71 10.88 -25.83
CA GLU F 53 71.85 12.35 -26.00
C GLU F 53 70.99 12.80 -27.19
N ALA F 54 70.87 11.94 -28.19
CA ALA F 54 70.09 12.31 -29.40
C ALA F 54 68.63 12.51 -28.99
N PHE F 55 68.09 11.58 -28.20
CA PHE F 55 66.67 11.67 -27.80
C PHE F 55 66.45 12.90 -26.96
N LEU F 56 67.31 13.10 -25.95
CA LEU F 56 67.01 14.21 -25.03
C LEU F 56 66.94 15.56 -25.74
N THR F 57 67.73 15.74 -26.82
CA THR F 57 67.79 17.05 -27.45
C THR F 57 66.46 17.46 -28.10
N GLN F 58 65.78 16.56 -28.78
CA GLN F 58 64.43 16.88 -29.29
C GLN F 58 63.34 16.81 -28.20
N LYS F 59 63.62 16.16 -27.06
CA LYS F 59 62.70 16.32 -25.94
C LYS F 59 62.47 17.79 -25.62
N GLN F 60 63.38 18.64 -26.11
CA GLN F 60 63.28 20.09 -25.84
C GLN F 60 62.43 20.77 -26.92
N LYS F 61 62.32 20.13 -28.08
CA LYS F 61 61.55 20.72 -29.20
C LYS F 61 60.06 20.58 -28.90
N VAL F 62 59.72 19.80 -27.88
CA VAL F 62 58.30 19.59 -27.49
C VAL F 62 58.08 20.25 -26.12
N GLY F 63 57.01 21.03 -25.98
CA GLY F 63 56.71 21.69 -24.72
C GLY F 63 55.57 20.94 -24.06
N GLU F 64 54.59 21.68 -23.54
CA GLU F 64 53.36 21.07 -23.06
C GLU F 64 52.50 20.69 -24.25
N LEU F 65 52.01 19.45 -24.23
CA LEU F 65 51.27 18.83 -25.32
C LEU F 65 49.77 19.06 -25.14
N LYS F 66 49.05 18.98 -26.24
CA LYS F 66 47.60 19.14 -26.19
C LYS F 66 46.98 18.22 -27.23
N ASP F 67 45.67 17.95 -27.07
CA ASP F 67 44.99 17.05 -27.99
C ASP F 67 45.02 17.59 -29.41
N ASP F 68 45.10 18.91 -29.55
CA ASP F 68 45.04 19.56 -30.86
C ASP F 68 46.34 19.42 -31.63
N ASP F 69 47.45 19.15 -30.95
CA ASP F 69 48.76 19.14 -31.57
C ASP F 69 49.06 17.83 -32.31
N PHE F 70 48.15 16.87 -32.29
CA PHE F 70 48.45 15.51 -32.71
C PHE F 70 47.66 15.15 -33.96
N GLU F 71 48.32 14.46 -34.89
CA GLU F 71 47.64 13.84 -36.02
C GLU F 71 47.93 12.35 -36.04
N LYS F 72 46.85 11.56 -36.07
CA LYS F 72 46.96 10.10 -36.04
C LYS F 72 47.51 9.53 -37.34
N ILE F 73 48.39 8.54 -37.20
CA ILE F 73 48.92 7.81 -38.36
C ILE F 73 48.24 6.44 -38.41
N SER F 74 48.56 5.57 -37.47
CA SER F 74 48.00 4.22 -37.46
C SER F 74 47.79 3.79 -36.01
N GLU F 75 47.42 2.53 -35.83
CA GLU F 75 47.22 1.92 -34.52
C GLU F 75 48.38 0.98 -34.24
N LEU F 76 48.95 1.08 -33.03
CA LEU F 76 50.09 0.25 -32.69
C LEU F 76 49.75 -0.85 -31.69
N GLY F 77 48.68 -0.70 -30.93
CA GLY F 77 48.26 -1.74 -30.01
C GLY F 77 47.12 -1.26 -29.13
N ALA F 78 46.40 -2.20 -28.52
CA ALA F 78 45.34 -1.89 -27.58
C ALA F 78 45.30 -2.96 -26.51
N GLY F 79 44.38 -2.81 -25.56
CA GLY F 79 44.14 -3.82 -24.55
C GLY F 79 45.20 -3.95 -23.48
N ASN F 80 46.40 -3.42 -23.70
CA ASN F 80 47.45 -3.46 -22.70
C ASN F 80 47.26 -2.31 -21.71
N GLY F 81 46.08 -2.22 -21.11
CA GLY F 81 45.76 -1.11 -20.24
C GLY F 81 45.62 0.21 -20.97
N GLY F 82 45.02 0.20 -22.16
CA GLY F 82 44.86 1.39 -22.96
C GLY F 82 45.24 1.19 -24.42
N VAL F 83 44.65 2.00 -25.29
CA VAL F 83 44.91 1.96 -26.72
C VAL F 83 46.10 2.86 -27.02
N VAL F 84 46.95 2.45 -27.95
CA VAL F 84 48.16 3.18 -28.31
C VAL F 84 48.15 3.48 -29.79
N PHE F 85 48.36 4.75 -30.16
CA PHE F 85 48.44 5.16 -31.55
C PHE F 85 49.85 5.61 -31.92
N LYS F 86 50.21 5.38 -33.18
CA LYS F 86 51.32 6.12 -33.77
C LYS F 86 50.82 7.50 -34.16
N VAL F 87 51.53 8.54 -33.72
CA VAL F 87 51.05 9.90 -33.87
C VAL F 87 52.21 10.81 -34.24
N SER F 88 51.87 11.94 -34.85
CA SER F 88 52.81 12.99 -35.18
C SER F 88 52.40 14.27 -34.45
N HIS F 89 53.35 14.84 -33.73
CA HIS F 89 53.16 16.10 -33.02
C HIS F 89 53.45 17.23 -34.00
N LYS F 90 52.42 18.02 -34.34
CA LYS F 90 52.56 18.97 -35.43
C LYS F 90 53.63 20.02 -35.20
N PRO F 91 53.69 20.74 -34.07
CA PRO F 91 54.76 21.73 -33.93
C PRO F 91 56.15 21.12 -33.98
N SER F 92 56.33 19.89 -33.51
CA SER F 92 57.67 19.31 -33.44
C SER F 92 58.03 18.44 -34.65
N GLY F 93 57.06 17.82 -35.30
CA GLY F 93 57.34 16.85 -36.35
C GLY F 93 57.68 15.45 -35.87
N LEU F 94 57.76 15.25 -34.56
CA LEU F 94 58.20 13.97 -34.00
C LEU F 94 57.16 12.87 -34.17
N VAL F 95 57.67 11.64 -34.28
CA VAL F 95 56.85 10.44 -34.24
C VAL F 95 56.81 9.94 -32.81
N MET F 96 55.61 9.69 -32.30
CA MET F 96 55.44 9.36 -30.89
C MET F 96 54.45 8.22 -30.77
N ALA F 97 54.49 7.56 -29.61
CA ALA F 97 53.49 6.57 -29.24
C ALA F 97 52.58 7.19 -28.18
N ARG F 98 51.28 7.16 -28.43
CA ARG F 98 50.29 7.81 -27.59
C ARG F 98 49.39 6.76 -26.96
N LYS F 99 49.48 6.61 -25.64
CA LYS F 99 48.62 5.67 -24.92
C LYS F 99 47.46 6.44 -24.29
N LEU F 100 46.25 6.07 -24.66
CA LEU F 100 45.03 6.66 -24.11
C LEU F 100 44.55 5.75 -22.99
N ILE F 101 44.41 6.29 -21.78
CA ILE F 101 43.94 5.52 -20.63
C ILE F 101 42.62 6.13 -20.15
N HIS F 102 41.52 5.42 -20.39
CA HIS F 102 40.22 5.90 -19.93
C HIS F 102 39.95 5.39 -18.52
N LEU F 103 39.70 6.32 -17.60
CA LEU F 103 39.38 5.97 -16.22
C LEU F 103 38.59 7.12 -15.60
N GLU F 104 37.58 6.75 -14.81
CA GLU F 104 36.67 7.70 -14.18
C GLU F 104 37.17 8.01 -12.77
N ILE F 105 37.80 9.17 -12.61
CA ILE F 105 38.38 9.56 -11.33
C ILE F 105 38.08 11.03 -11.05
N LYS F 106 38.04 11.37 -9.77
CA LYS F 106 37.82 12.75 -9.36
C LYS F 106 38.98 13.64 -9.78
N PRO F 107 38.70 14.89 -10.15
CA PRO F 107 39.73 15.75 -10.78
C PRO F 107 41.04 15.87 -10.02
N ALA F 108 41.03 15.82 -8.68
CA ALA F 108 42.28 15.92 -7.93
C ALA F 108 43.20 14.75 -8.24
N ILE F 109 42.64 13.55 -8.41
CA ILE F 109 43.44 12.38 -8.72
C ILE F 109 44.09 12.54 -10.09
N ARG F 110 43.35 13.12 -11.03
CA ARG F 110 43.85 13.37 -12.39
C ARG F 110 45.14 14.17 -12.37
N ASN F 111 45.13 15.32 -11.70
CA ASN F 111 46.31 16.18 -11.65
C ASN F 111 47.45 15.51 -10.90
N GLN F 112 47.15 14.76 -9.85
CA GLN F 112 48.19 14.06 -9.12
C GLN F 112 48.81 12.96 -9.95
N ILE F 113 48.03 12.31 -10.80
CA ILE F 113 48.59 11.34 -11.75
C ILE F 113 49.54 12.02 -12.72
N ILE F 114 49.16 13.21 -13.20
CA ILE F 114 49.99 13.95 -14.15
C ILE F 114 51.30 14.39 -13.48
N ARG F 115 51.25 14.77 -12.21
CA ARG F 115 52.47 15.15 -11.51
C ARG F 115 53.39 13.96 -11.32
N GLU F 116 52.84 12.83 -10.88
CA GLU F 116 53.66 11.66 -10.59
C GLU F 116 54.26 11.07 -11.86
N LEU F 117 53.65 11.30 -13.01
CA LEU F 117 54.22 10.83 -14.26
C LEU F 117 55.45 11.65 -14.67
N GLN F 118 55.66 12.81 -14.06
CA GLN F 118 56.83 13.61 -14.45
C GLN F 118 58.16 12.97 -14.04
N VAL F 119 58.13 11.97 -13.16
CA VAL F 119 59.34 11.22 -12.84
C VAL F 119 59.89 10.52 -14.08
N LEU F 120 59.05 10.33 -15.11
CA LEU F 120 59.48 9.68 -16.33
C LEU F 120 60.39 10.55 -17.19
N HIS F 121 60.37 11.87 -17.00
CA HIS F 121 61.40 12.72 -17.58
C HIS F 121 62.76 12.42 -16.96
N GLU F 122 62.75 11.90 -15.74
CA GLU F 122 63.93 11.55 -14.98
C GLU F 122 64.40 10.12 -15.20
N CYS F 123 63.79 9.40 -16.15
CA CYS F 123 64.11 8.01 -16.48
C CYS F 123 64.83 7.91 -17.82
N ASN F 124 66.17 8.02 -17.80
CA ASN F 124 66.96 7.98 -19.02
C ASN F 124 67.88 6.76 -18.98
N SER F 125 67.56 5.73 -19.77
CA SER F 125 68.36 4.51 -19.81
C SER F 125 68.19 3.84 -21.17
N PRO F 126 69.20 3.10 -21.63
CA PRO F 126 69.03 2.36 -22.89
C PRO F 126 67.95 1.29 -22.82
N TYR F 127 67.57 0.86 -21.62
CA TYR F 127 66.65 -0.27 -21.44
C TYR F 127 65.28 0.18 -20.98
N ILE F 128 65.01 1.48 -21.01
CA ILE F 128 63.73 2.06 -20.65
C ILE F 128 63.29 2.98 -21.78
N VAL F 129 62.05 2.77 -22.27
CA VAL F 129 61.57 3.58 -23.37
C VAL F 129 61.40 5.03 -22.92
N GLY F 130 61.50 5.94 -23.87
CA GLY F 130 61.51 7.34 -23.53
C GLY F 130 60.13 7.91 -23.27
N PHE F 131 60.14 9.10 -22.66
CA PHE F 131 58.96 9.85 -22.26
C PHE F 131 59.00 11.23 -22.88
N TYR F 132 57.83 11.72 -23.30
CA TYR F 132 57.70 13.04 -23.89
C TYR F 132 56.84 13.98 -23.07
N GLY F 133 55.72 13.50 -22.55
CA GLY F 133 54.83 14.32 -21.75
C GLY F 133 53.52 13.60 -21.54
N ALA F 134 52.76 14.12 -20.58
CA ALA F 134 51.46 13.57 -20.24
C ALA F 134 50.48 14.72 -20.06
N PHE F 135 49.23 14.47 -20.45
CA PHE F 135 48.20 15.50 -20.39
C PHE F 135 46.85 14.82 -20.35
N TYR F 136 45.81 15.62 -20.10
CA TYR F 136 44.46 15.14 -19.99
C TYR F 136 43.61 15.76 -21.10
N SER F 137 42.69 14.97 -21.66
CA SER F 137 41.92 15.45 -22.81
C SER F 137 40.42 15.36 -22.64
N ASP F 138 39.83 14.18 -22.82
CA ASP F 138 38.38 14.06 -22.83
C ASP F 138 37.91 12.88 -22.01
N GLY F 139 38.49 12.70 -20.82
CA GLY F 139 38.21 11.53 -20.03
C GLY F 139 39.33 10.54 -20.08
N GLU F 140 40.36 10.82 -20.89
CA GLU F 140 41.45 9.90 -21.14
C GLU F 140 42.74 10.56 -20.66
N ILE F 141 43.58 9.78 -19.99
CA ILE F 141 44.96 10.22 -19.74
C ILE F 141 45.79 9.89 -20.97
N SER F 142 46.38 10.93 -21.57
CA SER F 142 47.28 10.74 -22.72
C SER F 142 48.71 10.69 -22.21
N ILE F 143 49.41 9.60 -22.53
CA ILE F 143 50.81 9.44 -22.20
C ILE F 143 51.55 9.29 -23.52
N CYS F 144 52.45 10.24 -23.79
CA CYS F 144 53.19 10.31 -25.04
C CYS F 144 54.62 9.82 -24.80
N MET F 145 55.04 8.84 -25.60
CA MET F 145 56.27 8.12 -25.32
C MET F 145 57.01 7.78 -26.61
N GLU F 146 58.20 7.20 -26.44
CA GLU F 146 59.08 6.90 -27.57
C GLU F 146 58.46 5.82 -28.47
N HIS F 147 58.55 6.03 -29.77
CA HIS F 147 58.07 5.03 -30.72
C HIS F 147 59.06 3.89 -30.84
N MET F 148 58.52 2.68 -30.92
CA MET F 148 59.34 1.48 -31.13
C MET F 148 58.78 0.76 -32.35
N ASP F 149 59.55 0.73 -33.43
CA ASP F 149 59.09 0.12 -34.67
C ASP F 149 59.09 -1.40 -34.61
N GLY F 150 59.83 -1.99 -33.66
CA GLY F 150 59.74 -3.42 -33.46
C GLY F 150 58.49 -3.87 -32.74
N GLY F 151 57.87 -2.98 -31.97
CA GLY F 151 56.69 -3.36 -31.21
C GLY F 151 57.06 -4.06 -29.92
N SER F 152 56.05 -4.63 -29.27
CA SER F 152 56.33 -5.43 -28.08
C SER F 152 56.76 -6.82 -28.49
N LEU F 153 57.58 -7.45 -27.64
CA LEU F 153 57.91 -8.85 -27.85
C LEU F 153 56.68 -9.75 -27.84
N ASP F 154 55.58 -9.31 -27.24
CA ASP F 154 54.31 -10.00 -27.42
C ASP F 154 53.96 -10.13 -28.90
N GLN F 155 53.99 -9.00 -29.61
CA GLN F 155 53.70 -9.02 -31.04
C GLN F 155 54.75 -9.83 -31.82
N VAL F 156 56.01 -9.72 -31.42
CA VAL F 156 57.08 -10.47 -32.06
C VAL F 156 56.83 -11.97 -31.93
N LEU F 157 56.37 -12.41 -30.75
CA LEU F 157 56.09 -13.83 -30.54
C LEU F 157 55.10 -14.33 -31.57
N LYS F 158 54.07 -13.54 -31.82
CA LYS F 158 53.00 -13.92 -32.72
C LYS F 158 53.43 -13.94 -34.18
N LYS F 159 54.62 -13.40 -34.50
CA LYS F 159 55.21 -13.57 -35.83
C LYS F 159 56.26 -14.68 -35.89
N ALA F 160 57.07 -14.85 -34.83
CA ALA F 160 58.14 -15.84 -34.86
C ALA F 160 57.71 -17.23 -34.41
N GLY F 161 56.50 -17.41 -33.90
CA GLY F 161 56.17 -18.68 -33.31
C GLY F 161 56.75 -18.76 -31.92
N ARG F 162 58.01 -19.16 -31.83
CA ARG F 162 58.79 -19.10 -30.61
C ARG F 162 60.07 -18.31 -30.82
N ILE F 163 60.68 -17.90 -29.72
CA ILE F 163 61.92 -17.11 -29.73
C ILE F 163 63.11 -18.05 -29.54
N PRO F 164 64.14 -17.95 -30.37
CA PRO F 164 65.32 -18.79 -30.17
C PRO F 164 65.99 -18.50 -28.82
N GLU F 165 66.61 -19.54 -28.27
CA GLU F 165 67.25 -19.41 -26.95
C GLU F 165 68.37 -18.39 -27.00
N GLN F 166 69.07 -18.30 -28.14
CA GLN F 166 70.12 -17.31 -28.31
C GLN F 166 69.62 -15.91 -27.95
N ILE F 167 68.42 -15.57 -28.40
CA ILE F 167 67.84 -14.25 -28.14
C ILE F 167 67.29 -14.13 -26.73
N LEU F 168 66.64 -15.17 -26.20
CA LEU F 168 66.12 -15.07 -24.84
C LEU F 168 67.22 -14.80 -23.83
N GLY F 169 68.48 -15.14 -24.14
CA GLY F 169 69.58 -14.67 -23.33
C GLY F 169 69.75 -13.16 -23.45
N LYS F 170 69.70 -12.66 -24.69
CA LYS F 170 69.87 -11.24 -24.93
C LYS F 170 68.73 -10.42 -24.34
N VAL F 171 67.51 -10.92 -24.45
CA VAL F 171 66.34 -10.25 -23.86
C VAL F 171 66.46 -10.23 -22.34
N SER F 172 66.79 -11.38 -21.74
CA SER F 172 66.99 -11.42 -20.30
C SER F 172 67.99 -10.38 -19.84
N ILE F 173 69.11 -10.24 -20.55
CA ILE F 173 70.10 -9.24 -20.18
C ILE F 173 69.46 -7.86 -20.07
N ALA F 174 68.72 -7.45 -21.11
CA ALA F 174 68.12 -6.12 -21.12
C ALA F 174 67.13 -5.93 -19.99
N VAL F 175 66.29 -6.92 -19.72
CA VAL F 175 65.28 -6.79 -18.69
C VAL F 175 65.92 -6.75 -17.30
N ILE F 176 66.88 -7.66 -17.03
CA ILE F 176 67.55 -7.67 -15.73
C ILE F 176 68.31 -6.37 -15.49
N LYS F 177 68.89 -5.81 -16.54
CA LYS F 177 69.53 -4.51 -16.41
C LYS F 177 68.53 -3.38 -16.27
N GLY F 178 67.40 -3.47 -16.97
CA GLY F 178 66.41 -2.42 -16.86
C GLY F 178 65.79 -2.37 -15.48
N LEU F 179 65.55 -3.54 -14.88
CA LEU F 179 65.06 -3.55 -13.50
C LEU F 179 66.12 -2.98 -12.56
N THR F 180 67.40 -3.26 -12.85
CA THR F 180 68.47 -2.77 -12.00
C THR F 180 68.55 -1.25 -12.06
N TYR F 181 68.30 -0.65 -13.22
CA TYR F 181 68.27 0.81 -13.31
C TYR F 181 67.12 1.37 -12.47
N LEU F 182 65.94 0.77 -12.57
CA LEU F 182 64.77 1.33 -11.86
C LEU F 182 64.97 1.25 -10.35
N ARG F 183 65.25 0.06 -9.81
CA ARG F 183 65.33 -0.10 -8.33
C ARG F 183 66.51 0.70 -7.76
N GLU F 184 67.50 1.07 -8.58
CA GLU F 184 68.69 1.74 -8.01
C GLU F 184 68.57 3.25 -8.18
N LYS F 185 68.25 3.71 -9.38
CA LYS F 185 68.16 5.15 -9.64
C LYS F 185 66.80 5.72 -9.24
N HIS F 186 65.80 4.89 -9.05
CA HIS F 186 64.47 5.42 -8.74
C HIS F 186 63.78 4.68 -7.62
N LYS F 187 64.34 3.57 -7.16
CA LYS F 187 63.75 2.74 -6.10
C LYS F 187 62.32 2.33 -6.49
N ILE F 188 62.15 1.96 -7.75
CA ILE F 188 60.80 1.64 -8.28
C ILE F 188 60.81 0.22 -8.86
N MET F 189 59.72 -0.53 -8.70
CA MET F 189 59.61 -1.87 -9.31
C MET F 189 58.89 -1.73 -10.66
N HIS F 190 59.00 -2.71 -11.54
CA HIS F 190 58.26 -2.65 -12.78
C HIS F 190 56.79 -2.94 -12.51
N ARG F 191 56.52 -3.99 -11.73
CA ARG F 191 55.20 -4.38 -11.26
C ARG F 191 54.32 -4.97 -12.36
N ASP F 192 54.79 -4.95 -13.61
CA ASP F 192 53.99 -5.47 -14.72
C ASP F 192 54.92 -5.97 -15.82
N VAL F 193 55.80 -6.92 -15.48
CA VAL F 193 56.74 -7.47 -16.44
C VAL F 193 56.01 -8.53 -17.27
N LYS F 194 55.86 -8.28 -18.57
CA LYS F 194 55.22 -9.23 -19.47
C LYS F 194 55.76 -9.00 -20.88
N PRO F 195 55.59 -9.97 -21.78
CA PRO F 195 56.04 -9.77 -23.17
C PRO F 195 55.46 -8.53 -23.83
N SER F 196 54.26 -8.10 -23.46
CA SER F 196 53.69 -6.91 -24.09
C SER F 196 54.21 -5.62 -23.49
N ASN F 197 55.05 -5.70 -22.45
CA ASN F 197 55.68 -4.54 -21.84
C ASN F 197 57.18 -4.52 -22.05
N ILE F 198 57.70 -5.36 -22.95
CA ILE F 198 59.07 -5.29 -23.42
C ILE F 198 59.01 -4.90 -24.88
N LEU F 199 59.64 -3.79 -25.23
CA LEU F 199 59.57 -3.25 -26.58
C LEU F 199 60.93 -3.36 -27.24
N VAL F 200 60.94 -3.32 -28.57
CA VAL F 200 62.14 -3.56 -29.34
C VAL F 200 62.23 -2.53 -30.48
N ASN F 201 63.47 -2.23 -30.86
CA ASN F 201 63.72 -1.20 -31.88
C ASN F 201 64.45 -1.79 -33.09
N SER F 202 64.34 -1.12 -34.23
CA SER F 202 65.01 -1.54 -35.47
C SER F 202 66.52 -1.54 -35.30
N ARG F 203 66.99 -0.79 -34.29
CA ARG F 203 68.44 -0.67 -34.02
C ARG F 203 68.89 -1.74 -33.03
N GLY F 204 67.96 -2.56 -32.56
CA GLY F 204 68.30 -3.66 -31.65
C GLY F 204 68.19 -3.36 -30.18
N GLU F 205 67.40 -2.37 -29.80
CA GLU F 205 67.24 -2.02 -28.40
C GLU F 205 66.09 -2.81 -27.80
N ILE F 206 66.28 -3.26 -26.56
CA ILE F 206 65.26 -4.02 -25.83
C ILE F 206 65.01 -3.26 -24.54
N LYS F 207 63.79 -2.73 -24.40
CA LYS F 207 63.48 -1.76 -23.36
C LYS F 207 62.20 -2.18 -22.64
N LEU F 208 62.04 -1.67 -21.42
CA LEU F 208 60.84 -1.97 -20.61
C LEU F 208 59.94 -0.73 -20.62
N CYS F 209 58.63 -0.94 -20.49
CA CYS F 209 57.65 0.18 -20.49
C CYS F 209 56.45 -0.19 -19.61
N ASP F 210 55.64 0.79 -19.20
CA ASP F 210 54.43 0.52 -18.44
C ASP F 210 54.76 -0.04 -17.05
N PHE F 211 55.69 0.62 -16.37
CA PHE F 211 55.98 0.28 -14.99
C PHE F 211 55.36 1.30 -14.05
N GLY F 212 55.27 0.93 -12.78
CA GLY F 212 54.49 1.68 -11.82
C GLY F 212 55.19 2.92 -11.29
N VAL F 213 55.07 4.03 -12.03
CA VAL F 213 55.68 5.28 -11.60
C VAL F 213 54.75 6.03 -10.66
N SER F 214 53.47 6.07 -11.00
CA SER F 214 52.45 6.81 -10.28
C SER F 214 51.63 5.85 -9.43
N GLY F 215 51.65 6.05 -8.11
CA GLY F 215 50.86 5.21 -7.24
C GLY F 215 49.37 5.35 -7.45
N GLN F 216 48.91 6.54 -7.85
CA GLN F 216 47.49 6.75 -8.10
C GLN F 216 47.05 6.06 -9.38
N LEU F 217 47.91 6.03 -10.40
CA LEU F 217 47.58 5.28 -11.58
C LEU F 217 47.53 3.78 -11.30
N ILE F 218 48.33 3.32 -10.34
CA ILE F 218 48.25 1.91 -9.96
C ILE F 218 46.90 1.60 -9.30
N ASP F 219 46.48 2.43 -8.33
CA ASP F 219 45.14 2.20 -7.75
C ASP F 219 44.05 2.36 -8.81
N ALA F 220 44.18 3.35 -9.68
CA ALA F 220 43.09 3.65 -10.61
C ALA F 220 42.90 2.53 -11.64
N MET F 221 43.99 1.94 -12.13
CA MET F 221 43.85 0.92 -13.17
C MET F 221 43.52 -0.45 -12.61
N ALA F 222 43.57 -0.60 -11.27
CA ALA F 222 43.15 -1.85 -10.64
C ALA F 222 41.63 -1.95 -10.55
N ASN F 223 40.94 -0.81 -10.42
CA ASN F 223 39.49 -0.84 -10.27
C ASN F 223 38.79 -1.19 -11.57
N ALA F 224 39.56 -1.22 -12.67
CA ALA F 224 38.99 -1.61 -13.97
C ALA F 224 40.11 -1.97 -14.96
N PHE F 225 40.02 -3.17 -15.55
CA PHE F 225 41.07 -3.64 -16.51
C PHE F 225 40.56 -4.87 -17.21
N VAL F 226 41.25 -5.32 -18.25
CA VAL F 226 40.90 -6.60 -18.92
C VAL F 226 42.16 -7.48 -18.94
N GLY F 227 42.05 -8.71 -18.41
CA GLY F 227 43.20 -9.62 -18.36
C GLY F 227 42.73 -11.06 -18.27
N THR F 228 43.05 -11.86 -19.29
CA THR F 228 42.64 -13.28 -19.30
C THR F 228 43.82 -14.10 -18.83
N ARG F 229 44.97 -13.47 -18.68
CA ARG F 229 46.15 -14.16 -18.17
C ARG F 229 46.82 -13.32 -17.10
N SER F 230 47.81 -13.93 -16.45
CA SER F 230 48.50 -13.28 -15.35
C SER F 230 49.95 -13.74 -15.34
N TYR F 231 50.87 -12.78 -15.19
CA TYR F 231 52.27 -13.07 -14.96
C TYR F 231 52.65 -12.63 -13.55
N MET F 232 51.68 -12.68 -12.65
CA MET F 232 51.79 -12.13 -11.32
C MET F 232 52.32 -13.21 -10.38
N SER F 233 53.25 -12.83 -9.51
CA SER F 233 53.88 -13.80 -8.63
C SER F 233 52.88 -14.35 -7.60
N PRO F 234 53.03 -15.61 -7.21
CA PRO F 234 52.08 -16.21 -6.26
C PRO F 234 52.06 -15.54 -4.88
N GLU F 235 53.14 -14.88 -4.48
CA GLU F 235 53.13 -14.22 -3.17
C GLU F 235 52.31 -12.94 -3.22
N ARG F 236 52.29 -12.27 -4.37
CA ARG F 236 51.47 -11.08 -4.56
C ARG F 236 50.00 -11.43 -4.76
N LEU F 237 49.72 -12.61 -5.32
CA LEU F 237 48.33 -13.04 -5.46
C LEU F 237 47.67 -13.26 -4.11
N GLN F 238 48.45 -13.63 -3.09
CA GLN F 238 47.94 -13.94 -1.77
C GLN F 238 48.09 -12.79 -0.78
N GLY F 239 48.73 -11.69 -1.17
CA GLY F 239 48.77 -10.50 -0.35
C GLY F 239 49.95 -10.38 0.60
N THR F 240 50.88 -11.33 0.59
CA THR F 240 52.05 -11.22 1.44
C THR F 240 53.00 -10.14 0.91
N HIS F 241 53.96 -9.75 1.75
CA HIS F 241 54.88 -8.69 1.35
C HIS F 241 55.72 -9.15 0.17
N TYR F 242 55.88 -8.27 -0.81
CA TYR F 242 56.56 -8.56 -2.06
C TYR F 242 57.72 -7.60 -2.29
N SER F 243 58.64 -8.01 -3.16
CA SER F 243 59.75 -7.15 -3.57
C SER F 243 59.94 -7.33 -5.08
N VAL F 244 61.10 -6.87 -5.57
CA VAL F 244 61.45 -7.03 -6.99
C VAL F 244 61.51 -8.50 -7.38
N GLN F 245 61.59 -9.41 -6.40
CA GLN F 245 61.50 -10.83 -6.69
C GLN F 245 60.26 -11.17 -7.49
N SER F 246 59.17 -10.42 -7.31
CA SER F 246 57.98 -10.63 -8.11
C SER F 246 58.25 -10.29 -9.58
N ASP F 247 59.01 -9.21 -9.84
CA ASP F 247 59.36 -8.88 -11.21
C ASP F 247 60.22 -9.96 -11.84
N ILE F 248 61.07 -10.60 -11.05
CA ILE F 248 61.90 -11.70 -11.55
C ILE F 248 61.02 -12.90 -11.89
N TRP F 249 60.04 -13.20 -11.04
CA TRP F 249 59.08 -14.26 -11.33
C TRP F 249 58.36 -14.01 -12.64
N SER F 250 57.98 -12.75 -12.88
CA SER F 250 57.29 -12.42 -14.13
C SER F 250 58.22 -12.58 -15.33
N MET F 251 59.50 -12.20 -15.19
CA MET F 251 60.46 -12.43 -16.26
C MET F 251 60.57 -13.91 -16.60
N GLY F 252 60.77 -14.75 -15.58
CA GLY F 252 60.90 -16.18 -15.83
C GLY F 252 59.69 -16.75 -16.54
N LEU F 253 58.49 -16.29 -16.16
CA LEU F 253 57.30 -16.75 -16.87
C LEU F 253 57.21 -16.17 -18.26
N SER F 254 57.67 -14.95 -18.47
CA SER F 254 57.68 -14.44 -19.83
C SER F 254 58.67 -15.23 -20.67
N LEU F 255 59.81 -15.62 -20.09
CA LEU F 255 60.81 -16.38 -20.83
C LEU F 255 60.27 -17.73 -21.26
N VAL F 256 59.59 -18.44 -20.34
CA VAL F 256 58.97 -19.71 -20.72
C VAL F 256 57.95 -19.50 -21.83
N GLU F 257 57.08 -18.49 -21.68
CA GLU F 257 56.06 -18.23 -22.69
C GLU F 257 56.66 -17.93 -24.06
N MET F 258 57.84 -17.33 -24.08
CA MET F 258 58.50 -16.99 -25.34
C MET F 258 59.29 -18.15 -25.92
N ALA F 259 59.91 -18.98 -25.06
CA ALA F 259 60.69 -20.12 -25.54
C ALA F 259 59.81 -21.13 -26.24
N VAL F 260 58.78 -21.62 -25.56
CA VAL F 260 57.73 -22.39 -26.20
C VAL F 260 56.70 -21.39 -26.69
N GLY F 261 56.15 -21.60 -27.88
CA GLY F 261 55.27 -20.59 -28.46
C GLY F 261 53.88 -20.50 -27.87
N ARG F 262 53.75 -20.58 -26.54
CA ARG F 262 52.45 -20.55 -25.89
C ARG F 262 52.60 -20.14 -24.43
N TYR F 263 51.49 -19.70 -23.83
CA TYR F 263 51.48 -19.32 -22.39
C TYR F 263 51.61 -20.60 -21.60
N PRO F 264 52.33 -20.62 -20.47
CA PRO F 264 52.64 -21.87 -19.74
C PRO F 264 51.71 -22.22 -18.58
N ILE F 265 51.17 -21.25 -17.85
CA ILE F 265 50.38 -21.59 -16.61
C ILE F 265 49.60 -22.88 -16.83
N PRO F 266 48.80 -23.07 -17.90
CA PRO F 266 48.20 -24.40 -18.19
C PRO F 266 49.29 -25.25 -18.84
N PRO F 267 50.02 -26.10 -18.08
CA PRO F 267 51.20 -26.84 -18.61
C PRO F 267 50.87 -27.60 -19.89
N PRO F 268 51.77 -27.56 -20.89
CA PRO F 268 51.56 -28.26 -22.18
C PRO F 268 51.31 -29.74 -21.93
N ASP F 269 50.22 -30.26 -22.49
CA ASP F 269 49.94 -31.68 -22.36
C ASP F 269 51.08 -32.47 -23.02
N ALA F 270 51.20 -33.74 -22.62
CA ALA F 270 52.14 -34.66 -23.27
C ALA F 270 51.99 -34.68 -24.80
N LYS F 271 50.81 -34.36 -25.33
CA LYS F 271 50.69 -34.32 -26.78
C LYS F 271 51.16 -33.00 -27.41
N GLU F 272 50.68 -31.85 -26.91
CA GLU F 272 50.96 -30.61 -27.64
C GLU F 272 52.45 -30.31 -27.72
N LEU F 273 53.25 -30.80 -26.76
CA LEU F 273 54.70 -30.69 -26.89
C LEU F 273 55.19 -31.40 -28.15
N GLU F 274 54.68 -32.61 -28.43
CA GLU F 274 55.16 -33.34 -29.60
C GLU F 274 54.72 -32.68 -30.90
N LEU F 275 53.55 -32.02 -30.90
CA LEU F 275 53.08 -31.29 -32.07
C LEU F 275 53.49 -29.84 -32.02
N MET F 276 54.61 -29.54 -31.36
CA MET F 276 55.19 -28.21 -31.37
C MET F 276 56.61 -28.25 -31.89
N PHE F 277 57.46 -29.06 -31.25
CA PHE F 277 58.85 -29.22 -31.67
C PHE F 277 59.06 -30.47 -32.51
N GLY F 278 58.43 -31.58 -32.16
CA GLY F 278 58.62 -32.83 -32.85
C GLY F 278 59.44 -33.82 -32.04
N CYS F 279 60.43 -34.43 -32.67
CA CYS F 279 61.30 -35.38 -31.98
C CYS F 279 62.56 -34.69 -31.48
N PRO F 309 39.80 -22.91 -22.65
CA PRO F 309 40.91 -22.45 -21.81
C PRO F 309 40.50 -22.21 -20.35
N MET F 310 41.47 -22.12 -19.45
CA MET F 310 41.17 -21.94 -18.04
C MET F 310 40.76 -20.50 -17.78
N ALA F 311 39.79 -20.31 -16.88
CA ALA F 311 39.38 -18.97 -16.51
C ALA F 311 40.46 -18.30 -15.66
N ILE F 312 40.32 -16.98 -15.50
CA ILE F 312 41.37 -16.21 -14.84
C ILE F 312 41.59 -16.69 -13.41
N PHE F 313 40.51 -16.98 -12.68
CA PHE F 313 40.70 -17.45 -11.31
C PHE F 313 41.32 -18.83 -11.27
N GLU F 314 40.86 -19.73 -12.14
CA GLU F 314 41.42 -21.08 -12.18
C GLU F 314 42.89 -21.05 -12.54
N LEU F 315 43.33 -20.05 -13.33
CA LEU F 315 44.76 -19.86 -13.54
C LEU F 315 45.45 -19.43 -12.26
N LEU F 316 44.95 -18.36 -11.62
CA LEU F 316 45.52 -17.87 -10.37
C LEU F 316 45.58 -18.96 -9.32
N ASP F 317 44.56 -19.82 -9.29
CA ASP F 317 44.57 -20.96 -8.36
C ASP F 317 45.68 -21.93 -8.68
N TYR F 318 45.95 -22.16 -9.97
CA TYR F 318 47.04 -23.06 -10.37
C TYR F 318 48.39 -22.51 -9.96
N ILE F 319 48.61 -21.21 -10.20
CA ILE F 319 49.91 -20.59 -9.94
C ILE F 319 50.28 -20.65 -8.48
N VAL F 320 49.28 -20.74 -7.60
CA VAL F 320 49.52 -20.70 -6.16
C VAL F 320 49.67 -22.11 -5.56
N ASN F 321 48.94 -23.09 -6.08
CA ASN F 321 48.90 -24.41 -5.47
C ASN F 321 49.77 -25.43 -6.20
N GLU F 322 49.89 -25.34 -7.52
CA GLU F 322 50.57 -26.35 -8.31
C GLU F 322 52.02 -25.93 -8.58
N PRO F 323 52.88 -26.90 -8.90
CA PRO F 323 54.29 -26.56 -9.10
C PRO F 323 54.46 -25.60 -10.23
N PRO F 324 55.50 -24.76 -10.20
CA PRO F 324 55.70 -23.74 -11.24
C PRO F 324 55.97 -24.39 -12.59
N PRO F 325 55.75 -23.65 -13.68
CA PRO F 325 56.03 -24.21 -15.00
C PRO F 325 57.52 -24.28 -15.27
N LYS F 326 57.87 -25.12 -16.24
CA LYS F 326 59.25 -25.39 -16.60
C LYS F 326 59.41 -25.40 -18.11
N LEU F 327 60.66 -25.26 -18.54
CA LEU F 327 60.98 -25.43 -19.94
C LEU F 327 60.98 -26.92 -20.28
N PRO F 328 60.45 -27.31 -21.44
CA PRO F 328 60.44 -28.73 -21.78
C PRO F 328 61.86 -29.26 -21.94
N SER F 329 62.14 -30.36 -21.25
CA SER F 329 63.50 -30.91 -21.22
C SER F 329 63.75 -31.70 -22.51
N GLY F 330 64.80 -31.31 -23.23
CA GLY F 330 65.19 -32.01 -24.43
C GLY F 330 65.44 -31.10 -25.62
N VAL F 331 65.03 -29.85 -25.50
CA VAL F 331 65.17 -28.89 -26.59
C VAL F 331 65.97 -27.64 -26.18
N PHE F 332 66.09 -27.35 -24.89
CA PHE F 332 66.83 -26.19 -24.41
C PHE F 332 68.00 -26.66 -23.54
N SER F 333 68.94 -25.74 -23.33
CA SER F 333 70.11 -26.02 -22.53
C SER F 333 69.76 -26.17 -21.04
N LEU F 334 70.64 -26.84 -20.30
CA LEU F 334 70.45 -26.95 -18.86
C LEU F 334 70.64 -25.59 -18.20
N GLU F 335 71.45 -24.73 -18.82
CA GLU F 335 71.68 -23.38 -18.32
C GLU F 335 70.36 -22.63 -18.24
N PHE F 336 69.72 -22.48 -19.40
CA PHE F 336 68.42 -21.83 -19.52
C PHE F 336 67.39 -22.47 -18.60
N GLN F 337 67.40 -23.80 -18.52
CA GLN F 337 66.49 -24.45 -17.60
C GLN F 337 66.78 -24.00 -16.18
N ASP F 338 68.05 -24.11 -15.74
CA ASP F 338 68.36 -23.71 -14.37
C ASP F 338 68.08 -22.22 -14.16
N PHE F 339 68.18 -21.42 -15.22
CA PHE F 339 67.93 -19.98 -15.12
C PHE F 339 66.46 -19.67 -14.84
N VAL F 340 65.56 -20.23 -15.66
CA VAL F 340 64.14 -19.97 -15.43
C VAL F 340 63.68 -20.69 -14.17
N ASN F 341 64.27 -21.85 -13.85
CA ASN F 341 63.82 -22.53 -12.66
C ASN F 341 64.14 -21.72 -11.40
N LYS F 342 65.28 -21.04 -11.38
CA LYS F 342 65.58 -20.20 -10.22
C LYS F 342 64.73 -18.93 -10.18
N CYS F 343 64.14 -18.52 -11.31
CA CYS F 343 63.24 -17.39 -11.27
C CYS F 343 61.83 -17.77 -10.83
N LEU F 344 61.42 -19.02 -11.05
CA LEU F 344 60.07 -19.44 -10.72
C LEU F 344 59.99 -20.28 -9.46
N ILE F 345 60.97 -20.17 -8.57
CA ILE F 345 60.84 -20.76 -7.25
C ILE F 345 59.80 -19.96 -6.49
N LYS F 346 58.86 -20.63 -5.83
CA LYS F 346 57.74 -19.93 -5.22
C LYS F 346 58.20 -19.03 -4.08
N ASN F 347 59.04 -19.55 -3.19
CA ASN F 347 59.54 -18.75 -2.08
C ASN F 347 60.37 -17.58 -2.61
N PRO F 348 59.97 -16.34 -2.34
CA PRO F 348 60.73 -15.19 -2.88
C PRO F 348 62.14 -15.11 -2.33
N ALA F 349 62.35 -15.50 -1.07
CA ALA F 349 63.68 -15.41 -0.48
C ALA F 349 64.65 -16.39 -1.12
N GLU F 350 64.19 -17.60 -1.43
CA GLU F 350 65.09 -18.56 -2.03
C GLU F 350 65.01 -18.50 -3.54
N ARG F 351 64.23 -17.57 -4.07
CA ARG F 351 64.24 -17.29 -5.48
C ARG F 351 65.46 -16.44 -5.76
N ALA F 352 65.98 -16.56 -6.97
CA ALA F 352 67.12 -15.76 -7.37
C ALA F 352 66.76 -14.27 -7.37
N ASP F 353 67.69 -13.42 -6.92
CA ASP F 353 67.53 -11.96 -6.97
C ASP F 353 68.36 -11.35 -8.08
N LEU F 354 68.40 -10.01 -8.16
CA LEU F 354 68.99 -9.37 -9.33
C LEU F 354 70.49 -9.63 -9.38
N LYS F 355 71.13 -9.70 -8.23
CA LYS F 355 72.58 -9.87 -8.18
C LYS F 355 72.99 -11.31 -8.49
N GLN F 356 72.18 -12.27 -8.03
CA GLN F 356 72.46 -13.69 -8.31
C GLN F 356 72.27 -13.98 -9.80
N LEU F 357 71.27 -13.38 -10.44
CA LEU F 357 71.05 -13.76 -11.84
C LEU F 357 72.15 -13.25 -12.73
N MET F 358 72.74 -12.10 -12.41
CA MET F 358 73.81 -11.56 -13.25
C MET F 358 75.10 -12.37 -13.18
N VAL F 359 75.22 -13.32 -12.26
CA VAL F 359 76.39 -14.18 -12.21
C VAL F 359 76.06 -15.64 -12.53
N HIS F 360 74.84 -15.92 -12.96
CA HIS F 360 74.41 -17.27 -13.32
C HIS F 360 75.08 -17.75 -14.62
N ALA F 361 75.09 -19.07 -14.80
CA ALA F 361 75.76 -19.65 -15.96
C ALA F 361 75.10 -19.20 -17.27
N PHE F 362 73.77 -19.13 -17.31
CA PHE F 362 73.09 -18.84 -18.57
C PHE F 362 73.38 -17.41 -19.04
N ILE F 363 73.55 -16.47 -18.11
CA ILE F 363 73.81 -15.10 -18.52
C ILE F 363 75.27 -14.95 -18.93
N LYS F 364 76.18 -15.64 -18.24
CA LYS F 364 77.60 -15.59 -18.60
C LYS F 364 77.88 -16.31 -19.91
N ARG F 365 77.11 -17.35 -20.23
CA ARG F 365 77.18 -17.90 -21.57
C ARG F 365 76.62 -16.90 -22.58
N SER F 366 75.52 -16.23 -22.21
CA SER F 366 74.81 -15.35 -23.14
C SER F 366 75.58 -14.07 -23.43
N ASP F 367 76.23 -13.48 -22.43
CA ASP F 367 77.06 -12.30 -22.70
C ASP F 367 78.18 -12.62 -23.68
N ALA F 368 78.61 -13.88 -23.76
CA ALA F 368 79.63 -14.29 -24.72
C ALA F 368 79.01 -14.61 -26.07
N GLU F 369 77.81 -15.19 -26.08
CA GLU F 369 77.19 -15.60 -27.36
C GLU F 369 76.54 -14.37 -28.03
N GLU F 370 77.30 -13.63 -28.83
CA GLU F 370 76.81 -12.45 -29.52
C GLU F 370 76.05 -12.82 -30.79
N VAL F 371 74.75 -12.51 -30.79
CA VAL F 371 73.88 -12.67 -31.95
C VAL F 371 73.40 -11.29 -32.38
N ASP F 372 73.19 -11.18 -33.69
CA ASP F 372 72.69 -9.96 -34.28
C ASP F 372 71.17 -9.94 -34.08
N PHE F 373 70.78 -9.48 -32.89
CA PHE F 373 69.36 -9.34 -32.56
C PHE F 373 68.65 -8.42 -33.55
N ALA F 374 69.23 -7.24 -33.82
CA ALA F 374 68.62 -6.29 -34.74
C ALA F 374 68.26 -6.93 -36.08
N GLY F 375 69.15 -7.73 -36.65
CA GLY F 375 68.87 -8.37 -37.93
C GLY F 375 67.77 -9.40 -37.85
N TRP F 376 67.91 -10.37 -36.94
CA TRP F 376 66.91 -11.42 -36.80
C TRP F 376 65.52 -10.86 -36.53
N LEU F 377 65.44 -9.73 -35.82
CA LEU F 377 64.14 -9.08 -35.62
C LEU F 377 63.57 -8.63 -36.95
N CYS F 378 64.39 -7.95 -37.76
CA CYS F 378 63.94 -7.46 -39.06
C CYS F 378 63.66 -8.59 -40.04
N SER F 379 64.23 -9.77 -39.81
CA SER F 379 63.91 -10.92 -40.67
C SER F 379 62.57 -11.54 -40.32
N THR F 380 62.15 -11.46 -39.06
CA THR F 380 60.97 -12.18 -38.61
C THR F 380 59.72 -11.31 -38.53
N ILE F 381 59.84 -9.99 -38.63
CA ILE F 381 58.69 -9.11 -38.74
C ILE F 381 58.66 -8.37 -40.08
N GLY F 382 59.81 -7.88 -40.54
CA GLY F 382 59.84 -7.05 -41.74
C GLY F 382 59.90 -5.57 -41.39
N ASP G 6 1.98 -12.75 -20.67
CA ASP G 6 3.14 -11.87 -20.52
C ASP G 6 2.84 -10.63 -19.67
N TRP G 7 1.77 -9.95 -20.06
CA TRP G 7 1.29 -8.73 -19.42
C TRP G 7 0.08 -8.98 -18.54
N GLU G 8 -0.28 -10.24 -18.35
CA GLU G 8 -1.30 -10.59 -17.37
C GLU G 8 -0.67 -10.55 -15.99
N ILE G 9 -1.34 -9.86 -15.07
CA ILE G 9 -0.85 -9.70 -13.71
C ILE G 9 -1.75 -10.50 -12.79
N GLU G 10 -1.14 -11.32 -11.94
CA GLU G 10 -1.91 -12.13 -11.01
C GLU G 10 -2.48 -11.26 -9.91
N ALA G 11 -3.77 -11.43 -9.63
CA ALA G 11 -4.46 -10.55 -8.69
C ALA G 11 -3.88 -10.67 -7.29
N SER G 12 -3.31 -11.83 -6.98
CA SER G 12 -2.73 -12.06 -5.66
C SER G 12 -1.53 -11.15 -5.36
N GLU G 13 -0.89 -10.58 -6.38
CA GLU G 13 0.30 -9.75 -6.17
C GLU G 13 -0.02 -8.28 -5.94
N VAL G 14 -1.21 -7.82 -6.31
CA VAL G 14 -1.54 -6.40 -6.31
C VAL G 14 -2.45 -6.07 -5.14
N MET G 15 -2.12 -4.98 -4.43
CA MET G 15 -2.90 -4.48 -3.29
C MET G 15 -3.52 -3.16 -3.68
N LEU G 16 -4.84 -3.12 -3.77
CA LEU G 16 -5.49 -1.86 -4.06
C LEU G 16 -5.58 -1.08 -2.76
N SER G 17 -5.04 0.13 -2.75
CA SER G 17 -5.01 0.89 -1.51
C SER G 17 -6.11 1.94 -1.49
N THR G 18 -5.80 3.15 -1.90
CA THR G 18 -6.75 4.25 -1.80
C THR G 18 -7.47 4.42 -3.13
N ARG G 19 -8.67 5.00 -3.07
CA ARG G 19 -9.43 5.31 -4.27
C ARG G 19 -9.17 6.77 -4.59
N ILE G 20 -8.41 7.02 -5.64
CA ILE G 20 -8.00 8.38 -5.94
C ILE G 20 -8.66 8.81 -7.24
N GLY G 21 -9.94 9.14 -7.21
CA GLY G 21 -10.61 9.61 -8.40
C GLY G 21 -10.95 8.51 -9.41
N SER G 22 -11.72 8.93 -10.40
CA SER G 22 -12.20 8.09 -11.49
C SER G 22 -11.76 8.74 -12.80
N GLY G 23 -11.34 7.94 -13.76
CA GLY G 23 -10.92 8.47 -15.04
C GLY G 23 -12.07 8.59 -16.01
N SER G 24 -11.79 8.42 -17.29
CA SER G 24 -12.83 8.55 -18.30
C SER G 24 -13.43 7.22 -18.71
N PHE G 25 -12.62 6.15 -18.69
CA PHE G 25 -13.04 4.81 -19.06
C PHE G 25 -13.23 3.91 -17.83
N GLY G 26 -12.95 4.41 -16.63
CA GLY G 26 -13.04 3.57 -15.45
C GLY G 26 -12.76 4.37 -14.19
N THR G 27 -12.43 3.64 -13.12
CA THR G 27 -12.14 4.22 -11.82
C THR G 27 -10.72 3.81 -11.42
N VAL G 28 -9.98 4.76 -10.87
CA VAL G 28 -8.53 4.63 -10.66
C VAL G 28 -8.23 4.55 -9.17
N TYR G 29 -7.57 3.47 -8.76
CA TYR G 29 -7.05 3.30 -7.41
C TYR G 29 -5.53 3.38 -7.41
N LYS G 30 -4.98 4.03 -6.39
CA LYS G 30 -3.56 3.89 -6.10
C LYS G 30 -3.32 2.52 -5.50
N GLY G 31 -2.21 1.90 -5.87
CA GLY G 31 -1.98 0.52 -5.50
C GLY G 31 -0.52 0.17 -5.29
N LYS G 32 -0.26 -1.13 -5.11
CA LYS G 32 1.08 -1.63 -4.89
C LYS G 32 1.31 -2.86 -5.77
N TRP G 33 2.35 -2.82 -6.60
CA TRP G 33 2.78 -3.99 -7.37
C TRP G 33 4.22 -3.69 -7.79
N HIS G 34 5.17 -4.16 -6.98
CA HIS G 34 6.58 -3.74 -7.09
C HIS G 34 6.68 -2.23 -6.97
N GLY G 35 6.15 -1.69 -5.89
CA GLY G 35 6.10 -0.26 -5.67
C GLY G 35 4.75 0.32 -6.01
N ASP G 36 4.67 1.65 -5.87
CA ASP G 36 3.43 2.35 -6.18
C ASP G 36 3.05 2.14 -7.64
N VAL G 37 1.74 1.99 -7.88
CA VAL G 37 1.20 1.77 -9.22
C VAL G 37 -0.20 2.36 -9.23
N ALA G 38 -0.74 2.54 -10.42
CA ALA G 38 -2.13 2.95 -10.59
C ALA G 38 -2.89 1.81 -11.24
N VAL G 39 -4.04 1.48 -10.68
CA VAL G 39 -4.88 0.40 -11.18
C VAL G 39 -6.22 1.03 -11.56
N LYS G 40 -6.58 0.94 -12.84
CA LYS G 40 -7.84 1.48 -13.33
C LYS G 40 -8.75 0.30 -13.66
N ILE G 41 -9.78 0.10 -12.83
CA ILE G 41 -10.71 -1.02 -12.93
C ILE G 41 -12.02 -0.53 -13.52
N LEU G 42 -12.58 -1.30 -14.44
CA LEU G 42 -13.92 -0.97 -14.91
C LEU G 42 -14.91 -1.39 -13.83
N LYS G 43 -15.75 -0.46 -13.40
CA LYS G 43 -16.73 -0.73 -12.35
C LYS G 43 -17.97 -1.47 -12.84
N VAL G 44 -17.80 -2.64 -13.46
CA VAL G 44 -18.92 -3.44 -13.90
C VAL G 44 -18.63 -4.88 -13.49
N VAL G 45 -19.66 -5.61 -13.03
CA VAL G 45 -19.39 -6.91 -12.42
C VAL G 45 -19.31 -8.00 -13.48
N ASP G 46 -20.18 -7.92 -14.49
CA ASP G 46 -20.24 -8.85 -15.62
C ASP G 46 -20.25 -7.98 -16.86
N PRO G 47 -19.07 -7.63 -17.38
CA PRO G 47 -18.99 -6.62 -18.44
C PRO G 47 -19.63 -7.06 -19.74
N THR G 48 -20.15 -6.06 -20.46
CA THR G 48 -20.76 -6.29 -21.75
C THR G 48 -19.69 -6.45 -22.83
N PRO G 49 -19.93 -7.31 -23.82
CA PRO G 49 -18.98 -7.48 -24.93
C PRO G 49 -18.49 -6.18 -25.56
N GLU G 50 -19.31 -5.13 -25.60
CA GLU G 50 -18.87 -3.87 -26.20
C GLU G 50 -17.78 -3.19 -25.35
N GLN G 51 -18.00 -3.08 -24.03
CA GLN G 51 -16.97 -2.49 -23.18
C GLN G 51 -15.70 -3.34 -23.14
N PHE G 52 -15.80 -4.62 -23.46
CA PHE G 52 -14.60 -5.45 -23.52
C PHE G 52 -13.60 -4.91 -24.55
N GLN G 53 -14.11 -4.36 -25.66
CA GLN G 53 -13.23 -3.80 -26.70
C GLN G 53 -12.66 -2.44 -26.30
N ALA G 54 -13.47 -1.56 -25.70
CA ALA G 54 -12.95 -0.28 -25.23
C ALA G 54 -11.80 -0.47 -24.25
N PHE G 55 -11.83 -1.57 -23.51
CA PHE G 55 -10.70 -1.98 -22.67
C PHE G 55 -9.52 -2.42 -23.53
N ARG G 56 -9.79 -3.29 -24.50
CA ARG G 56 -8.75 -3.78 -25.39
C ARG G 56 -8.16 -2.68 -26.26
N ASN G 57 -8.87 -1.56 -26.44
CA ASN G 57 -8.33 -0.41 -27.18
C ASN G 57 -7.25 0.32 -26.37
N GLU G 58 -7.56 0.65 -25.11
CA GLU G 58 -6.55 1.31 -24.28
C GLU G 58 -5.35 0.41 -24.07
N VAL G 59 -5.58 -0.92 -24.00
CA VAL G 59 -4.46 -1.85 -23.93
C VAL G 59 -3.71 -1.91 -25.26
N ALA G 60 -4.44 -1.90 -26.38
CA ALA G 60 -3.79 -1.96 -27.69
C ALA G 60 -2.88 -0.77 -27.91
N VAL G 61 -3.31 0.42 -27.49
CA VAL G 61 -2.48 1.61 -27.65
C VAL G 61 -1.33 1.62 -26.65
N LEU G 62 -1.62 1.38 -25.36
CA LEU G 62 -0.57 1.42 -24.35
C LEU G 62 0.51 0.38 -24.58
N ARG G 63 0.14 -0.81 -25.04
CA ARG G 63 1.15 -1.84 -25.26
C ARG G 63 2.13 -1.48 -26.37
N LYS G 64 1.84 -0.45 -27.16
CA LYS G 64 2.69 -0.08 -28.29
C LYS G 64 3.58 1.11 -27.97
N THR G 65 3.49 1.69 -26.78
CA THR G 65 4.21 2.91 -26.43
C THR G 65 5.32 2.59 -25.44
N ARG G 66 6.55 2.96 -25.80
CA ARG G 66 7.68 2.96 -24.85
C ARG G 66 8.37 4.30 -25.07
N HIS G 67 7.98 5.29 -24.27
CA HIS G 67 8.49 6.63 -24.43
C HIS G 67 8.32 7.36 -23.11
N VAL G 68 9.33 8.15 -22.74
CA VAL G 68 9.38 8.77 -21.41
C VAL G 68 8.30 9.83 -21.22
N ASN G 69 7.64 10.25 -22.29
CA ASN G 69 6.56 11.23 -22.20
C ASN G 69 5.19 10.60 -22.37
N ILE G 70 5.11 9.27 -22.48
CA ILE G 70 3.86 8.54 -22.50
C ILE G 70 3.74 7.79 -21.18
N LEU G 71 2.54 7.80 -20.59
CA LEU G 71 2.29 7.06 -19.36
C LEU G 71 2.69 5.60 -19.52
N LEU G 72 3.45 5.09 -18.54
CA LEU G 72 4.05 3.77 -18.64
C LEU G 72 3.04 2.69 -18.30
N PHE G 73 2.60 1.96 -19.33
CA PHE G 73 1.82 0.75 -19.12
C PHE G 73 2.68 -0.32 -18.46
N MET G 74 2.09 -1.11 -17.56
CA MET G 74 2.85 -2.08 -16.78
C MET G 74 2.23 -3.47 -16.89
N GLY G 75 0.91 -3.52 -17.07
CA GLY G 75 0.24 -4.79 -17.25
C GLY G 75 -1.26 -4.60 -17.21
N TYR G 76 -1.94 -5.72 -17.39
CA TYR G 76 -3.42 -5.71 -17.40
C TYR G 76 -3.95 -6.89 -16.61
N MET G 77 -5.19 -6.78 -16.12
CA MET G 77 -5.86 -7.83 -15.38
C MET G 77 -7.17 -8.14 -16.10
N THR G 78 -7.33 -9.41 -16.52
CA THR G 78 -8.51 -9.80 -17.30
C THR G 78 -9.15 -10.99 -16.61
N LYS G 79 -8.69 -11.30 -15.39
CA LYS G 79 -9.32 -12.39 -14.59
C LYS G 79 -9.74 -11.79 -13.24
N ASP G 80 -10.99 -12.03 -12.81
CA ASP G 80 -11.52 -11.45 -11.54
C ASP G 80 -11.89 -9.98 -11.77
N ASN G 81 -11.47 -9.39 -12.89
CA ASN G 81 -11.86 -8.00 -13.23
C ASN G 81 -11.17 -7.50 -14.49
N LEU G 82 -11.67 -6.41 -15.09
CA LEU G 82 -10.95 -5.77 -16.17
C LEU G 82 -10.21 -4.56 -15.61
N ALA G 83 -8.88 -4.59 -15.69
CA ALA G 83 -8.08 -3.50 -15.15
C ALA G 83 -6.80 -3.35 -15.95
N ILE G 84 -6.25 -2.14 -15.96
CA ILE G 84 -4.94 -1.86 -16.51
C ILE G 84 -4.09 -1.24 -15.42
N VAL G 85 -2.84 -1.70 -15.32
CA VAL G 85 -1.88 -1.21 -14.33
C VAL G 85 -0.88 -0.33 -15.05
N THR G 86 -0.68 0.88 -14.54
CA THR G 86 0.31 1.81 -15.06
C THR G 86 1.17 2.30 -13.91
N GLN G 87 2.21 3.06 -14.25
CA GLN G 87 3.00 3.71 -13.23
C GLN G 87 2.13 4.67 -12.42
N TRP G 88 2.57 4.97 -11.20
CA TRP G 88 1.90 5.98 -10.39
C TRP G 88 2.68 7.28 -10.53
N CYS G 89 1.99 8.34 -10.93
CA CYS G 89 2.62 9.63 -11.13
C CYS G 89 2.45 10.51 -9.90
N GLU G 90 3.57 10.98 -9.35
CA GLU G 90 3.55 11.90 -8.22
C GLU G 90 3.34 13.31 -8.75
N GLY G 91 2.27 13.98 -8.35
CA GLY G 91 2.08 15.35 -8.81
C GLY G 91 0.65 15.63 -9.24
N SER G 92 0.46 16.78 -9.88
CA SER G 92 -0.83 17.21 -10.42
C SER G 92 -0.84 17.12 -11.93
N SER G 93 -2.01 17.36 -12.51
CA SER G 93 -2.13 17.53 -13.96
C SER G 93 -1.68 18.93 -14.36
N LEU G 94 -1.41 19.10 -15.65
CA LEU G 94 -1.05 20.42 -16.14
C LEU G 94 -2.22 21.40 -16.00
N TYR G 95 -3.45 20.90 -16.16
CA TYR G 95 -4.63 21.72 -15.90
C TYR G 95 -4.63 22.24 -14.47
N LYS G 96 -4.40 21.36 -13.49
CA LYS G 96 -4.36 21.82 -12.10
C LYS G 96 -3.26 22.85 -11.88
N HIS G 97 -2.08 22.62 -12.48
CA HIS G 97 -0.99 23.57 -12.30
C HIS G 97 -1.36 24.96 -12.81
N LEU G 98 -2.00 25.04 -13.98
CA LEU G 98 -2.24 26.32 -14.62
C LEU G 98 -3.52 27.00 -14.16
N HIS G 99 -4.52 26.24 -13.71
CA HIS G 99 -5.85 26.78 -13.52
C HIS G 99 -6.41 26.62 -12.10
N VAL G 100 -5.78 25.78 -11.27
CA VAL G 100 -6.23 25.62 -9.89
C VAL G 100 -5.13 26.08 -8.94
N GLN G 101 -4.01 25.35 -8.94
CA GLN G 101 -2.89 25.66 -8.06
C GLN G 101 -2.20 26.96 -8.43
N GLU G 102 -2.29 27.38 -9.68
CA GLU G 102 -1.67 28.61 -10.18
C GLU G 102 -0.16 28.61 -9.95
N THR G 103 0.48 27.51 -10.32
CA THR G 103 1.92 27.39 -10.16
C THR G 103 2.64 28.41 -11.02
N LYS G 104 3.63 29.10 -10.43
CA LYS G 104 4.36 30.17 -11.12
C LYS G 104 5.57 29.58 -11.85
N PHE G 105 5.28 28.95 -12.98
CA PHE G 105 6.33 28.47 -13.86
C PHE G 105 7.10 29.64 -14.47
N GLN G 106 8.40 29.45 -14.66
CA GLN G 106 9.14 30.42 -15.45
C GLN G 106 9.05 30.05 -16.93
N MET G 107 9.40 31.01 -17.78
CA MET G 107 9.22 30.81 -19.22
C MET G 107 10.05 29.64 -19.75
N PHE G 108 11.23 29.40 -19.20
CA PHE G 108 12.00 28.28 -19.73
C PHE G 108 11.32 26.96 -19.37
N GLN G 109 10.65 26.90 -18.21
N GLN G 109 10.63 26.90 -18.22
CA GLN G 109 9.89 25.72 -17.85
CA GLN G 109 9.91 25.68 -17.87
C GLN G 109 8.70 25.53 -18.78
C GLN G 109 8.64 25.52 -18.72
N LEU G 110 8.01 26.62 -19.11
CA LEU G 110 6.83 26.51 -19.98
C LEU G 110 7.22 26.00 -21.35
N ILE G 111 8.33 26.48 -21.90
CA ILE G 111 8.81 25.98 -23.18
C ILE G 111 9.24 24.53 -23.03
N ASP G 112 9.82 24.19 -21.88
CA ASP G 112 10.26 22.83 -21.64
C ASP G 112 9.07 21.87 -21.62
N ILE G 113 7.99 22.26 -20.95
CA ILE G 113 6.75 21.49 -20.95
C ILE G 113 6.20 21.38 -22.37
N ALA G 114 6.27 22.49 -23.12
CA ALA G 114 5.83 22.46 -24.52
C ALA G 114 6.63 21.45 -25.32
N ARG G 115 7.94 21.39 -25.10
CA ARG G 115 8.78 20.47 -25.85
C ARG G 115 8.43 19.02 -25.53
N GLN G 116 8.33 18.70 -24.23
CA GLN G 116 8.05 17.33 -23.80
C GLN G 116 6.70 16.85 -24.31
N THR G 117 5.67 17.69 -24.22
CA THR G 117 4.37 17.32 -24.77
C THR G 117 4.48 17.04 -26.26
N ALA G 118 5.24 17.86 -26.98
CA ALA G 118 5.44 17.63 -28.41
C ALA G 118 6.21 16.35 -28.66
N GLN G 119 7.16 16.01 -27.78
CA GLN G 119 7.92 14.78 -27.94
C GLN G 119 7.02 13.55 -27.82
N GLY G 120 6.13 13.55 -26.83
CA GLY G 120 5.20 12.44 -26.71
C GLY G 120 4.23 12.37 -27.88
N MET G 121 3.71 13.52 -28.31
CA MET G 121 2.77 13.52 -29.43
C MET G 121 3.44 13.07 -30.72
N ASP G 122 4.68 13.49 -30.95
CA ASP G 122 5.41 13.06 -32.14
C ASP G 122 5.57 11.54 -32.14
N TYR G 123 5.89 10.96 -30.98
CA TYR G 123 6.03 9.51 -30.88
C TYR G 123 4.70 8.81 -31.16
N LEU G 124 3.60 9.32 -30.59
CA LEU G 124 2.30 8.69 -30.77
C LEU G 124 1.89 8.69 -32.24
N HIS G 125 2.00 9.84 -32.91
CA HIS G 125 1.65 9.93 -34.33
C HIS G 125 2.58 9.09 -35.19
N ALA G 126 3.86 8.99 -34.82
CA ALA G 126 4.78 8.15 -35.57
C ALA G 126 4.36 6.69 -35.54
N LYS G 127 3.55 6.29 -34.56
CA LYS G 127 3.03 4.93 -34.45
C LYS G 127 1.58 4.83 -34.90
N ASN G 128 1.07 5.83 -35.62
CA ASN G 128 -0.30 5.84 -36.14
C ASN G 128 -1.32 5.78 -35.01
N ILE G 129 -1.09 6.57 -33.97
CA ILE G 129 -2.01 6.68 -32.84
C ILE G 129 -2.49 8.12 -32.81
N ILE G 130 -3.81 8.30 -32.86
CA ILE G 130 -4.42 9.62 -32.69
C ILE G 130 -5.06 9.64 -31.31
N HIS G 131 -4.70 10.62 -30.50
CA HIS G 131 -5.21 10.67 -29.13
C HIS G 131 -6.70 10.94 -29.11
N ARG G 132 -7.14 11.93 -29.89
CA ARG G 132 -8.56 12.20 -30.14
C ARG G 132 -9.25 12.86 -28.96
N ASP G 133 -8.57 12.99 -27.82
CA ASP G 133 -9.17 13.61 -26.66
C ASP G 133 -8.06 14.25 -25.82
N MET G 134 -7.29 15.12 -26.46
CA MET G 134 -6.15 15.77 -25.83
C MET G 134 -6.58 17.04 -25.09
N LYS G 135 -6.25 17.11 -23.80
CA LYS G 135 -6.42 18.33 -23.02
C LYS G 135 -5.27 18.45 -22.04
N SER G 136 -5.23 19.58 -21.33
CA SER G 136 -4.25 19.71 -20.26
C SER G 136 -4.63 18.88 -19.05
N ASN G 137 -5.87 18.37 -19.00
CA ASN G 137 -6.26 17.43 -17.96
C ASN G 137 -5.54 16.10 -18.11
N ASN G 138 -5.19 15.72 -19.34
CA ASN G 138 -4.57 14.44 -19.62
C ASN G 138 -3.06 14.53 -19.70
N ILE G 139 -2.50 15.70 -19.39
CA ILE G 139 -1.05 15.88 -19.29
C ILE G 139 -0.70 15.93 -17.82
N PHE G 140 0.15 15.01 -17.37
CA PHE G 140 0.57 14.95 -15.98
C PHE G 140 2.01 15.43 -15.86
N LEU G 141 2.28 16.25 -14.85
CA LEU G 141 3.64 16.66 -14.52
C LEU G 141 4.13 15.72 -13.43
N HIS G 142 4.79 14.65 -13.84
CA HIS G 142 5.37 13.70 -12.92
C HIS G 142 6.49 14.38 -12.13
N GLU G 143 6.41 14.29 -10.81
CA GLU G 143 7.34 14.96 -9.89
C GLU G 143 7.55 16.42 -10.24
N GLY G 144 6.59 17.05 -10.92
CA GLY G 144 6.76 18.44 -11.26
C GLY G 144 7.63 18.68 -12.48
N LEU G 145 8.33 17.67 -12.97
CA LEU G 145 9.38 17.86 -13.96
C LEU G 145 9.15 17.18 -15.31
N THR G 146 8.47 16.05 -15.37
CA THR G 146 8.35 15.27 -16.61
C THR G 146 6.91 15.14 -17.06
N VAL G 147 6.66 15.42 -18.34
CA VAL G 147 5.32 15.32 -18.89
C VAL G 147 4.99 13.85 -19.13
N LYS G 148 3.79 13.44 -18.73
CA LYS G 148 3.27 12.12 -19.00
C LYS G 148 1.88 12.26 -19.62
N ILE G 149 1.69 11.68 -20.79
CA ILE G 149 0.41 11.77 -21.51
C ILE G 149 -0.39 10.51 -21.23
N GLY G 150 -1.65 10.68 -20.87
CA GLY G 150 -2.51 9.55 -20.55
C GLY G 150 -3.90 9.69 -21.16
N ASP G 151 -4.85 8.89 -20.68
CA ASP G 151 -6.23 8.91 -21.15
C ASP G 151 -6.30 8.50 -22.63
N PHE G 152 -5.82 7.28 -22.89
CA PHE G 152 -5.89 6.66 -24.20
C PHE G 152 -7.13 5.81 -24.43
N GLY G 153 -8.21 6.08 -23.67
CA GLY G 153 -9.41 5.30 -23.83
C GLY G 153 -10.13 5.55 -25.14
N LEU G 154 -9.90 6.71 -25.74
CA LEU G 154 -10.49 7.11 -27.02
C LEU G 154 -9.51 7.02 -28.18
N ALA G 155 -8.27 6.61 -27.94
CA ALA G 155 -7.28 6.51 -29.00
C ALA G 155 -7.51 5.27 -29.85
N THR G 156 -7.12 5.36 -31.12
CA THR G 156 -7.16 4.23 -32.03
C THR G 156 -5.89 4.18 -32.85
N VAL G 157 -5.56 2.99 -33.34
CA VAL G 157 -4.48 2.80 -34.30
C VAL G 157 -5.14 2.70 -35.67
N LYS G 158 -5.09 3.78 -36.43
CA LYS G 158 -5.66 3.83 -37.77
C LYS G 158 -5.04 2.80 -38.69
N GLU G 168 -16.47 7.03 -32.98
CA GLU G 168 -16.38 8.47 -33.14
C GLU G 168 -17.48 9.18 -32.35
N GLN G 169 -17.16 9.58 -31.12
CA GLN G 169 -18.12 10.24 -30.25
C GLN G 169 -17.39 10.97 -29.14
N PRO G 170 -17.23 12.28 -29.24
CA PRO G 170 -16.53 13.05 -28.21
C PRO G 170 -17.47 13.67 -27.18
N THR G 171 -16.96 13.76 -25.96
CA THR G 171 -17.71 14.31 -24.83
C THR G 171 -16.72 15.03 -23.91
N GLY G 172 -17.19 15.47 -22.74
CA GLY G 172 -16.27 16.12 -21.83
C GLY G 172 -16.31 17.63 -21.95
N SER G 173 -15.22 18.20 -22.45
CA SER G 173 -15.12 19.62 -22.69
C SER G 173 -14.83 19.87 -24.16
N VAL G 174 -15.13 21.08 -24.59
CA VAL G 174 -15.00 21.46 -26.00
C VAL G 174 -13.84 22.41 -26.25
N LEU G 175 -13.18 22.91 -25.20
CA LEU G 175 -12.19 23.96 -25.35
C LEU G 175 -11.02 23.51 -26.22
N TRP G 176 -10.73 22.21 -26.26
CA TRP G 176 -9.59 21.68 -27.00
C TRP G 176 -10.00 21.07 -28.34
N MET G 177 -11.27 21.15 -28.71
CA MET G 177 -11.76 20.48 -29.90
C MET G 177 -11.52 21.34 -31.13
N ALA G 178 -10.93 20.75 -32.17
CA ALA G 178 -10.76 21.45 -33.42
C ALA G 178 -12.13 21.74 -34.05
N PRO G 179 -12.25 22.83 -34.81
CA PRO G 179 -13.55 23.14 -35.44
C PRO G 179 -14.16 21.99 -36.21
N GLU G 180 -13.35 21.23 -36.97
CA GLU G 180 -13.88 20.09 -37.69
C GLU G 180 -14.43 19.02 -36.75
N VAL G 181 -13.89 18.94 -35.53
CA VAL G 181 -14.40 17.99 -34.55
C VAL G 181 -15.69 18.52 -33.94
N ILE G 182 -15.77 19.83 -33.72
CA ILE G 182 -17.00 20.43 -33.21
C ILE G 182 -18.13 20.28 -34.21
N ARG G 183 -17.84 20.54 -35.49
CA ARG G 183 -18.88 20.46 -36.52
C ARG G 183 -19.43 19.04 -36.66
N MET G 184 -18.56 18.05 -36.61
CA MET G 184 -18.93 16.63 -36.75
C MET G 184 -19.69 16.39 -38.05
N GLN G 185 -19.28 17.11 -39.10
CA GLN G 185 -19.94 16.99 -40.40
C GLN G 185 -19.23 16.02 -41.33
N ASP G 186 -17.92 15.88 -41.19
CA ASP G 186 -17.16 15.00 -42.07
C ASP G 186 -17.11 13.60 -41.49
N ASN G 187 -16.41 12.71 -42.20
CA ASN G 187 -16.19 11.35 -41.77
C ASN G 187 -14.82 11.28 -41.11
N ASN G 188 -14.79 10.76 -39.87
CA ASN G 188 -13.59 10.74 -39.06
C ASN G 188 -13.00 12.15 -39.08
N PRO G 189 -13.57 13.09 -38.33
CA PRO G 189 -12.99 14.44 -38.28
C PRO G 189 -11.71 14.48 -37.49
N PHE G 190 -11.32 13.35 -36.93
CA PHE G 190 -10.13 13.21 -36.10
C PHE G 190 -8.94 12.86 -36.99
N SER G 191 -7.82 13.54 -36.77
CA SER G 191 -6.63 13.36 -37.59
C SER G 191 -5.41 13.75 -36.77
N PHE G 192 -4.23 13.57 -37.35
CA PHE G 192 -3.02 14.10 -36.72
C PHE G 192 -3.12 15.59 -36.48
N GLN G 193 -3.85 16.32 -37.33
CA GLN G 193 -3.95 17.76 -37.17
C GLN G 193 -5.04 18.18 -36.19
N SER G 194 -6.08 17.37 -36.00
CA SER G 194 -7.00 17.66 -34.91
C SER G 194 -6.28 17.54 -33.57
N ASP G 195 -5.36 16.57 -33.45
CA ASP G 195 -4.51 16.50 -32.28
C ASP G 195 -3.59 17.73 -32.18
N VAL G 196 -3.09 18.21 -33.32
CA VAL G 196 -2.24 19.39 -33.32
C VAL G 196 -3.01 20.60 -32.80
N TYR G 197 -4.27 20.74 -33.21
CA TYR G 197 -5.08 21.85 -32.71
C TYR G 197 -5.22 21.78 -31.20
N SER G 198 -5.51 20.59 -30.66
CA SER G 198 -5.62 20.43 -29.22
C SER G 198 -4.30 20.79 -28.54
N TYR G 199 -3.19 20.30 -29.09
CA TYR G 199 -1.88 20.70 -28.60
C TYR G 199 -1.72 22.22 -28.65
N GLY G 200 -2.25 22.86 -29.69
CA GLY G 200 -2.20 24.30 -29.77
C GLY G 200 -2.92 24.97 -28.60
N ILE G 201 -4.06 24.41 -28.20
CA ILE G 201 -4.79 24.98 -27.06
C ILE G 201 -4.02 24.77 -25.78
N VAL G 202 -3.35 23.63 -25.64
CA VAL G 202 -2.46 23.42 -24.50
C VAL G 202 -1.32 24.42 -24.51
N LEU G 203 -0.75 24.67 -25.69
CA LEU G 203 0.27 25.72 -25.83
C LEU G 203 -0.29 27.06 -25.41
N TYR G 204 -1.53 27.35 -25.80
CA TYR G 204 -2.19 28.58 -25.37
C TYR G 204 -2.25 28.66 -23.85
N GLU G 205 -2.75 27.61 -23.22
CA GLU G 205 -2.78 27.54 -21.76
C GLU G 205 -1.42 27.83 -21.15
N LEU G 206 -0.37 27.16 -21.66
CA LEU G 206 0.97 27.32 -21.10
C LEU G 206 1.47 28.74 -21.25
N MET G 207 1.24 29.35 -22.41
CA MET G 207 1.84 30.63 -22.76
C MET G 207 0.92 31.81 -22.48
N THR G 208 -0.25 31.57 -21.87
CA THR G 208 -1.16 32.65 -21.51
C THR G 208 -1.52 32.56 -20.03
N GLY G 209 -1.51 31.34 -19.47
CA GLY G 209 -1.87 31.12 -18.09
C GLY G 209 -3.34 30.87 -17.84
N GLU G 210 -4.18 30.95 -18.86
CA GLU G 210 -5.62 30.82 -18.71
C GLU G 210 -6.19 29.97 -19.84
N LEU G 211 -7.46 29.62 -19.69
CA LEU G 211 -8.16 28.82 -20.68
C LEU G 211 -8.67 29.70 -21.82
N PRO G 212 -8.89 29.14 -23.00
CA PRO G 212 -9.40 29.96 -24.10
C PRO G 212 -10.84 30.36 -23.87
N TYR G 213 -11.24 31.45 -24.53
CA TYR G 213 -12.60 31.97 -24.48
C TYR G 213 -13.03 32.31 -23.05
N SER G 214 -12.17 33.03 -22.33
CA SER G 214 -12.44 33.30 -20.92
C SER G 214 -13.59 34.29 -20.72
N HIS G 215 -13.93 35.07 -21.74
CA HIS G 215 -14.99 36.06 -21.66
C HIS G 215 -16.32 35.54 -22.19
N ILE G 216 -16.33 34.36 -22.80
CA ILE G 216 -17.56 33.68 -23.19
C ILE G 216 -17.89 32.71 -22.07
N ASN G 217 -19.13 32.74 -21.57
CA ASN G 217 -19.50 31.88 -20.45
C ASN G 217 -20.66 30.97 -20.84
N ASN G 218 -20.86 30.82 -22.14
CA ASN G 218 -21.93 29.93 -22.68
C ASN G 218 -21.23 28.87 -23.52
N ARG G 219 -21.27 27.62 -23.09
CA ARG G 219 -20.61 26.51 -23.83
C ARG G 219 -21.20 26.44 -25.23
N ASP G 220 -22.51 26.64 -25.35
CA ASP G 220 -23.20 26.55 -26.66
C ASP G 220 -22.72 27.69 -27.54
N GLN G 221 -22.45 28.87 -26.96
CA GLN G 221 -21.87 29.92 -27.80
C GLN G 221 -20.50 29.52 -28.32
N ILE G 222 -19.67 28.92 -27.48
CA ILE G 222 -18.34 28.48 -27.91
C ILE G 222 -18.45 27.47 -29.05
N ILE G 223 -19.37 26.50 -28.93
CA ILE G 223 -19.51 25.47 -29.95
C ILE G 223 -19.84 26.08 -31.31
N PHE G 224 -20.82 26.99 -31.33
CA PHE G 224 -21.23 27.60 -32.59
C PHE G 224 -20.15 28.51 -33.16
N MET G 225 -19.61 29.39 -32.32
CA MET G 225 -18.64 30.38 -32.81
C MET G 225 -17.37 29.72 -33.30
N VAL G 226 -16.89 28.68 -32.60
CA VAL G 226 -15.66 28.03 -33.01
C VAL G 226 -15.88 27.11 -34.21
N GLY G 227 -17.07 26.51 -34.32
CA GLY G 227 -17.36 25.69 -35.48
C GLY G 227 -17.53 26.51 -36.75
N ARG G 228 -18.06 27.72 -36.61
CA ARG G 228 -18.24 28.58 -37.77
C ARG G 228 -16.97 29.33 -38.12
N GLY G 229 -16.06 29.49 -37.17
CA GLY G 229 -14.85 30.25 -37.38
C GLY G 229 -14.96 31.68 -36.95
N TYR G 230 -16.01 32.03 -36.23
CA TYR G 230 -16.23 33.40 -35.77
C TYR G 230 -15.47 33.71 -34.48
N ALA G 231 -14.93 32.69 -33.81
CA ALA G 231 -14.20 32.86 -32.57
C ALA G 231 -12.98 31.95 -32.58
N SER G 232 -11.92 32.40 -31.91
CA SER G 232 -10.67 31.66 -31.84
C SER G 232 -9.88 32.19 -30.65
N PRO G 233 -8.93 31.41 -30.14
CA PRO G 233 -8.12 31.87 -29.00
C PRO G 233 -7.55 33.26 -29.23
N ASP G 234 -7.64 34.09 -28.20
CA ASP G 234 -7.20 35.48 -28.28
C ASP G 234 -5.69 35.50 -28.07
N LEU G 235 -4.93 35.60 -29.16
CA LEU G 235 -3.48 35.54 -29.10
C LEU G 235 -2.85 36.81 -28.53
N SER G 236 -3.64 37.85 -28.26
CA SER G 236 -3.10 39.05 -27.64
C SER G 236 -2.75 38.86 -26.18
N LYS G 237 -3.11 37.71 -25.60
CA LYS G 237 -2.88 37.42 -24.19
C LYS G 237 -1.64 36.58 -23.93
N LEU G 238 -0.90 36.22 -24.98
CA LEU G 238 0.35 35.51 -24.77
C LEU G 238 1.32 36.40 -24.00
N TYR G 239 2.13 35.78 -23.14
CA TYR G 239 3.03 36.55 -22.30
C TYR G 239 3.95 37.41 -23.17
N LYS G 240 4.41 38.53 -22.62
CA LYS G 240 5.33 39.36 -23.40
C LYS G 240 6.70 38.69 -23.49
N ASN G 241 7.08 37.92 -22.48
CA ASN G 241 8.35 37.22 -22.46
C ASN G 241 8.34 35.95 -23.29
N CYS G 242 7.20 35.61 -23.87
CA CYS G 242 7.10 34.45 -24.74
C CYS G 242 7.95 34.69 -25.98
N PRO G 243 8.92 33.83 -26.29
CA PRO G 243 9.72 34.03 -27.51
C PRO G 243 8.82 34.17 -28.73
N LYS G 244 9.30 34.99 -29.68
CA LYS G 244 8.51 35.32 -30.86
C LYS G 244 8.26 34.10 -31.73
N ALA G 245 9.15 33.10 -31.67
CA ALA G 245 8.94 31.86 -32.40
C ALA G 245 7.83 31.03 -31.78
N MET G 246 7.69 31.10 -30.45
CA MET G 246 6.65 30.35 -29.76
C MET G 246 5.28 30.91 -30.08
N LYS G 247 5.14 32.25 -30.09
CA LYS G 247 3.87 32.89 -30.43
C LYS G 247 3.39 32.46 -31.81
N ARG G 248 4.28 32.51 -32.80
CA ARG G 248 3.91 32.04 -34.14
C ARG G 248 3.50 30.58 -34.14
N LEU G 249 4.19 29.75 -33.35
CA LEU G 249 3.87 28.33 -33.34
C LEU G 249 2.47 28.07 -32.78
N VAL G 250 2.08 28.81 -31.74
CA VAL G 250 0.70 28.72 -31.24
C VAL G 250 -0.29 28.99 -32.37
N ALA G 251 -0.10 30.10 -33.08
CA ALA G 251 -1.01 30.45 -34.16
C ALA G 251 -1.02 29.37 -35.23
N ASP G 252 0.16 28.82 -35.55
CA ASP G 252 0.25 27.79 -36.58
C ASP G 252 -0.51 26.54 -36.18
N CYS G 253 -0.40 26.14 -34.91
CA CYS G 253 -1.06 24.91 -34.46
C CYS G 253 -2.56 25.09 -34.31
N VAL G 254 -3.00 26.31 -34.04
CA VAL G 254 -4.40 26.56 -33.67
C VAL G 254 -5.23 27.01 -34.87
N LYS G 255 -4.66 26.97 -36.08
CA LYS G 255 -5.35 27.49 -37.25
C LYS G 255 -6.62 26.72 -37.55
N LYS G 256 -7.60 27.43 -38.11
CA LYS G 256 -8.94 26.90 -38.33
C LYS G 256 -8.95 25.80 -39.39
N VAL G 257 -8.07 25.89 -40.39
CA VAL G 257 -8.03 24.96 -41.51
C VAL G 257 -7.16 23.76 -41.14
N LYS G 258 -7.69 22.55 -41.35
CA LYS G 258 -6.97 21.34 -40.93
C LYS G 258 -5.69 21.11 -41.72
N GLU G 259 -5.62 21.59 -42.96
CA GLU G 259 -4.48 21.30 -43.81
C GLU G 259 -3.42 22.39 -43.73
N GLU G 260 -3.76 23.50 -43.08
CA GLU G 260 -2.90 24.66 -42.90
C GLU G 260 -2.02 24.55 -41.66
N ARG G 261 -2.19 23.44 -40.83
CA ARG G 261 -1.55 23.23 -39.53
C ARG G 261 -0.30 22.37 -39.70
N PRO G 262 0.73 22.61 -38.88
CA PRO G 262 1.92 21.74 -38.93
C PRO G 262 1.64 20.37 -38.34
N LEU G 263 2.49 19.42 -38.72
CA LEU G 263 2.58 18.15 -38.03
C LEU G 263 3.67 18.22 -36.96
N PHE G 264 3.77 17.16 -36.17
CA PHE G 264 4.58 17.25 -34.96
C PHE G 264 6.09 17.17 -35.20
N PRO G 265 6.58 16.46 -36.22
CA PRO G 265 8.00 16.60 -36.55
C PRO G 265 8.43 18.04 -36.77
N GLN G 266 7.61 18.86 -37.43
CA GLN G 266 7.96 20.27 -37.56
C GLN G 266 7.82 20.99 -36.23
N ILE G 267 6.74 20.73 -35.49
CA ILE G 267 6.54 21.40 -34.20
C ILE G 267 7.69 21.07 -33.24
N LEU G 268 8.06 19.79 -33.14
CA LEU G 268 9.13 19.40 -32.25
C LEU G 268 10.44 20.09 -32.61
N SER G 269 10.89 19.94 -33.85
CA SER G 269 12.15 20.55 -34.27
C SER G 269 12.10 22.07 -34.11
N SER G 270 10.97 22.68 -34.46
CA SER G 270 10.83 24.12 -34.28
C SER G 270 11.07 24.53 -32.83
N ILE G 271 10.58 23.72 -31.89
CA ILE G 271 10.79 24.02 -30.47
C ILE G 271 12.23 23.75 -30.07
N GLU G 272 12.77 22.63 -30.54
CA GLU G 272 14.15 22.25 -30.17
C GLU G 272 15.11 23.36 -30.62
N LEU G 273 14.87 23.91 -31.81
CA LEU G 273 15.74 24.96 -32.38
C LEU G 273 15.60 26.23 -31.53
N LEU G 274 14.36 26.61 -31.18
CA LEU G 274 14.15 27.83 -30.38
C LEU G 274 14.99 27.67 -29.11
N GLN G 275 15.09 26.45 -28.60
CA GLN G 275 15.77 26.33 -27.31
C GLN G 275 17.27 26.56 -27.45
N HIS G 276 17.86 26.25 -28.61
CA HIS G 276 19.27 26.54 -28.83
C HIS G 276 19.55 28.03 -28.91
N SER G 277 18.59 28.84 -29.35
CA SER G 277 18.82 30.26 -29.50
C SER G 277 18.40 31.09 -28.29
N LEU G 278 18.18 30.47 -27.13
CA LEU G 278 17.79 31.24 -25.95
C LEU G 278 18.95 31.29 -24.96
N PRO G 279 19.61 32.44 -24.78
CA PRO G 279 20.74 32.60 -23.85
C PRO G 279 20.29 32.60 -22.39
N LEU H 32 -34.78 35.70 8.96
CA LEU H 32 -35.75 35.03 9.83
C LEU H 32 -37.09 35.71 9.67
N GLU H 33 -37.16 36.93 10.17
CA GLU H 33 -38.28 37.82 9.94
C GLU H 33 -37.89 38.93 8.96
N ALA H 34 -36.62 38.98 8.59
CA ALA H 34 -36.17 39.75 7.43
C ALA H 34 -36.53 39.06 6.13
N LEU H 35 -36.84 37.76 6.17
CA LEU H 35 -37.40 37.06 5.03
C LEU H 35 -38.88 37.38 4.93
N GLN H 36 -39.50 37.65 6.07
CA GLN H 36 -40.89 38.04 6.22
C GLN H 36 -41.08 39.53 5.95
N LYS H 37 -39.99 40.30 6.06
CA LYS H 37 -40.00 41.70 5.69
C LYS H 37 -40.33 41.85 4.21
N LYS H 38 -39.81 40.97 3.38
CA LYS H 38 -39.95 41.02 1.93
C LYS H 38 -41.16 40.26 1.39
N LEU H 39 -41.76 39.42 2.24
CA LEU H 39 -42.94 38.62 1.80
C LEU H 39 -44.10 39.57 1.48
N GLU H 40 -44.42 40.47 2.42
CA GLU H 40 -45.60 41.35 2.19
C GLU H 40 -45.36 42.12 0.89
N GLU H 41 -44.10 42.47 0.62
CA GLU H 41 -43.76 43.23 -0.61
C GLU H 41 -44.31 42.44 -1.81
N LEU H 42 -44.48 41.13 -1.63
CA LEU H 42 -44.96 40.28 -2.75
C LEU H 42 -46.49 40.23 -2.73
N GLU H 43 -47.11 40.36 -3.90
CA GLU H 43 -48.56 40.32 -4.02
C GLU H 43 -48.99 38.86 -4.18
N LEU H 44 -49.21 38.20 -3.05
CA LEU H 44 -49.65 36.80 -3.03
C LEU H 44 -51.15 36.71 -2.71
N ASP H 45 -51.67 35.50 -2.86
CA ASP H 45 -53.01 35.17 -2.38
C ASP H 45 -52.89 34.44 -1.03
N GLU H 46 -54.01 33.92 -0.53
CA GLU H 46 -54.04 33.40 0.84
C GLU H 46 -53.30 32.08 0.97
N GLN H 47 -53.49 31.16 0.01
CA GLN H 47 -52.91 29.85 0.12
C GLN H 47 -51.43 29.84 -0.26
N GLN H 48 -51.03 30.71 -1.18
CA GLN H 48 -49.59 30.81 -1.51
C GLN H 48 -48.82 31.26 -0.27
N ARG H 49 -49.09 32.48 0.20
CA ARG H 49 -48.38 33.01 1.39
C ARG H 49 -48.28 31.90 2.42
N LYS H 50 -49.39 31.20 2.64
CA LYS H 50 -49.41 30.13 3.66
C LYS H 50 -48.20 29.22 3.43
N ARG H 51 -48.13 28.57 2.27
CA ARG H 51 -47.03 27.61 2.01
C ARG H 51 -45.66 28.29 2.19
N LEU H 52 -45.49 29.49 1.64
CA LEU H 52 -44.23 30.20 1.82
C LEU H 52 -43.96 30.36 3.31
N GLU H 53 -44.99 30.72 4.07
CA GLU H 53 -44.87 30.87 5.51
C GLU H 53 -44.56 29.54 6.18
N ALA H 54 -45.07 28.45 5.59
CA ALA H 54 -44.82 27.11 6.09
C ALA H 54 -43.42 26.62 5.72
N PHE H 55 -42.92 27.00 4.55
CA PHE H 55 -41.58 26.58 4.11
C PHE H 55 -40.48 27.32 4.86
N LEU H 56 -40.71 28.60 5.15
CA LEU H 56 -39.69 29.44 5.77
C LEU H 56 -39.36 28.97 7.19
N THR H 57 -40.36 28.48 7.92
CA THR H 57 -40.16 28.03 9.30
C THR H 57 -39.30 26.77 9.38
N GLN H 58 -39.43 25.86 8.41
CA GLN H 58 -38.63 24.64 8.37
C GLN H 58 -37.18 24.93 8.00
N LYS H 59 -36.94 26.00 7.22
CA LYS H 59 -35.59 26.50 6.99
C LYS H 59 -34.90 26.85 8.29
N GLN H 60 -35.68 27.00 9.35
CA GLN H 60 -35.17 27.33 10.67
C GLN H 60 -34.91 26.08 11.50
N LYS H 61 -35.45 24.94 11.09
CA LYS H 61 -34.98 23.69 11.67
C LYS H 61 -33.55 23.38 11.23
N VAL H 62 -33.15 23.86 10.06
CA VAL H 62 -31.85 23.51 9.48
C VAL H 62 -30.83 24.57 9.85
N GLY H 63 -29.61 24.13 10.17
CA GLY H 63 -28.52 25.05 10.40
C GLY H 63 -27.52 25.01 9.26
N GLU H 64 -26.23 25.01 9.58
CA GLU H 64 -25.21 24.84 8.56
C GLU H 64 -25.08 23.36 8.22
N LEU H 65 -25.07 23.05 6.93
CA LEU H 65 -25.15 21.67 6.45
C LEU H 65 -23.77 21.05 6.25
N LYS H 66 -23.71 19.72 6.38
CA LYS H 66 -22.50 18.97 6.09
C LYS H 66 -22.87 17.62 5.51
N ASP H 67 -21.88 16.98 4.87
CA ASP H 67 -22.11 15.73 4.15
C ASP H 67 -22.57 14.58 5.05
N ASP H 68 -22.16 14.54 6.32
CA ASP H 68 -22.59 13.41 7.14
C ASP H 68 -24.03 13.53 7.61
N ASP H 69 -24.62 14.73 7.55
CA ASP H 69 -25.96 14.92 8.08
C ASP H 69 -27.04 14.41 7.14
N PHE H 70 -26.66 13.90 5.97
CA PHE H 70 -27.60 13.52 4.93
C PHE H 70 -27.58 12.01 4.74
N GLU H 71 -28.76 11.43 4.54
CA GLU H 71 -28.90 10.04 4.15
C GLU H 71 -29.56 10.00 2.78
N LYS H 72 -28.93 9.30 1.85
CA LYS H 72 -29.44 9.25 0.49
C LYS H 72 -30.70 8.40 0.45
N ILE H 73 -31.74 8.90 -0.22
CA ILE H 73 -32.98 8.16 -0.34
C ILE H 73 -33.06 7.58 -1.75
N SER H 74 -33.18 8.44 -2.77
CA SER H 74 -33.34 7.98 -4.14
C SER H 74 -32.61 8.90 -5.09
N GLU H 75 -32.77 8.61 -6.38
CA GLU H 75 -32.20 9.37 -7.48
C GLU H 75 -33.33 10.05 -8.23
N LEU H 76 -33.15 11.34 -8.54
CA LEU H 76 -34.21 12.09 -9.17
C LEU H 76 -33.94 12.42 -10.63
N GLY H 77 -32.69 12.39 -11.05
CA GLY H 77 -32.38 12.69 -12.44
C GLY H 77 -30.89 12.76 -12.65
N ALA H 78 -30.52 12.83 -13.92
CA ALA H 78 -29.14 12.92 -14.34
C ALA H 78 -29.00 14.12 -15.28
N GLY H 79 -27.79 14.35 -15.75
CA GLY H 79 -27.58 15.43 -16.70
C GLY H 79 -26.34 15.31 -17.56
N VAL H 83 -26.04 15.30 -11.18
CA VAL H 83 -26.96 14.34 -10.59
C VAL H 83 -27.63 14.96 -9.37
N VAL H 84 -28.92 14.67 -9.20
CA VAL H 84 -29.72 15.16 -8.07
C VAL H 84 -30.32 13.96 -7.34
N PHE H 85 -30.12 13.93 -6.03
CA PHE H 85 -30.63 12.89 -5.16
C PHE H 85 -31.74 13.45 -4.28
N LYS H 86 -32.76 12.63 -4.04
CA LYS H 86 -33.64 12.88 -2.91
C LYS H 86 -32.97 12.30 -1.68
N VAL H 87 -32.88 13.11 -0.63
CA VAL H 87 -32.12 12.78 0.56
C VAL H 87 -32.93 13.20 1.78
N SER H 88 -32.55 12.64 2.93
CA SER H 88 -33.17 13.00 4.19
C SER H 88 -32.11 13.62 5.08
N HIS H 89 -32.39 14.84 5.54
CA HIS H 89 -31.53 15.56 6.48
C HIS H 89 -31.93 15.15 7.89
N LYS H 90 -31.03 14.44 8.58
CA LYS H 90 -31.39 13.84 9.87
C LYS H 90 -31.71 14.89 10.93
N PRO H 91 -30.88 15.93 11.15
CA PRO H 91 -31.19 16.87 12.24
C PRO H 91 -32.55 17.53 12.13
N SER H 92 -33.01 17.82 10.92
CA SER H 92 -34.31 18.46 10.73
C SER H 92 -35.43 17.47 10.47
N GLY H 93 -35.09 16.30 9.91
CA GLY H 93 -36.08 15.37 9.40
C GLY H 93 -36.54 15.70 8.00
N LEU H 94 -36.08 16.81 7.45
CA LEU H 94 -36.55 17.29 6.16
C LEU H 94 -36.04 16.43 5.01
N VAL H 95 -36.86 16.33 3.97
CA VAL H 95 -36.48 15.68 2.72
C VAL H 95 -36.08 16.78 1.75
N MET H 96 -34.95 16.59 1.07
CA MET H 96 -34.36 17.63 0.23
C MET H 96 -33.93 17.04 -1.10
N ALA H 97 -33.71 17.93 -2.06
CA ALA H 97 -33.07 17.60 -3.32
C ALA H 97 -31.64 18.13 -3.28
N ARG H 98 -30.68 17.24 -3.51
CA ARG H 98 -29.25 17.55 -3.39
C ARG H 98 -28.61 17.40 -4.76
N LYS H 99 -28.15 18.52 -5.32
CA LYS H 99 -27.48 18.52 -6.61
C LYS H 99 -25.98 18.55 -6.38
N LEU H 100 -25.27 17.55 -6.91
CA LEU H 100 -23.82 17.45 -6.80
C LEU H 100 -23.22 18.02 -8.08
N ILE H 101 -22.37 19.04 -7.95
CA ILE H 101 -21.71 19.67 -9.10
C ILE H 101 -20.20 19.49 -8.97
N HIS H 102 -19.62 18.67 -9.83
CA HIS H 102 -18.18 18.42 -9.85
C HIS H 102 -17.50 19.45 -10.75
N LEU H 103 -16.54 20.17 -10.21
CA LEU H 103 -15.78 21.18 -10.96
C LEU H 103 -14.39 21.34 -10.35
N GLU H 104 -13.39 21.42 -11.22
CA GLU H 104 -12.01 21.61 -10.80
C GLU H 104 -11.73 23.11 -10.86
N ILE H 105 -11.84 23.77 -9.71
CA ILE H 105 -11.64 25.21 -9.64
C ILE H 105 -10.83 25.52 -8.39
N LYS H 106 -10.10 26.62 -8.44
CA LYS H 106 -9.30 27.01 -7.30
C LYS H 106 -10.20 27.33 -6.11
N PRO H 107 -9.75 27.00 -4.89
CA PRO H 107 -10.64 27.12 -3.71
C PRO H 107 -11.26 28.50 -3.52
N ALA H 108 -10.60 29.57 -3.94
CA ALA H 108 -11.17 30.91 -3.80
C ALA H 108 -12.47 31.04 -4.59
N ILE H 109 -12.50 30.46 -5.79
CA ILE H 109 -13.72 30.50 -6.61
C ILE H 109 -14.83 29.71 -5.95
N ARG H 110 -14.50 28.55 -5.38
CA ARG H 110 -15.51 27.76 -4.64
C ARG H 110 -16.17 28.57 -3.55
N ASN H 111 -15.38 29.20 -2.67
CA ASN H 111 -15.95 29.95 -1.57
C ASN H 111 -16.79 31.11 -2.09
N GLN H 112 -16.34 31.76 -3.17
CA GLN H 112 -17.13 32.84 -3.75
C GLN H 112 -18.41 32.30 -4.40
N ILE H 113 -18.39 31.08 -4.94
CA ILE H 113 -19.60 30.47 -5.47
C ILE H 113 -20.63 30.26 -4.36
N ILE H 114 -20.20 29.77 -3.20
CA ILE H 114 -21.13 29.57 -2.10
C ILE H 114 -21.67 30.88 -1.57
N ARG H 115 -20.84 31.93 -1.57
CA ARG H 115 -21.34 33.24 -1.14
C ARG H 115 -22.38 33.77 -2.10
N GLU H 116 -22.13 33.66 -3.41
CA GLU H 116 -23.08 34.18 -4.39
C GLU H 116 -24.36 33.35 -4.39
N LEU H 117 -24.29 32.08 -3.99
CA LEU H 117 -25.48 31.25 -3.92
C LEU H 117 -26.37 31.62 -2.74
N GLN H 118 -25.86 32.32 -1.74
CA GLN H 118 -26.69 32.66 -0.59
C GLN H 118 -27.76 33.68 -0.94
N VAL H 119 -27.67 34.32 -2.10
CA VAL H 119 -28.71 35.21 -2.56
C VAL H 119 -30.01 34.43 -2.75
N LEU H 120 -29.94 33.10 -2.85
CA LEU H 120 -31.14 32.28 -2.97
C LEU H 120 -31.93 32.24 -1.68
N HIS H 121 -31.31 32.61 -0.54
CA HIS H 121 -32.07 32.84 0.67
C HIS H 121 -33.03 34.01 0.47
N GLU H 122 -32.71 34.89 -0.46
CA GLU H 122 -33.50 36.06 -0.81
C GLU H 122 -34.50 35.77 -1.93
N CYS H 123 -34.59 34.53 -2.40
CA CYS H 123 -35.48 34.14 -3.49
C CYS H 123 -36.64 33.33 -2.93
N ASN H 124 -37.65 34.03 -2.43
CA ASN H 124 -38.87 33.42 -1.89
C ASN H 124 -40.05 33.90 -2.73
N SER H 125 -40.58 33.01 -3.57
CA SER H 125 -41.68 33.30 -4.45
C SER H 125 -42.42 32.00 -4.73
N PRO H 126 -43.72 32.05 -5.03
CA PRO H 126 -44.43 30.81 -5.37
C PRO H 126 -43.91 30.13 -6.62
N TYR H 127 -43.17 30.84 -7.46
CA TYR H 127 -42.74 30.30 -8.76
C TYR H 127 -41.25 30.00 -8.78
N ILE H 128 -40.60 29.96 -7.62
CA ILE H 128 -39.18 29.70 -7.54
C ILE H 128 -39.00 28.61 -6.49
N VAL H 129 -38.33 27.51 -6.85
CA VAL H 129 -38.18 26.43 -5.88
C VAL H 129 -37.32 26.93 -4.73
N GLY H 130 -37.52 26.35 -3.56
CA GLY H 130 -36.89 26.86 -2.38
C GLY H 130 -35.43 26.47 -2.28
N PHE H 131 -34.73 27.17 -1.40
CA PHE H 131 -33.31 26.97 -1.18
C PHE H 131 -33.10 26.59 0.28
N TYR H 132 -32.17 25.68 0.52
CA TYR H 132 -31.86 25.30 1.88
C TYR H 132 -30.43 25.64 2.27
N GLY H 133 -29.47 25.39 1.38
CA GLY H 133 -28.09 25.71 1.67
C GLY H 133 -27.17 25.08 0.66
N ALA H 134 -25.93 25.55 0.67
CA ALA H 134 -24.91 25.03 -0.21
C ALA H 134 -23.61 24.86 0.57
N PHE H 135 -22.85 23.83 0.21
CA PHE H 135 -21.61 23.52 0.90
C PHE H 135 -20.71 22.74 -0.04
N TYR H 136 -19.46 22.58 0.38
CA TYR H 136 -18.45 21.89 -0.40
C TYR H 136 -17.93 20.66 0.32
N SER H 137 -17.78 19.55 -0.41
CA SER H 137 -17.23 18.33 0.16
C SER H 137 -16.76 17.39 -0.95
N ASP H 138 -15.58 16.81 -0.76
CA ASP H 138 -14.92 15.89 -1.69
C ASP H 138 -15.04 16.29 -3.17
N GLY H 139 -14.61 17.52 -3.47
CA GLY H 139 -14.59 17.97 -4.85
C GLY H 139 -15.89 18.45 -5.46
N GLU H 140 -17.01 18.34 -4.76
CA GLU H 140 -18.29 18.67 -5.36
C GLU H 140 -18.95 19.83 -4.60
N ILE H 141 -19.55 20.75 -5.33
CA ILE H 141 -20.44 21.74 -4.73
C ILE H 141 -21.81 21.09 -4.53
N SER H 142 -22.27 21.02 -3.29
CA SER H 142 -23.60 20.51 -2.97
C SER H 142 -24.59 21.65 -2.87
N ILE H 143 -25.67 21.57 -3.63
CA ILE H 143 -26.75 22.54 -3.57
C ILE H 143 -28.00 21.81 -3.08
N CYS H 144 -28.48 22.16 -1.90
CA CYS H 144 -29.63 21.51 -1.29
C CYS H 144 -30.83 22.44 -1.39
N MET H 145 -31.93 21.93 -1.95
CA MET H 145 -33.05 22.76 -2.32
C MET H 145 -34.36 21.99 -2.08
N GLU H 146 -35.47 22.70 -2.28
CA GLU H 146 -36.78 22.14 -1.99
C GLU H 146 -37.10 20.97 -2.92
N HIS H 147 -37.64 19.90 -2.33
CA HIS H 147 -38.00 18.73 -3.12
C HIS H 147 -39.31 18.97 -3.85
N MET H 148 -39.38 18.51 -5.09
CA MET H 148 -40.57 18.62 -5.92
C MET H 148 -40.95 17.20 -6.33
N ASP H 149 -42.07 16.74 -5.80
CA ASP H 149 -42.52 15.37 -6.01
C ASP H 149 -43.11 15.15 -7.41
N GLY H 150 -43.51 16.22 -8.10
CA GLY H 150 -43.95 16.06 -9.48
C GLY H 150 -42.84 15.85 -10.47
N GLY H 151 -41.63 16.27 -10.11
CA GLY H 151 -40.51 16.18 -11.02
C GLY H 151 -40.48 17.37 -11.96
N SER H 152 -39.58 17.30 -12.94
CA SER H 152 -39.51 18.33 -13.95
C SER H 152 -40.54 18.07 -15.05
N LEU H 153 -41.00 19.16 -15.69
CA LEU H 153 -41.89 18.99 -16.84
C LEU H 153 -41.22 18.19 -17.95
N ASP H 154 -39.89 18.12 -17.95
CA ASP H 154 -39.20 17.15 -18.77
C ASP H 154 -39.71 15.75 -18.51
N GLN H 155 -39.67 15.32 -17.25
CA GLN H 155 -40.11 13.98 -16.88
C GLN H 155 -41.58 13.75 -17.14
N VAL H 156 -42.42 14.77 -16.87
CA VAL H 156 -43.85 14.63 -17.09
C VAL H 156 -44.11 14.31 -18.55
N LEU H 157 -43.33 14.90 -19.45
CA LEU H 157 -43.54 14.74 -20.89
C LEU H 157 -43.47 13.28 -21.32
N LYS H 158 -42.46 12.54 -20.87
CA LYS H 158 -42.31 11.16 -21.32
C LYS H 158 -43.36 10.20 -20.76
N LYS H 159 -44.07 10.57 -19.70
CA LYS H 159 -45.18 9.73 -19.24
C LYS H 159 -46.52 10.21 -19.79
N ALA H 160 -46.71 11.52 -19.89
CA ALA H 160 -47.97 12.09 -20.36
C ALA H 160 -48.04 12.22 -21.89
N GLY H 161 -46.93 11.97 -22.58
CA GLY H 161 -46.90 12.25 -24.00
C GLY H 161 -46.71 13.73 -24.19
N ARG H 162 -47.53 14.33 -25.04
CA ARG H 162 -47.52 15.78 -25.10
C ARG H 162 -48.32 16.31 -23.92
N ILE H 163 -48.15 17.59 -23.64
CA ILE H 163 -48.90 18.29 -22.61
C ILE H 163 -50.03 19.03 -23.33
N PRO H 164 -51.29 18.81 -22.97
CA PRO H 164 -52.38 19.55 -23.62
C PRO H 164 -52.28 21.05 -23.41
N GLU H 165 -52.84 21.79 -24.37
CA GLU H 165 -52.71 23.24 -24.40
C GLU H 165 -53.28 23.91 -23.15
N GLN H 166 -54.35 23.35 -22.58
CA GLN H 166 -54.90 23.89 -21.33
C GLN H 166 -53.83 24.05 -20.25
N ILE H 167 -52.99 23.04 -20.07
CA ILE H 167 -52.00 23.08 -19.00
C ILE H 167 -50.84 23.99 -19.39
N LEU H 168 -50.40 23.90 -20.65
CA LEU H 168 -49.32 24.75 -21.14
C LEU H 168 -49.65 26.22 -21.00
N GLY H 169 -50.94 26.57 -20.96
CA GLY H 169 -51.27 27.94 -20.61
C GLY H 169 -50.88 28.23 -19.17
N LYS H 170 -51.29 27.35 -18.26
CA LYS H 170 -50.99 27.55 -16.85
C LYS H 170 -49.48 27.55 -16.58
N VAL H 171 -48.73 26.70 -17.28
CA VAL H 171 -47.28 26.70 -17.14
C VAL H 171 -46.71 28.03 -17.63
N SER H 172 -47.15 28.48 -18.81
CA SER H 172 -46.70 29.77 -19.32
C SER H 172 -46.92 30.87 -18.32
N ILE H 173 -48.10 30.92 -17.70
CA ILE H 173 -48.39 31.96 -16.71
C ILE H 173 -47.33 31.93 -15.62
N ALA H 174 -47.08 30.76 -15.04
CA ALA H 174 -46.13 30.64 -13.95
C ALA H 174 -44.71 31.03 -14.38
N VAL H 175 -44.30 30.63 -15.57
CA VAL H 175 -42.95 30.94 -16.03
C VAL H 175 -42.79 32.44 -16.22
N ILE H 176 -43.77 33.09 -16.83
CA ILE H 176 -43.71 34.54 -16.98
C ILE H 176 -43.72 35.21 -15.62
N LYS H 177 -44.46 34.64 -14.66
CA LYS H 177 -44.45 35.17 -13.31
C LYS H 177 -43.10 34.95 -12.62
N GLY H 178 -42.48 33.80 -12.85
CA GLY H 178 -41.19 33.54 -12.23
C GLY H 178 -40.07 34.37 -12.83
N LEU H 179 -40.07 34.54 -14.16
CA LEU H 179 -39.06 35.38 -14.79
C LEU H 179 -39.17 36.82 -14.35
N THR H 180 -40.40 37.34 -14.24
CA THR H 180 -40.55 38.73 -13.83
C THR H 180 -40.15 38.93 -12.38
N TYR H 181 -40.37 37.93 -11.52
CA TYR H 181 -39.89 38.05 -10.14
C TYR H 181 -38.38 38.19 -10.10
N LEU H 182 -37.66 37.35 -10.84
CA LEU H 182 -36.21 37.42 -10.84
C LEU H 182 -35.71 38.76 -11.37
N ARG H 183 -36.34 39.28 -12.42
CA ARG H 183 -35.82 40.52 -13.05
C ARG H 183 -36.24 41.76 -12.25
N GLU H 184 -37.36 41.69 -11.55
CA GLU H 184 -37.83 42.87 -10.82
C GLU H 184 -37.24 42.95 -9.41
N LYS H 185 -37.31 41.87 -8.63
CA LYS H 185 -36.85 41.91 -7.25
C LYS H 185 -35.36 41.58 -7.10
N HIS H 186 -34.72 41.06 -8.15
CA HIS H 186 -33.31 40.67 -8.04
C HIS H 186 -32.43 41.11 -9.21
N LYS H 187 -32.97 41.64 -10.31
CA LYS H 187 -32.16 42.05 -11.45
C LYS H 187 -31.36 40.87 -12.02
N ILE H 188 -32.04 39.73 -12.16
CA ILE H 188 -31.42 38.48 -12.54
C ILE H 188 -32.18 37.87 -13.72
N MET H 189 -31.45 37.21 -14.62
CA MET H 189 -32.03 36.44 -15.70
C MET H 189 -31.89 34.96 -15.38
N HIS H 190 -32.76 34.14 -15.98
CA HIS H 190 -32.68 32.71 -15.70
C HIS H 190 -31.50 32.08 -16.43
N ARG H 191 -31.37 32.37 -17.73
CA ARG H 191 -30.28 31.93 -18.60
C ARG H 191 -30.36 30.46 -18.98
N ASP H 192 -31.29 29.70 -18.41
CA ASP H 192 -31.39 28.27 -18.73
C ASP H 192 -32.83 27.79 -18.57
N VAL H 193 -33.75 28.42 -19.31
CA VAL H 193 -35.16 28.04 -19.29
C VAL H 193 -35.37 26.85 -20.20
N LYS H 194 -35.78 25.73 -19.62
CA LYS H 194 -36.00 24.48 -20.33
C LYS H 194 -37.03 23.66 -19.57
N PRO H 195 -37.65 22.67 -20.21
CA PRO H 195 -38.60 21.80 -19.49
C PRO H 195 -38.03 21.11 -18.26
N SER H 196 -36.74 20.77 -18.27
CA SER H 196 -36.14 20.10 -17.11
C SER H 196 -35.76 21.08 -16.02
N ASN H 197 -35.94 22.38 -16.23
CA ASN H 197 -35.69 23.38 -15.21
C ASN H 197 -36.98 24.06 -14.76
N ILE H 198 -38.13 23.49 -15.12
CA ILE H 198 -39.42 23.88 -14.55
C ILE H 198 -39.91 22.69 -13.74
N LEU H 199 -40.15 22.91 -12.46
CA LEU H 199 -40.51 21.83 -11.56
C LEU H 199 -41.96 22.01 -11.12
N VAL H 200 -42.58 20.90 -10.73
CA VAL H 200 -44.01 20.89 -10.40
C VAL H 200 -44.24 20.02 -9.17
N ASN H 201 -45.34 20.31 -8.48
CA ASN H 201 -45.63 19.71 -7.20
C ASN H 201 -46.97 18.96 -7.27
N SER H 202 -47.17 18.03 -6.33
CA SER H 202 -48.45 17.35 -6.25
C SER H 202 -49.59 18.27 -5.83
N ARG H 203 -49.28 19.40 -5.20
CA ARG H 203 -50.27 20.40 -4.86
C ARG H 203 -50.49 21.42 -5.98
N GLY H 204 -49.85 21.23 -7.13
CA GLY H 204 -50.10 22.05 -8.29
C GLY H 204 -49.26 23.30 -8.48
N GLU H 205 -48.08 23.40 -7.88
CA GLU H 205 -47.22 24.56 -8.09
C GLU H 205 -46.23 24.32 -9.24
N ILE H 206 -45.93 25.40 -9.96
CA ILE H 206 -45.01 25.42 -11.09
C ILE H 206 -43.91 26.42 -10.80
N LYS H 207 -42.68 25.92 -10.70
CA LYS H 207 -41.57 26.74 -10.22
C LYS H 207 -40.36 26.58 -11.12
N LEU H 208 -39.46 27.55 -11.03
CA LEU H 208 -38.22 27.57 -11.80
C LEU H 208 -37.02 27.29 -10.89
N CYS H 209 -35.98 26.73 -11.50
CA CYS H 209 -34.75 26.44 -10.78
C CYS H 209 -33.59 26.45 -11.78
N ASP H 210 -32.37 26.38 -11.24
CA ASP H 210 -31.13 26.37 -12.02
C ASP H 210 -30.99 27.65 -12.84
N PHE H 211 -31.21 28.79 -12.20
CA PHE H 211 -30.99 30.07 -12.84
C PHE H 211 -29.69 30.70 -12.36
N GLY H 212 -29.23 31.70 -13.11
CA GLY H 212 -27.90 32.24 -12.91
C GLY H 212 -27.79 33.20 -11.75
N VAL H 213 -27.63 32.65 -10.54
CA VAL H 213 -27.43 33.47 -9.35
C VAL H 213 -25.96 33.81 -9.15
N SER H 214 -25.10 32.82 -9.37
CA SER H 214 -23.67 32.95 -9.13
C SER H 214 -22.96 33.15 -10.46
N GLY H 215 -22.30 34.32 -10.61
CA GLY H 215 -21.53 34.57 -11.82
C GLY H 215 -20.34 33.65 -11.95
N GLN H 216 -19.74 33.26 -10.82
CA GLN H 216 -18.61 32.34 -10.87
C GLN H 216 -19.07 30.93 -11.22
N LEU H 217 -20.25 30.53 -10.75
CA LEU H 217 -20.78 29.24 -11.17
C LEU H 217 -21.13 29.26 -12.65
N ILE H 218 -21.59 30.39 -13.17
CA ILE H 218 -21.87 30.50 -14.60
C ILE H 218 -20.58 30.31 -15.39
N ASP H 219 -19.53 31.03 -14.99
CA ASP H 219 -18.24 30.93 -15.65
C ASP H 219 -17.68 29.51 -15.53
N ALA H 220 -17.84 28.91 -14.36
CA ALA H 220 -17.22 27.62 -14.07
C ALA H 220 -17.81 26.50 -14.92
N MET H 221 -19.11 26.54 -15.17
CA MET H 221 -19.76 25.43 -15.87
C MET H 221 -19.64 25.51 -17.38
N ALA H 222 -19.13 26.61 -17.93
CA ALA H 222 -18.96 26.68 -19.38
C ALA H 222 -17.79 25.83 -19.84
N ASN H 223 -16.76 25.71 -19.00
CA ASN H 223 -15.54 24.99 -19.34
C ASN H 223 -15.63 23.48 -19.15
N ALA H 224 -16.65 22.96 -18.48
CA ALA H 224 -16.54 21.62 -17.93
C ALA H 224 -17.45 20.57 -18.56
N PHE H 225 -18.54 21.00 -19.18
CA PHE H 225 -19.49 19.97 -19.63
C PHE H 225 -19.80 20.10 -21.09
N VAL H 226 -20.56 19.14 -21.61
CA VAL H 226 -21.03 19.21 -23.01
C VAL H 226 -22.46 18.63 -22.96
N GLY H 227 -23.32 19.05 -23.86
CA GLY H 227 -24.73 18.62 -23.80
C GLY H 227 -25.18 18.09 -25.13
N THR H 228 -26.42 17.63 -25.18
CA THR H 228 -26.96 17.03 -26.38
C THR H 228 -27.97 17.88 -27.17
N ARG H 229 -28.65 18.81 -26.54
CA ARG H 229 -29.59 19.71 -27.20
C ARG H 229 -29.39 21.11 -26.66
N SER H 230 -30.13 22.06 -27.23
CA SER H 230 -30.00 23.45 -26.86
C SER H 230 -31.32 24.20 -26.94
N TYR H 231 -31.58 25.01 -25.93
CA TYR H 231 -32.68 25.97 -25.95
C TYR H 231 -32.14 27.40 -25.96
N MET H 232 -30.99 27.61 -26.58
CA MET H 232 -30.29 28.88 -26.54
C MET H 232 -30.80 29.79 -27.64
N SER H 233 -31.02 31.06 -27.31
CA SER H 233 -31.54 32.01 -28.26
C SER H 233 -30.54 32.29 -29.37
N PRO H 234 -31.01 32.57 -30.59
CA PRO H 234 -30.06 32.76 -31.71
C PRO H 234 -29.11 33.94 -31.51
N GLU H 235 -29.51 34.95 -30.75
CA GLU H 235 -28.61 36.08 -30.52
C GLU H 235 -27.54 35.73 -29.49
N ARG H 236 -27.85 34.86 -28.53
CA ARG H 236 -26.87 34.45 -27.53
C ARG H 236 -25.83 33.52 -28.13
N LEU H 237 -26.22 32.73 -29.12
CA LEU H 237 -25.28 31.88 -29.83
C LEU H 237 -24.25 32.71 -30.60
N GLN H 238 -24.63 33.92 -31.01
CA GLN H 238 -23.78 34.80 -31.79
C GLN H 238 -23.06 35.82 -30.93
N GLY H 239 -23.26 35.80 -29.62
CA GLY H 239 -22.48 36.64 -28.73
C GLY H 239 -23.07 37.96 -28.29
N THR H 240 -24.31 38.28 -28.62
CA THR H 240 -24.87 39.52 -28.10
C THR H 240 -25.10 39.43 -26.61
N HIS H 241 -25.20 40.61 -26.01
CA HIS H 241 -25.50 40.67 -24.60
C HIS H 241 -26.92 40.16 -24.41
N TYR H 242 -27.09 39.36 -23.36
CA TYR H 242 -28.39 38.68 -23.12
C TYR H 242 -29.36 39.59 -22.39
N SER H 243 -30.64 39.43 -22.70
CA SER H 243 -31.70 40.20 -22.05
C SER H 243 -32.86 39.26 -21.72
N VAL H 244 -33.98 39.85 -21.32
CA VAL H 244 -35.20 39.07 -21.11
C VAL H 244 -35.73 38.47 -22.40
N GLN H 245 -35.41 39.08 -23.54
CA GLN H 245 -35.82 38.51 -24.82
C GLN H 245 -35.24 37.11 -25.00
N SER H 246 -34.02 36.88 -24.50
CA SER H 246 -33.36 35.59 -24.65
C SER H 246 -34.07 34.48 -23.86
N ASP H 247 -34.49 34.75 -22.63
CA ASP H 247 -35.22 33.74 -21.87
C ASP H 247 -36.58 33.45 -22.50
N ILE H 248 -37.21 34.47 -23.09
CA ILE H 248 -38.51 34.30 -23.72
C ILE H 248 -38.41 33.38 -24.93
N TRP H 249 -37.35 33.53 -25.73
CA TRP H 249 -37.14 32.62 -26.84
C TRP H 249 -37.02 31.18 -26.37
N SER H 250 -36.34 30.97 -25.23
CA SER H 250 -36.22 29.62 -24.69
C SER H 250 -37.57 29.09 -24.19
N MET H 251 -38.36 29.94 -23.53
CA MET H 251 -39.69 29.52 -23.11
C MET H 251 -40.54 29.11 -24.31
N GLY H 252 -40.57 29.95 -25.35
CA GLY H 252 -41.31 29.61 -26.55
C GLY H 252 -40.86 28.30 -27.16
N LEU H 253 -39.56 28.02 -27.09
CA LEU H 253 -39.05 26.74 -27.57
C LEU H 253 -39.51 25.60 -26.68
N SER H 254 -39.60 25.84 -25.37
CA SER H 254 -40.07 24.82 -24.45
C SER H 254 -41.56 24.53 -24.63
N LEU H 255 -42.36 25.56 -24.88
CA LEU H 255 -43.79 25.35 -25.07
C LEU H 255 -44.08 24.49 -26.29
N VAL H 256 -43.39 24.76 -27.39
CA VAL H 256 -43.55 23.94 -28.59
C VAL H 256 -43.21 22.47 -28.30
N GLU H 257 -42.07 22.23 -27.65
CA GLU H 257 -41.65 20.85 -27.41
C GLU H 257 -42.63 20.10 -26.53
N MET H 258 -43.22 20.76 -25.54
CA MET H 258 -44.12 20.05 -24.65
C MET H 258 -45.48 19.84 -25.29
N ALA H 259 -45.88 20.77 -26.16
CA ALA H 259 -47.14 20.65 -26.90
C ALA H 259 -47.12 19.48 -27.88
N VAL H 260 -46.03 19.33 -28.63
CA VAL H 260 -45.93 18.25 -29.61
C VAL H 260 -45.43 16.96 -28.99
N GLY H 261 -44.38 17.03 -28.18
CA GLY H 261 -43.77 15.86 -27.62
C GLY H 261 -42.52 15.41 -28.36
N ARG H 262 -41.77 16.39 -28.84
CA ARG H 262 -40.49 16.12 -29.55
C ARG H 262 -39.68 17.43 -29.53
N TYR H 263 -38.36 17.34 -29.43
CA TYR H 263 -37.52 18.56 -29.51
C TYR H 263 -37.76 19.13 -30.88
N PRO H 264 -38.08 20.43 -31.03
CA PRO H 264 -38.52 20.99 -32.33
C PRO H 264 -37.44 21.61 -33.19
N ILE H 265 -36.16 21.41 -32.92
CA ILE H 265 -35.19 22.18 -33.70
C ILE H 265 -34.91 21.54 -35.06
N PRO H 266 -34.85 20.23 -35.22
CA PRO H 266 -34.99 19.65 -36.56
C PRO H 266 -36.47 19.36 -36.85
N PRO H 267 -37.19 20.30 -37.46
CA PRO H 267 -38.66 20.22 -37.52
C PRO H 267 -39.12 18.91 -38.09
N PRO H 268 -40.26 18.40 -37.65
CA PRO H 268 -40.64 17.02 -37.99
C PRO H 268 -40.80 16.86 -39.50
N ASP H 269 -40.40 15.69 -39.98
CA ASP H 269 -40.55 15.34 -41.40
C ASP H 269 -42.04 15.30 -41.73
N ALA H 270 -42.37 15.44 -43.01
CA ALA H 270 -43.75 15.36 -43.47
C ALA H 270 -44.53 14.17 -42.91
N LYS H 271 -43.85 13.07 -42.58
CA LYS H 271 -44.53 11.94 -41.94
C LYS H 271 -44.65 12.14 -40.43
N GLU H 272 -43.57 12.54 -39.74
CA GLU H 272 -43.53 12.51 -38.29
C GLU H 272 -44.63 13.38 -37.68
N LEU H 273 -45.07 14.42 -38.40
CA LEU H 273 -46.24 15.19 -37.98
C LEU H 273 -47.47 14.30 -37.88
N GLU H 274 -47.74 13.52 -38.92
CA GLU H 274 -48.92 12.66 -38.94
C GLU H 274 -48.73 11.37 -38.14
N LEU H 275 -47.58 11.19 -37.52
CA LEU H 275 -47.32 10.03 -36.65
C LEU H 275 -47.40 10.46 -35.19
N PRO H 309 -30.01 11.41 -35.58
CA PRO H 309 -30.22 12.68 -34.89
C PRO H 309 -29.05 13.65 -35.07
N MET H 310 -29.30 14.93 -34.85
CA MET H 310 -28.29 15.96 -35.06
C MET H 310 -27.32 16.09 -33.90
N ALA H 311 -26.06 16.38 -34.24
CA ALA H 311 -25.07 16.73 -33.25
C ALA H 311 -25.34 18.14 -32.74
N ILE H 312 -24.69 18.48 -31.63
CA ILE H 312 -24.99 19.74 -30.95
C ILE H 312 -24.73 20.94 -31.87
N PHE H 313 -23.67 20.87 -32.68
CA PHE H 313 -23.38 22.00 -33.56
C PHE H 313 -24.46 22.18 -34.63
N GLU H 314 -24.93 21.09 -35.23
CA GLU H 314 -25.95 21.22 -36.26
C GLU H 314 -27.24 21.84 -35.70
N LEU H 315 -27.54 21.57 -34.42
CA LEU H 315 -28.68 22.23 -33.79
C LEU H 315 -28.44 23.73 -33.65
N LEU H 316 -27.32 24.10 -33.02
CA LEU H 316 -26.99 25.50 -32.84
C LEU H 316 -26.95 26.23 -34.18
N ASP H 317 -26.42 25.57 -35.21
CA ASP H 317 -26.38 26.17 -36.53
C ASP H 317 -27.79 26.35 -37.10
N TYR H 318 -28.68 25.39 -36.82
CA TYR H 318 -30.06 25.52 -37.26
C TYR H 318 -30.76 26.68 -36.57
N ILE H 319 -30.55 26.83 -35.26
CA ILE H 319 -31.23 27.87 -34.49
C ILE H 319 -30.88 29.26 -34.99
N VAL H 320 -29.72 29.42 -35.61
CA VAL H 320 -29.28 30.75 -36.05
C VAL H 320 -29.66 31.03 -37.50
N ASN H 321 -29.62 30.00 -38.34
CA ASN H 321 -29.70 30.15 -39.79
C ASN H 321 -31.04 29.78 -40.40
N GLU H 322 -31.73 28.80 -39.86
CA GLU H 322 -32.97 28.27 -40.39
C GLU H 322 -34.17 28.91 -39.72
N PRO H 323 -35.36 28.84 -40.34
CA PRO H 323 -36.52 29.52 -39.77
C PRO H 323 -36.85 28.96 -38.39
N PRO H 324 -37.40 29.78 -37.52
CA PRO H 324 -37.72 29.29 -36.17
C PRO H 324 -38.81 28.24 -36.24
N PRO H 325 -38.91 27.38 -35.23
CA PRO H 325 -39.96 26.36 -35.24
C PRO H 325 -41.32 26.96 -34.91
N LYS H 326 -42.37 26.24 -35.31
CA LYS H 326 -43.73 26.68 -35.09
C LYS H 326 -44.58 25.51 -34.63
N LEU H 327 -45.73 25.84 -34.05
CA LEU H 327 -46.71 24.84 -33.67
C LEU H 327 -47.41 24.29 -34.91
N PRO H 328 -47.72 23.00 -34.94
CA PRO H 328 -48.36 22.42 -36.14
C PRO H 328 -49.73 23.03 -36.37
N SER H 329 -49.96 23.44 -37.62
CA SER H 329 -51.23 24.15 -37.95
C SER H 329 -52.48 23.33 -37.61
N GLY H 330 -53.53 24.00 -37.14
CA GLY H 330 -54.80 23.31 -36.87
C GLY H 330 -54.86 22.63 -35.53
N VAL H 331 -53.93 21.73 -35.24
CA VAL H 331 -54.01 20.94 -33.99
C VAL H 331 -54.11 21.88 -32.78
N PHE H 332 -53.57 23.09 -32.91
CA PHE H 332 -53.54 24.00 -31.73
C PHE H 332 -54.28 25.27 -32.05
N SER H 333 -54.63 26.00 -30.99
CA SER H 333 -55.35 27.24 -31.16
C SER H 333 -54.50 28.26 -31.91
N LEU H 334 -55.17 29.19 -32.57
CA LEU H 334 -54.45 30.21 -33.32
C LEU H 334 -53.73 31.16 -32.36
N GLU H 335 -54.36 31.40 -31.21
CA GLU H 335 -53.79 32.25 -30.19
C GLU H 335 -52.50 31.63 -29.65
N PHE H 336 -52.57 30.37 -29.24
CA PHE H 336 -51.38 29.63 -28.81
C PHE H 336 -50.29 29.65 -29.90
N GLN H 337 -50.68 29.49 -31.15
CA GLN H 337 -49.72 29.62 -32.25
C GLN H 337 -49.10 31.02 -32.24
N ASP H 338 -49.94 32.05 -32.13
CA ASP H 338 -49.43 33.41 -32.08
C ASP H 338 -48.55 33.66 -30.87
N PHE H 339 -48.81 32.95 -29.76
CA PHE H 339 -48.04 33.17 -28.55
C PHE H 339 -46.60 32.70 -28.74
N VAL H 340 -46.42 31.48 -29.26
CA VAL H 340 -45.08 30.97 -29.49
C VAL H 340 -44.41 31.67 -30.66
N ASN H 341 -45.18 32.11 -31.67
CA ASN H 341 -44.57 32.82 -32.79
C ASN H 341 -43.99 34.16 -32.36
N LYS H 342 -44.62 34.81 -31.38
CA LYS H 342 -44.09 36.05 -30.83
C LYS H 342 -42.89 35.79 -29.91
N CYS H 343 -42.76 34.58 -29.37
CA CYS H 343 -41.60 34.24 -28.56
C CYS H 343 -40.41 33.81 -29.40
N LEU H 344 -40.66 33.25 -30.59
CA LEU H 344 -39.60 32.64 -31.38
C LEU H 344 -39.17 33.51 -32.56
N ILE H 345 -39.42 34.81 -32.51
CA ILE H 345 -38.87 35.71 -33.52
C ILE H 345 -37.37 35.82 -33.33
N LYS H 346 -36.62 35.70 -34.44
CA LYS H 346 -35.17 35.67 -34.36
C LYS H 346 -34.61 37.01 -33.92
N ASN H 347 -35.00 38.08 -34.59
CA ASN H 347 -34.50 39.40 -34.26
C ASN H 347 -35.00 39.75 -32.87
N PRO H 348 -34.11 39.98 -31.90
CA PRO H 348 -34.58 40.26 -30.53
C PRO H 348 -35.42 41.51 -30.43
N ALA H 349 -35.19 42.49 -31.30
CA ALA H 349 -35.93 43.75 -31.23
C ALA H 349 -37.40 43.54 -31.56
N GLU H 350 -37.70 42.63 -32.48
CA GLU H 350 -39.08 42.34 -32.88
C GLU H 350 -39.71 41.21 -32.09
N ARG H 351 -39.00 40.63 -31.12
CA ARG H 351 -39.56 39.60 -30.27
C ARG H 351 -40.34 40.22 -29.11
N ALA H 352 -41.35 39.48 -28.63
CA ALA H 352 -42.15 39.90 -27.49
C ALA H 352 -41.33 39.98 -26.21
N ASP H 353 -41.67 40.95 -25.37
CA ASP H 353 -41.11 41.04 -24.02
C ASP H 353 -42.12 40.51 -23.00
N LEU H 354 -41.84 40.73 -21.72
CA LEU H 354 -42.61 40.10 -20.65
C LEU H 354 -43.97 40.75 -20.46
N LYS H 355 -44.08 42.08 -20.58
CA LYS H 355 -45.37 42.73 -20.41
C LYS H 355 -46.29 42.48 -21.60
N GLN H 356 -45.70 42.43 -22.78
CA GLN H 356 -46.50 42.13 -23.98
C GLN H 356 -47.14 40.75 -23.82
N LEU H 357 -46.41 39.79 -23.25
CA LEU H 357 -46.92 38.44 -23.15
C LEU H 357 -47.99 38.31 -22.05
N MET H 358 -47.87 39.06 -20.94
CA MET H 358 -48.86 38.94 -19.88
C MET H 358 -50.22 39.51 -20.25
N VAL H 359 -50.28 40.32 -21.31
CA VAL H 359 -51.54 40.89 -21.79
C VAL H 359 -51.91 40.31 -23.14
N HIS H 360 -51.19 39.29 -23.59
CA HIS H 360 -51.48 38.58 -24.83
C HIS H 360 -52.77 37.78 -24.69
N ALA H 361 -53.38 37.47 -25.84
CA ALA H 361 -54.67 36.79 -25.85
C ALA H 361 -54.59 35.41 -25.19
N PHE H 362 -53.50 34.68 -25.44
CA PHE H 362 -53.40 33.31 -24.95
C PHE H 362 -53.31 33.26 -23.43
N ILE H 363 -52.71 34.28 -22.82
CA ILE H 363 -52.55 34.30 -21.37
C ILE H 363 -53.83 34.72 -20.66
N LYS H 364 -54.54 35.71 -21.21
CA LYS H 364 -55.78 36.16 -20.57
C LYS H 364 -56.87 35.10 -20.62
N ARG H 365 -56.89 34.28 -21.67
CA ARG H 365 -57.78 33.12 -21.68
C ARG H 365 -57.40 32.14 -20.59
N SER H 366 -56.11 31.81 -20.51
CA SER H 366 -55.66 30.75 -19.63
C SER H 366 -55.74 31.18 -18.17
N ASP H 367 -55.47 32.44 -17.86
CA ASP H 367 -55.61 32.92 -16.49
C ASP H 367 -57.03 32.75 -15.98
N ALA H 368 -58.02 32.82 -16.87
CA ALA H 368 -59.43 32.65 -16.51
C ALA H 368 -59.88 31.19 -16.49
N GLU H 369 -59.32 30.35 -17.35
CA GLU H 369 -59.72 28.95 -17.44
C GLU H 369 -59.41 28.22 -16.13
N GLU H 370 -60.45 27.85 -15.39
CA GLU H 370 -60.22 27.12 -14.14
C GLU H 370 -59.88 25.68 -14.49
N VAL H 371 -58.63 25.28 -14.28
CA VAL H 371 -58.22 23.90 -14.46
C VAL H 371 -57.66 23.35 -13.15
N ASP H 372 -57.85 22.05 -12.93
CA ASP H 372 -57.26 21.32 -11.81
C ASP H 372 -55.88 20.82 -12.23
N PHE H 373 -54.88 21.71 -12.14
CA PHE H 373 -53.53 21.31 -12.50
C PHE H 373 -53.04 20.18 -11.62
N ALA H 374 -53.15 20.34 -10.30
CA ALA H 374 -52.72 19.31 -9.36
C ALA H 374 -53.33 17.96 -9.71
N GLY H 375 -54.61 17.95 -10.05
CA GLY H 375 -55.27 16.70 -10.41
C GLY H 375 -54.70 16.09 -11.68
N TRP H 376 -54.64 16.87 -12.77
CA TRP H 376 -54.18 16.32 -14.04
C TRP H 376 -52.78 15.74 -13.91
N LEU H 377 -51.92 16.40 -13.13
CA LEU H 377 -50.56 15.91 -12.94
C LEU H 377 -50.54 14.61 -12.14
N CYS H 378 -51.25 14.57 -11.01
CA CYS H 378 -51.22 13.38 -10.17
C CYS H 378 -51.86 12.17 -10.85
N SER H 379 -52.72 12.39 -11.84
CA SER H 379 -53.27 11.26 -12.58
C SER H 379 -52.30 10.73 -13.63
N THR H 380 -51.47 11.58 -14.23
CA THR H 380 -50.72 11.20 -15.42
C THR H 380 -49.30 10.75 -15.11
N ILE H 381 -48.85 10.90 -13.87
CA ILE H 381 -47.60 10.32 -13.41
C ILE H 381 -47.83 9.18 -12.43
N GLY H 382 -48.86 9.28 -11.58
CA GLY H 382 -49.09 8.34 -10.52
C GLY H 382 -48.64 8.92 -9.19
O24 324 I . 1.18 0.07 21.74
S22 324 I . -0.22 0.00 21.97
O23 324 I . -0.74 0.28 23.25
C25 324 I . -0.79 -1.63 21.51
C26 324 I . -2.12 -1.95 22.13
C27 324 I . -2.50 -3.40 21.97
N21 324 I . -0.92 1.05 20.96
C17 324 I . -0.97 1.07 19.54
C18 324 I . -1.88 1.90 18.90
F20 324 I . -2.70 2.67 19.65
C16 324 I . -0.10 0.28 18.78
C15 324 I . -0.18 0.31 17.39
C14 324 I . -1.10 1.15 16.81
F19 324 I . -1.16 1.17 15.45
C13 324 I . -1.96 1.95 17.53
C11 324 I . -2.95 2.83 16.85
O12 324 I . -2.81 4.05 16.89
C9 324 I . -4.09 2.24 16.17
C8 324 I . -4.46 0.91 16.20
C2 324 I . -5.06 2.91 15.35
C1 324 I . -5.27 4.21 14.90
C3 324 I . -5.96 1.91 14.93
N7 324 I . -5.57 0.72 15.46
N4 324 I . -7.02 2.11 14.13
C5 324 I . -7.21 3.38 13.73
C6 324 I . -6.36 4.44 14.09
CL10 324 I . -6.70 6.03 13.51
C4 CHU J . 4.28 31.48 12.83
C5 CHU J . 3.71 31.04 14.02
C6 CHU J . 4.24 29.98 14.75
C7 CHU J . 3.56 29.58 15.97
C8 CHU J . 2.42 30.27 16.37
C13 CHU J . 1.65 29.92 17.64
C20 CHU J . 7.94 33.71 9.68
C22 CHU J . 1.91 29.97 20.15
C26 CHU J . 3.22 31.47 18.88
C1 CHU J . 5.42 30.85 12.39
C2 CHU J . 5.97 29.79 13.08
C3 CHU J . 5.39 29.37 14.26
C9 CHU J . 1.91 31.35 15.57
O10 CHU J . 2.57 31.68 14.43
O11 CHU J . 0.93 32.00 15.82
C12 CHU J . 4.12 28.45 16.81
C14 CHU J . 2.25 30.47 18.92
O15 CHU J . 6.08 31.21 11.22
C16 CHU J . 6.79 32.36 11.05
N17 CHU J . 6.94 33.11 12.13
C18 CHU J . 7.63 34.23 11.93
C19 CHU J . 8.15 34.58 10.71
N21 CHU J . 7.24 32.58 9.83
C23 CHU J . 2.48 30.49 21.32
N24 CHU J . 3.39 31.46 21.27
C25 CHU J . 3.74 31.93 20.06
N27 CHU J . 2.11 30.01 22.53
S28 CHU J . 2.26 30.81 23.94
N29 CHU J . 3.81 31.08 24.25
C30 CHU J . 4.62 29.92 24.62
O31 CHU J . 1.79 29.93 24.93
O32 CHU J . 1.65 32.08 23.76
F33 CHU J . 0.99 28.99 20.25
O24 324 K . -17.99 -23.57 17.71
S22 324 K . -18.61 -22.99 18.85
O23 324 K . -18.26 -23.47 20.14
C25 324 K . -18.33 -21.24 18.80
C26 324 K . -18.68 -20.61 17.48
C27 324 K . -18.23 -19.18 17.37
N21 324 K . -20.22 -23.21 18.67
C17 324 K . -21.20 -22.92 19.66
C18 324 K . -21.86 -21.68 19.67
F20 324 K . -21.55 -20.76 18.75
C16 324 K . -21.53 -23.88 20.61
C15 324 K . -22.49 -23.61 21.58
C14 324 K . -23.11 -22.38 21.56
F19 324 K . -24.04 -22.14 22.51
C13 324 K . -22.82 -21.41 20.63
C11 324 K . -23.53 -20.09 20.67
O12 324 K . -24.73 -20.04 20.42
C9 324 K . -22.80 -18.89 21.02
C8 324 K . -23.30 -17.59 21.01
C2 324 K . -21.42 -18.77 21.45
C1 324 K . -20.37 -19.66 21.67
C3 324 K . -21.19 -17.40 21.66
N7 324 K . -22.34 -16.72 21.40
N4 324 K . -20.03 -16.88 22.07
C5 324 K . -19.03 -17.75 22.28
C6 324 K . -19.17 -19.13 22.08
CL10 324 K . -17.83 -20.19 22.38
C4 CHU L . -38.42 -43.04 15.45
C5 CHU L . -37.50 -42.63 14.50
C6 CHU L . -36.13 -42.55 14.74
C7 CHU L . -35.26 -42.10 13.69
C8 CHU L . -35.81 -41.79 12.44
C13 CHU L . -34.97 -41.31 11.28
C20 CHU L . -40.79 -46.45 18.72
C22 CHU L . -33.10 -42.14 9.79
C26 CHU L . -34.68 -43.73 10.58
C1 CHU L . -37.94 -43.38 16.71
C2 CHU L . -36.58 -43.31 17.00
C3 CHU L . -35.70 -42.90 16.03
C9 CHU L . -37.23 -41.88 12.24
O10 CHU L . -38.02 -42.30 13.27
O11 CHU L . -37.81 -41.63 11.20
C12 CHU L . -33.77 -42.00 13.92
C14 CHU L . -34.24 -42.41 10.53
O15 CHU L . -38.76 -43.82 17.75
C16 CHU L . -39.36 -45.04 17.75
N17 CHU L . -39.00 -45.85 16.78
C18 CHU L . -39.60 -47.04 16.79
C19 CHU L . -40.52 -47.40 17.75
N21 CHU L . -40.22 -45.25 18.74
C23 CHU L . -32.43 -43.18 9.10
N24 CHU L . -32.88 -44.44 9.16
C25 CHU L . -33.98 -44.70 9.89
N27 CHU L . -31.33 -42.92 8.35
S28 CHU L . -30.87 -43.78 7.04
N29 CHU L . -30.35 -45.23 7.49
C30 CHU L . -29.06 -45.31 8.16
O31 CHU L . -29.76 -43.10 6.49
O32 CHU L . -32.04 -43.98 6.26
F33 CHU L . -32.64 -40.88 9.70
O24 324 M . 21.12 -3.12 -22.96
S22 324 M . 20.58 -2.67 -21.73
O23 324 M . 20.54 -3.56 -20.63
C25 324 M . 18.94 -2.07 -22.02
C26 324 M . 18.16 -1.84 -20.76
C27 324 M . 16.71 -1.57 -21.04
N21 324 M . 21.47 -1.39 -21.25
C17 324 M . 21.74 -0.20 -21.97
C18 324 M . 22.32 0.88 -21.32
F20 324 M . 22.60 0.79 -20.01
C16 324 M . 21.45 -0.11 -23.33
C15 324 M . 21.72 1.06 -24.03
C14 324 M . 22.28 2.10 -23.35
F19 324 M . 22.54 3.24 -24.04
C13 324 M . 22.59 2.06 -22.00
C11 324 M . 23.20 3.24 -21.32
O12 324 M . 24.36 3.19 -20.93
C9 324 M . 22.39 4.42 -21.10
C8 324 M . 21.02 4.52 -21.29
C2 324 M . 22.81 5.72 -20.64
C1 324 M . 24.02 6.29 -20.26
C3 324 M . 21.66 6.52 -20.58
N7 324 M . 20.60 5.77 -20.99
N4 324 M . 21.62 7.79 -20.20
C5 324 M . 22.80 8.32 -19.85
C6 324 M . 24.00 7.61 -19.87
CL10 324 M . 25.48 8.38 -19.38
C4 CHU N . 53.60 5.00 -17.04
C5 CHU N . 52.72 4.20 -16.33
C6 CHU N . 51.85 3.30 -16.94
C7 CHU N . 50.98 2.51 -16.10
C8 CHU N . 51.05 2.65 -14.72
C13 CHU N . 50.16 1.87 -13.77
C20 CHU N . 57.69 5.75 -20.42
C22 CHU N . 49.79 -0.46 -12.89
C26 CHU N . 51.95 0.08 -13.70
C1 CHU N . 53.59 4.91 -18.42
C2 CHU N . 52.73 4.03 -19.07
C3 CHU N . 51.89 3.24 -18.34
C9 CHU N . 51.96 3.60 -14.13
O10 CHU N . 52.76 4.33 -14.96
O11 CHU N . 52.10 3.81 -12.96
C12 CHU N . 50.01 1.53 -16.73
C14 CHU N . 50.64 0.48 -13.43
O15 CHU N . 54.44 5.67 -19.23
C16 CHU N . 55.71 5.28 -19.50
N17 CHU N . 56.05 4.08 -19.03
C18 CHU N . 57.30 3.73 -19.31
C19 CHU N . 58.17 4.53 -20.01
N21 CHU N . 56.44 6.15 -20.17
C23 CHU N . 50.24 -1.75 -12.59
N24 CHU N . 51.51 -2.11 -12.84
C25 CHU N . 52.33 -1.20 -13.38
N27 CHU N . 49.41 -2.67 -12.03
S28 CHU N . 49.92 -3.98 -11.21
N29 CHU N . 50.66 -4.98 -12.23
C30 CHU N . 49.84 -5.66 -13.22
O31 CHU N . 48.76 -4.66 -10.76
O32 CHU N . 50.89 -3.53 -10.29
F33 CHU N . 48.51 -0.13 -12.61
O24 324 O . -6.14 10.59 -17.78
S22 324 O . -5.19 10.65 -16.73
O23 324 O . -4.71 9.43 -16.15
C25 324 O . -3.79 11.60 -17.27
C26 324 O . -2.61 11.58 -16.33
C27 324 O . -1.74 10.36 -16.47
N21 324 O . -5.89 11.51 -15.53
C17 324 O . -6.24 10.99 -14.26
C18 324 O . -5.42 11.18 -13.16
F20 324 O . -4.26 11.86 -13.31
C16 324 O . -7.43 10.28 -14.11
C15 324 O . -7.79 9.77 -12.87
C14 324 O . -6.95 9.98 -11.82
F19 324 O . -7.31 9.48 -10.61
C13 324 O . -5.77 10.68 -11.91
C11 324 O . -4.87 10.87 -10.74
O12 324 O . -5.26 11.51 -9.77
C9 324 O . -3.54 10.27 -10.76
C8 324 O . -2.47 10.63 -9.96
C2 324 O . -3.07 9.22 -11.61
C1 324 O . -3.62 8.42 -12.61
C3 324 O . -1.73 9.00 -11.26
N7 324 O . -1.39 9.86 -10.27
N4 324 O . -0.93 8.08 -11.82
C5 324 O . -1.48 7.33 -12.79
C6 324 O . -2.80 7.48 -13.20
CL10 324 O . -3.44 6.47 -14.47
C4 CHU P . -28.35 27.51 -8.58
C5 CHU P . -27.59 27.62 -9.73
C6 CHU P . -27.39 26.57 -10.62
C7 CHU P . -26.57 26.78 -11.79
C8 CHU P . -26.02 28.04 -12.00
C13 CHU P . -25.15 28.36 -13.21
C20 CHU P . -32.77 26.70 -5.67
C22 CHU P . -25.23 28.57 -15.71
C26 CHU P . -27.19 29.10 -14.50
C1 CHU P . -28.94 26.30 -8.31
C2 CHU P . -28.76 25.21 -9.16
C3 CHU P . -28.01 25.35 -10.29
C9 CHU P . -26.24 29.11 -11.06
O10 CHU P . -27.02 28.86 -9.96
O11 CHU P . -25.81 30.23 -11.14
C12 CHU P . -26.35 25.66 -12.77
C14 CHU P . -25.87 28.69 -14.50
O15 CHU P . -29.73 26.04 -7.19
C16 CHU P . -30.98 26.54 -6.99
N17 CHU P . -31.45 27.30 -7.97
C18 CHU P . -32.68 27.78 -7.75
C19 CHU P . -33.39 27.51 -6.61
N21 CHU P . -31.55 26.21 -5.86
C23 CHU P . -25.90 28.89 -16.91
N24 CHU P . -27.17 29.29 -16.89
C25 CHU P . -27.79 29.40 -15.70
N27 CHU P . -25.28 28.78 -18.10
S28 CHU P . -25.77 29.54 -19.46
N29 CHU P . -27.21 28.93 -19.87
C30 CHU P . -27.25 27.52 -20.24
O31 CHU P . -24.87 29.17 -20.48
O32 CHU P . -25.97 30.89 -19.13
F33 CHU P . -23.96 28.17 -15.77
PG ANP Q . -28.72 19.43 -18.06
O1G ANP Q . -27.67 18.99 -17.08
O2G ANP Q . -28.95 20.91 -17.88
O3G ANP Q . -28.22 19.18 -19.45
PB ANP Q . -30.99 18.70 -16.41
O1B ANP Q . -31.32 20.12 -16.05
O2B ANP Q . -32.08 17.67 -16.41
N3B ANP Q . -30.11 18.62 -17.79
PA ANP Q . -29.93 18.53 -13.70
O1A ANP Q . -28.81 17.75 -13.09
O2A ANP Q . -29.92 20.01 -13.51
O3A ANP Q . -29.97 18.23 -15.27
O5' ANP Q . -31.33 17.95 -13.21
C5' ANP Q . -31.54 16.52 -13.27
C4' ANP Q . -32.94 16.20 -12.80
O4' ANP Q . -33.02 16.35 -11.37
C3' ANP Q . -34.05 17.13 -13.31
O3' ANP Q . -34.44 16.81 -14.64
C2' ANP Q . -35.16 16.86 -12.30
O2' ANP Q . -35.94 15.75 -12.68
C1' ANP Q . -34.38 16.54 -11.02
N9 ANP Q . -34.46 17.60 -10.02
C8 ANP Q . -33.61 18.67 -9.87
N7 ANP Q . -33.95 19.43 -8.86
C5 ANP Q . -35.09 18.83 -8.33
C6 ANP Q . -35.92 19.16 -7.24
N6 ANP Q . -35.75 20.23 -6.47
N1 ANP Q . -36.96 18.34 -6.98
C2 ANP Q . -37.14 17.27 -7.77
N3 ANP Q . -36.42 16.86 -8.82
C4 ANP Q . -35.40 17.70 -9.04
#